data_6A8D
# 
_entry.id   6A8D 
# 
_audit_conform.dict_name       mmcif_pdbx.dic 
_audit_conform.dict_version    5.380 
_audit_conform.dict_location   http://mmcif.pdb.org/dictionaries/ascii/mmcif_pdbx.dic 
# 
loop_
_database_2.database_id 
_database_2.database_code 
_database_2.pdbx_database_accession 
_database_2.pdbx_DOI 
PDB   6A8D         pdb_00006a8d 10.2210/pdb6a8d/pdb 
WWPDB D_1300007829 ?            ?                   
# 
_pdbx_database_status.status_code                     REL 
_pdbx_database_status.status_code_sf                  REL 
_pdbx_database_status.status_code_mr                  ? 
_pdbx_database_status.entry_id                        6A8D 
_pdbx_database_status.recvd_initial_deposition_date   2018-07-06 
_pdbx_database_status.SG_entry                        N 
_pdbx_database_status.deposit_site                    PDBJ 
_pdbx_database_status.process_site                    PDBJ 
_pdbx_database_status.status_code_cs                  ? 
_pdbx_database_status.methods_development_category    ? 
_pdbx_database_status.pdb_format_compatible           Y 
_pdbx_database_status.status_code_nmr_data            ? 
# 
loop_
_audit_author.name 
_audit_author.pdbx_ordinal 
_audit_author.identifier_ORCID 
'Kumari, S.'   1 0000-0001-9597-9124 
'Goel, M.'     2 0000-0002-5135-3696 
'Kateriya, S.' 3 0000-0001-5428-4297 
'Sharma, P.'   4 ?                   
# 
loop_
_citation.abstract 
_citation.abstract_id_CAS 
_citation.book_id_ISBN 
_citation.book_publisher 
_citation.book_publisher_city 
_citation.book_title 
_citation.coordinate_linkage 
_citation.country 
_citation.database_id_Medline 
_citation.details 
_citation.id 
_citation.journal_abbrev 
_citation.journal_id_ASTM 
_citation.journal_id_CSD 
_citation.journal_id_ISSN 
_citation.journal_full 
_citation.journal_issue 
_citation.journal_volume 
_citation.language 
_citation.page_first 
_citation.page_last 
_citation.title 
_citation.year 
_citation.database_id_CSD 
_citation.pdbx_database_id_DOI 
_citation.pdbx_database_id_PubMed 
_citation.unpublished_flag 
? ? ? ? ? ? ? ? ? ? primary 'To Be Published' ? 0353 ?         ? ? ?  ? ?    ?    
'Crystal structure of Chlamydomonas reinhardtii Arf'                                                   ?    ? ?                 ? 
? 
? ? ? ? ? ? ? ? ? ? 1       'J. Phycol.'      ? ?    1529-8817 ? ? 50 ? 1137 1145 
'Cellular organelles facilitate dimerization of a newly identified Arf from Chlamydomonas reinhardtii' 2014 ? 10.1111/jpy.12245 
26988793 ? 
# 
loop_
_citation_author.citation_id 
_citation_author.name 
_citation_author.ordinal 
_citation_author.identifier_ORCID 
primary 'Kumari, S.'    1 ? 
primary 'Sharma, P.'    2 ? 
primary 'Kateriya, S.'  3 ? 
primary 'Goel, M.'      4 ? 
1       'Ranjan, P.'    5 ? 
1       'Kashyap, R.S.' 6 ? 
1       'Goel, M.'      7 ? 
1       'Veetil, S.K.'  8 ? 
1       'Kateriya, S.'  9 ? 
# 
_cell.angle_alpha                  90.00 
_cell.angle_alpha_esd              ? 
_cell.angle_beta                   90.00 
_cell.angle_beta_esd               ? 
_cell.angle_gamma                  90.00 
_cell.angle_gamma_esd              ? 
_cell.entry_id                     6A8D 
_cell.details                      ? 
_cell.formula_units_Z              ? 
_cell.length_a                     43.818 
_cell.length_a_esd                 ? 
_cell.length_b                     44.244 
_cell.length_b_esd                 ? 
_cell.length_c                     113.481 
_cell.length_c_esd                 ? 
_cell.volume                       ? 
_cell.volume_esd                   ? 
_cell.Z_PDB                        4 
_cell.reciprocal_angle_alpha       ? 
_cell.reciprocal_angle_beta        ? 
_cell.reciprocal_angle_gamma       ? 
_cell.reciprocal_angle_alpha_esd   ? 
_cell.reciprocal_angle_beta_esd    ? 
_cell.reciprocal_angle_gamma_esd   ? 
_cell.reciprocal_length_a          ? 
_cell.reciprocal_length_b          ? 
_cell.reciprocal_length_c          ? 
_cell.reciprocal_length_a_esd      ? 
_cell.reciprocal_length_b_esd      ? 
_cell.reciprocal_length_c_esd      ? 
_cell.pdbx_unique_axis             ? 
# 
_symmetry.entry_id                         6A8D 
_symmetry.cell_setting                     ? 
_symmetry.Int_Tables_number                19 
_symmetry.space_group_name_Hall            ? 
_symmetry.space_group_name_H-M             'P 21 21 21' 
_symmetry.pdbx_full_space_group_name_H-M   ? 
# 
loop_
_entity.id 
_entity.type 
_entity.src_method 
_entity.pdbx_description 
_entity.formula_weight 
_entity.pdbx_number_of_molecules 
_entity.pdbx_ec 
_entity.pdbx_mutation 
_entity.pdbx_fragment 
_entity.details 
1 polymer     man 'ARF/SAR superfamily small monomeric GTP binding protein' 21817.059 1  ? ? ? ? 
2 non-polymer syn "GUANOSINE-5'-DIPHOSPHATE"                                443.201   1  ? ? ? ? 
3 non-polymer syn 'MAGNESIUM ION'                                           24.305    1  ? ? ? ? 
4 non-polymer syn 'SULFATE ION'                                             96.063    1  ? ? ? ? 
5 water       nat water                                                     18.015    46 ? ? ? ? 
# 
_entity_name_com.entity_id   1 
_entity_name_com.name        Arf 
# 
_entity_poly.entity_id                      1 
_entity_poly.type                           'polypeptide(L)' 
_entity_poly.nstd_linkage                   no 
_entity_poly.nstd_monomer                   no 
_entity_poly.pdbx_seq_one_letter_code       
;HHHHHHMGQAFTKLFDRWFGNREMRVVMLGLDAAGKTTILYKLHIGEVLTTVPTIGFNVEKVQYKNVVFTVWDVGGQEKL
RPLWRHYFNNTDGLIFVVDSQDRDRIGKAAQEFQAILQDPLMLHSAILVFANKQDMKGCLTPAEVCTALGLSDMRTRKWH
VQSSVATRGEGLYEGLDWLATTLKNSNAGRPV
;
_entity_poly.pdbx_seq_one_letter_code_can   
;HHHHHHMGQAFTKLFDRWFGNREMRVVMLGLDAAGKTTILYKLHIGEVLTTVPTIGFNVEKVQYKNVVFTVWDVGGQEKL
RPLWRHYFNNTDGLIFVVDSQDRDRIGKAAQEFQAILQDPLMLHSAILVFANKQDMKGCLTPAEVCTALGLSDMRTRKWH
VQSSVATRGEGLYEGLDWLATTLKNSNAGRPV
;
_entity_poly.pdbx_strand_id                 A 
_entity_poly.pdbx_target_identifier         ? 
# 
loop_
_entity_poly_seq.entity_id 
_entity_poly_seq.num 
_entity_poly_seq.mon_id 
_entity_poly_seq.hetero 
1 1   HIS n 
1 2   HIS n 
1 3   HIS n 
1 4   HIS n 
1 5   HIS n 
1 6   HIS n 
1 7   MET n 
1 8   GLY n 
1 9   GLN n 
1 10  ALA n 
1 11  PHE n 
1 12  THR n 
1 13  LYS n 
1 14  LEU n 
1 15  PHE n 
1 16  ASP n 
1 17  ARG n 
1 18  TRP n 
1 19  PHE n 
1 20  GLY n 
1 21  ASN n 
1 22  ARG n 
1 23  GLU n 
1 24  MET n 
1 25  ARG n 
1 26  VAL n 
1 27  VAL n 
1 28  MET n 
1 29  LEU n 
1 30  GLY n 
1 31  LEU n 
1 32  ASP n 
1 33  ALA n 
1 34  ALA n 
1 35  GLY n 
1 36  LYS n 
1 37  THR n 
1 38  THR n 
1 39  ILE n 
1 40  LEU n 
1 41  TYR n 
1 42  LYS n 
1 43  LEU n 
1 44  HIS n 
1 45  ILE n 
1 46  GLY n 
1 47  GLU n 
1 48  VAL n 
1 49  LEU n 
1 50  THR n 
1 51  THR n 
1 52  VAL n 
1 53  PRO n 
1 54  THR n 
1 55  ILE n 
1 56  GLY n 
1 57  PHE n 
1 58  ASN n 
1 59  VAL n 
1 60  GLU n 
1 61  LYS n 
1 62  VAL n 
1 63  GLN n 
1 64  TYR n 
1 65  LYS n 
1 66  ASN n 
1 67  VAL n 
1 68  VAL n 
1 69  PHE n 
1 70  THR n 
1 71  VAL n 
1 72  TRP n 
1 73  ASP n 
1 74  VAL n 
1 75  GLY n 
1 76  GLY n 
1 77  GLN n 
1 78  GLU n 
1 79  LYS n 
1 80  LEU n 
1 81  ARG n 
1 82  PRO n 
1 83  LEU n 
1 84  TRP n 
1 85  ARG n 
1 86  HIS n 
1 87  TYR n 
1 88  PHE n 
1 89  ASN n 
1 90  ASN n 
1 91  THR n 
1 92  ASP n 
1 93  GLY n 
1 94  LEU n 
1 95  ILE n 
1 96  PHE n 
1 97  VAL n 
1 98  VAL n 
1 99  ASP n 
1 100 SER n 
1 101 GLN n 
1 102 ASP n 
1 103 ARG n 
1 104 ASP n 
1 105 ARG n 
1 106 ILE n 
1 107 GLY n 
1 108 LYS n 
1 109 ALA n 
1 110 ALA n 
1 111 GLN n 
1 112 GLU n 
1 113 PHE n 
1 114 GLN n 
1 115 ALA n 
1 116 ILE n 
1 117 LEU n 
1 118 GLN n 
1 119 ASP n 
1 120 PRO n 
1 121 LEU n 
1 122 MET n 
1 123 LEU n 
1 124 HIS n 
1 125 SER n 
1 126 ALA n 
1 127 ILE n 
1 128 LEU n 
1 129 VAL n 
1 130 PHE n 
1 131 ALA n 
1 132 ASN n 
1 133 LYS n 
1 134 GLN n 
1 135 ASP n 
1 136 MET n 
1 137 LYS n 
1 138 GLY n 
1 139 CYS n 
1 140 LEU n 
1 141 THR n 
1 142 PRO n 
1 143 ALA n 
1 144 GLU n 
1 145 VAL n 
1 146 CYS n 
1 147 THR n 
1 148 ALA n 
1 149 LEU n 
1 150 GLY n 
1 151 LEU n 
1 152 SER n 
1 153 ASP n 
1 154 MET n 
1 155 ARG n 
1 156 THR n 
1 157 ARG n 
1 158 LYS n 
1 159 TRP n 
1 160 HIS n 
1 161 VAL n 
1 162 GLN n 
1 163 SER n 
1 164 SER n 
1 165 VAL n 
1 166 ALA n 
1 167 THR n 
1 168 ARG n 
1 169 GLY n 
1 170 GLU n 
1 171 GLY n 
1 172 LEU n 
1 173 TYR n 
1 174 GLU n 
1 175 GLY n 
1 176 LEU n 
1 177 ASP n 
1 178 TRP n 
1 179 LEU n 
1 180 ALA n 
1 181 THR n 
1 182 THR n 
1 183 LEU n 
1 184 LYS n 
1 185 ASN n 
1 186 SER n 
1 187 ASN n 
1 188 ALA n 
1 189 GLY n 
1 190 ARG n 
1 191 PRO n 
1 192 VAL n 
# 
_entity_src_gen.entity_id                          1 
_entity_src_gen.pdbx_src_id                        1 
_entity_src_gen.pdbx_alt_source_flag               sample 
_entity_src_gen.pdbx_seq_type                      'Biological sequence' 
_entity_src_gen.pdbx_beg_seq_num                   1 
_entity_src_gen.pdbx_end_seq_num                   192 
_entity_src_gen.gene_src_common_name               'Chlamydomonas smithii' 
_entity_src_gen.gene_src_genus                     ? 
_entity_src_gen.pdbx_gene_src_gene                 'CGL49, CHLRE_12g487850v5, CHLREDRAFT_78189' 
_entity_src_gen.gene_src_species                   ? 
_entity_src_gen.gene_src_strain                    ? 
_entity_src_gen.gene_src_tissue                    ? 
_entity_src_gen.gene_src_tissue_fraction           ? 
_entity_src_gen.gene_src_details                   ? 
_entity_src_gen.pdbx_gene_src_fragment             ? 
_entity_src_gen.pdbx_gene_src_scientific_name      'Chlamydomonas reinhardtii' 
_entity_src_gen.pdbx_gene_src_ncbi_taxonomy_id     3055 
_entity_src_gen.pdbx_gene_src_variant              ? 
_entity_src_gen.pdbx_gene_src_cell_line            ? 
_entity_src_gen.pdbx_gene_src_atcc                 ? 
_entity_src_gen.pdbx_gene_src_organ                ? 
_entity_src_gen.pdbx_gene_src_organelle            ? 
_entity_src_gen.pdbx_gene_src_cell                 ? 
_entity_src_gen.pdbx_gene_src_cellular_location    ? 
_entity_src_gen.host_org_common_name               ? 
_entity_src_gen.pdbx_host_org_scientific_name      'Escherichia coli BL21 (DE3)' 
_entity_src_gen.pdbx_host_org_ncbi_taxonomy_id     469008 
_entity_src_gen.host_org_genus                     ? 
_entity_src_gen.pdbx_host_org_gene                 ? 
_entity_src_gen.pdbx_host_org_organ                ? 
_entity_src_gen.host_org_species                   ? 
_entity_src_gen.pdbx_host_org_tissue               ? 
_entity_src_gen.pdbx_host_org_tissue_fraction      ? 
_entity_src_gen.pdbx_host_org_strain               'BL21 DE3' 
_entity_src_gen.pdbx_host_org_variant              ? 
_entity_src_gen.pdbx_host_org_cell_line            ? 
_entity_src_gen.pdbx_host_org_atcc                 ? 
_entity_src_gen.pdbx_host_org_culture_collection   ? 
_entity_src_gen.pdbx_host_org_cell                 ? 
_entity_src_gen.pdbx_host_org_organelle            ? 
_entity_src_gen.pdbx_host_org_cellular_location    ? 
_entity_src_gen.pdbx_host_org_vector_type          ? 
_entity_src_gen.pdbx_host_org_vector               ? 
_entity_src_gen.host_org_details                   ? 
_entity_src_gen.expression_system_id               ? 
_entity_src_gen.plasmid_name                       pET21a 
_entity_src_gen.plasmid_details                    ? 
_entity_src_gen.pdbx_description                   ? 
# 
_struct_ref.id                         1 
_struct_ref.db_name                    UNP 
_struct_ref.db_code                    A8ILA3_CHLRE 
_struct_ref.pdbx_db_accession          A8ILA3 
_struct_ref.pdbx_db_isoform            ? 
_struct_ref.entity_id                  1 
_struct_ref.pdbx_seq_one_letter_code   
;MGQAFTKLFDRWFGNREMRVVMLGLDAAGKTTILYKLHIGEVLTTVPTIGFNVEKVQYKNVVFTVWDVGGQEKLRPLWRH
YFNNTDGLIFVVDSQDRDRIGKAAQEFQAILQDPLMLHSAILVFANKQDMKGCLTPAEVCTALGLSDMRTRKWHVQSSVA
TRGEGLYEGLDWLATTLKNSNAGRPV
;
_struct_ref.pdbx_align_begin           1 
# 
_struct_ref_seq.align_id                      1 
_struct_ref_seq.ref_id                        1 
_struct_ref_seq.pdbx_PDB_id_code              6A8D 
_struct_ref_seq.pdbx_strand_id                A 
_struct_ref_seq.seq_align_beg                 7 
_struct_ref_seq.pdbx_seq_align_beg_ins_code   ? 
_struct_ref_seq.seq_align_end                 192 
_struct_ref_seq.pdbx_seq_align_end_ins_code   ? 
_struct_ref_seq.pdbx_db_accession             A8ILA3 
_struct_ref_seq.db_align_beg                  1 
_struct_ref_seq.pdbx_db_align_beg_ins_code    ? 
_struct_ref_seq.db_align_end                  186 
_struct_ref_seq.pdbx_db_align_end_ins_code    ? 
_struct_ref_seq.pdbx_auth_seq_align_beg       1 
_struct_ref_seq.pdbx_auth_seq_align_end       186 
# 
loop_
_struct_ref_seq_dif.align_id 
_struct_ref_seq_dif.pdbx_pdb_id_code 
_struct_ref_seq_dif.mon_id 
_struct_ref_seq_dif.pdbx_pdb_strand_id 
_struct_ref_seq_dif.seq_num 
_struct_ref_seq_dif.pdbx_pdb_ins_code 
_struct_ref_seq_dif.pdbx_seq_db_name 
_struct_ref_seq_dif.pdbx_seq_db_accession_code 
_struct_ref_seq_dif.db_mon_id 
_struct_ref_seq_dif.pdbx_seq_db_seq_num 
_struct_ref_seq_dif.details 
_struct_ref_seq_dif.pdbx_auth_seq_num 
_struct_ref_seq_dif.pdbx_ordinal 
1 6A8D HIS A 1 ? UNP A8ILA3 ? ? 'expression tag' -5 1 
1 6A8D HIS A 2 ? UNP A8ILA3 ? ? 'expression tag' -4 2 
1 6A8D HIS A 3 ? UNP A8ILA3 ? ? 'expression tag' -3 3 
1 6A8D HIS A 4 ? UNP A8ILA3 ? ? 'expression tag' -2 4 
1 6A8D HIS A 5 ? UNP A8ILA3 ? ? 'expression tag' -1 5 
1 6A8D HIS A 6 ? UNP A8ILA3 ? ? 'expression tag' 0  6 
# 
loop_
_chem_comp.id 
_chem_comp.type 
_chem_comp.mon_nstd_flag 
_chem_comp.name 
_chem_comp.pdbx_synonyms 
_chem_comp.formula 
_chem_comp.formula_weight 
ALA 'L-peptide linking' y ALANINE                    ? 'C3 H7 N O2'        89.093  
ARG 'L-peptide linking' y ARGININE                   ? 'C6 H15 N4 O2 1'    175.209 
ASN 'L-peptide linking' y ASPARAGINE                 ? 'C4 H8 N2 O3'       132.118 
ASP 'L-peptide linking' y 'ASPARTIC ACID'            ? 'C4 H7 N O4'        133.103 
CYS 'L-peptide linking' y CYSTEINE                   ? 'C3 H7 N O2 S'      121.158 
GDP 'RNA linking'       n "GUANOSINE-5'-DIPHOSPHATE" ? 'C10 H15 N5 O11 P2' 443.201 
GLN 'L-peptide linking' y GLUTAMINE                  ? 'C5 H10 N2 O3'      146.144 
GLU 'L-peptide linking' y 'GLUTAMIC ACID'            ? 'C5 H9 N O4'        147.129 
GLY 'peptide linking'   y GLYCINE                    ? 'C2 H5 N O2'        75.067  
HIS 'L-peptide linking' y HISTIDINE                  ? 'C6 H10 N3 O2 1'    156.162 
HOH non-polymer         . WATER                      ? 'H2 O'              18.015  
ILE 'L-peptide linking' y ISOLEUCINE                 ? 'C6 H13 N O2'       131.173 
LEU 'L-peptide linking' y LEUCINE                    ? 'C6 H13 N O2'       131.173 
LYS 'L-peptide linking' y LYSINE                     ? 'C6 H15 N2 O2 1'    147.195 
MET 'L-peptide linking' y METHIONINE                 ? 'C5 H11 N O2 S'     149.211 
MG  non-polymer         . 'MAGNESIUM ION'            ? 'Mg 2'              24.305  
PHE 'L-peptide linking' y PHENYLALANINE              ? 'C9 H11 N O2'       165.189 
PRO 'L-peptide linking' y PROLINE                    ? 'C5 H9 N O2'        115.130 
SER 'L-peptide linking' y SERINE                     ? 'C3 H7 N O3'        105.093 
SO4 non-polymer         . 'SULFATE ION'              ? 'O4 S -2'           96.063  
THR 'L-peptide linking' y THREONINE                  ? 'C4 H9 N O3'        119.119 
TRP 'L-peptide linking' y TRYPTOPHAN                 ? 'C11 H12 N2 O2'     204.225 
TYR 'L-peptide linking' y TYROSINE                   ? 'C9 H11 N O3'       181.189 
VAL 'L-peptide linking' y VALINE                     ? 'C5 H11 N O2'       117.146 
# 
_exptl.absorpt_coefficient_mu     ? 
_exptl.absorpt_correction_T_max   ? 
_exptl.absorpt_correction_T_min   ? 
_exptl.absorpt_correction_type    ? 
_exptl.absorpt_process_details    ? 
_exptl.entry_id                   6A8D 
_exptl.crystals_number            1 
_exptl.details                    ? 
_exptl.method                     'X-RAY DIFFRACTION' 
_exptl.method_details             ? 
# 
_exptl_crystal.colour                      ? 
_exptl_crystal.density_diffrn              ? 
_exptl_crystal.density_Matthews            2.63 
_exptl_crystal.density_method              ? 
_exptl_crystal.density_percent_sol         53.23 
_exptl_crystal.description                 'ROD SHAPED CRYSTAL' 
_exptl_crystal.F_000                       ? 
_exptl_crystal.id                          1 
_exptl_crystal.preparation                 ? 
_exptl_crystal.size_max                    ? 
_exptl_crystal.size_mid                    ? 
_exptl_crystal.size_min                    ? 
_exptl_crystal.size_rad                    ? 
_exptl_crystal.colour_lustre               ? 
_exptl_crystal.colour_modifier             ? 
_exptl_crystal.colour_primary              ? 
_exptl_crystal.density_meas                ? 
_exptl_crystal.density_meas_esd            ? 
_exptl_crystal.density_meas_gt             ? 
_exptl_crystal.density_meas_lt             ? 
_exptl_crystal.density_meas_temp           ? 
_exptl_crystal.density_meas_temp_esd       ? 
_exptl_crystal.density_meas_temp_gt        ? 
_exptl_crystal.density_meas_temp_lt        ? 
_exptl_crystal.pdbx_crystal_image_url      ? 
_exptl_crystal.pdbx_crystal_image_format   ? 
_exptl_crystal.pdbx_mosaicity              ? 
_exptl_crystal.pdbx_mosaicity_esd          ? 
# 
_exptl_crystal_grow.apparatus       ? 
_exptl_crystal_grow.atmosphere      ? 
_exptl_crystal_grow.crystal_id      1 
_exptl_crystal_grow.details         ? 
_exptl_crystal_grow.method          'VAPOR DIFFUSION, HANGING DROP' 
_exptl_crystal_grow.method_ref      ? 
_exptl_crystal_grow.pH              8.5 
_exptl_crystal_grow.pressure        ? 
_exptl_crystal_grow.pressure_esd    ? 
_exptl_crystal_grow.seeding         ? 
_exptl_crystal_grow.seeding_ref     ? 
_exptl_crystal_grow.temp            277 
_exptl_crystal_grow.temp_details    ? 
_exptl_crystal_grow.temp_esd        ? 
_exptl_crystal_grow.time            ? 
_exptl_crystal_grow.pdbx_details    '20% PEG8000, 200mM Ammonium Sulphate' 
_exptl_crystal_grow.pdbx_pH_range   8.0-9.0 
# 
_diffrn.ambient_environment    ? 
_diffrn.ambient_temp           100 
_diffrn.ambient_temp_details   'liquid nitrogen' 
_diffrn.ambient_temp_esd       ? 
_diffrn.crystal_id             1 
_diffrn.crystal_support        ? 
_diffrn.crystal_treatment      ? 
_diffrn.details                ? 
_diffrn.id                     1 
_diffrn.ambient_pressure       ? 
_diffrn.ambient_pressure_esd   ? 
_diffrn.ambient_pressure_gt    ? 
_diffrn.ambient_pressure_lt    ? 
_diffrn.ambient_temp_gt        ? 
_diffrn.ambient_temp_lt        ? 
# 
_diffrn_detector.details                      ? 
_diffrn_detector.detector                     'IMAGE PLATE' 
_diffrn_detector.diffrn_id                    1 
_diffrn_detector.type                         'RIGAKU RAXIS IV++' 
_diffrn_detector.area_resol_mean              ? 
_diffrn_detector.dtime                        ? 
_diffrn_detector.pdbx_frames_total            ? 
_diffrn_detector.pdbx_collection_time_total   ? 
_diffrn_detector.pdbx_collection_date         2016-11-22 
# 
_diffrn_radiation.collimation                      ? 
_diffrn_radiation.diffrn_id                        1 
_diffrn_radiation.filter_edge                      ? 
_diffrn_radiation.inhomogeneity                    ? 
_diffrn_radiation.monochromator                    ? 
_diffrn_radiation.polarisn_norm                    ? 
_diffrn_radiation.polarisn_ratio                   ? 
_diffrn_radiation.probe                            ? 
_diffrn_radiation.type                             ? 
_diffrn_radiation.xray_symbol                      ? 
_diffrn_radiation.wavelength_id                    1 
_diffrn_radiation.pdbx_monochromatic_or_laue_m_l   M 
_diffrn_radiation.pdbx_wavelength_list             ? 
_diffrn_radiation.pdbx_wavelength                  ? 
_diffrn_radiation.pdbx_diffrn_protocol             'SINGLE WAVELENGTH' 
_diffrn_radiation.pdbx_analyzer                    ? 
_diffrn_radiation.pdbx_scattering_type             x-ray 
# 
_diffrn_radiation_wavelength.id           1 
_diffrn_radiation_wavelength.wavelength   1.5418 
_diffrn_radiation_wavelength.wt           1.0 
# 
_diffrn_source.current                     ? 
_diffrn_source.details                     ? 
_diffrn_source.diffrn_id                   1 
_diffrn_source.power                       ? 
_diffrn_source.size                        ? 
_diffrn_source.source                      'ROTATING ANODE' 
_diffrn_source.target                      ? 
_diffrn_source.type                        'Cu FINE FOCUS' 
_diffrn_source.voltage                     ? 
_diffrn_source.take-off_angle              ? 
_diffrn_source.pdbx_wavelength_list        1.5418 
_diffrn_source.pdbx_wavelength             ? 
_diffrn_source.pdbx_synchrotron_beamline   ? 
_diffrn_source.pdbx_synchrotron_site       ? 
# 
_reflns.B_iso_Wilson_estimate            ? 
_reflns.entry_id                         6A8D 
_reflns.data_reduction_details           ? 
_reflns.data_reduction_method            ? 
_reflns.d_resolution_high                2.34 
_reflns.d_resolution_low                 56.75 
_reflns.details                          ? 
_reflns.limit_h_max                      ? 
_reflns.limit_h_min                      ? 
_reflns.limit_k_max                      ? 
_reflns.limit_k_min                      ? 
_reflns.limit_l_max                      ? 
_reflns.limit_l_min                      ? 
_reflns.number_all                       ? 
_reflns.number_obs                       9681 
_reflns.observed_criterion               ? 
_reflns.observed_criterion_F_max         ? 
_reflns.observed_criterion_F_min         ? 
_reflns.observed_criterion_I_max         ? 
_reflns.observed_criterion_I_min         ? 
_reflns.observed_criterion_sigma_F       ? 
_reflns.observed_criterion_sigma_I       ? 
_reflns.percent_possible_obs             98.8 
_reflns.R_free_details                   ? 
_reflns.Rmerge_F_all                     ? 
_reflns.Rmerge_F_obs                     ? 
_reflns.Friedel_coverage                 ? 
_reflns.number_gt                        ? 
_reflns.threshold_expression             ? 
_reflns.pdbx_redundancy                  10.7 
_reflns.pdbx_Rmerge_I_obs                ? 
_reflns.pdbx_Rmerge_I_all                ? 
_reflns.pdbx_Rsym_value                  ? 
_reflns.pdbx_netI_over_av_sigmaI         ? 
_reflns.pdbx_netI_over_sigmaI            35.71 
_reflns.pdbx_res_netI_over_av_sigmaI_2   ? 
_reflns.pdbx_res_netI_over_sigmaI_2      ? 
_reflns.pdbx_chi_squared                 1.291 
_reflns.pdbx_scaling_rejects             ? 
_reflns.pdbx_d_res_high_opt              ? 
_reflns.pdbx_d_res_low_opt               ? 
_reflns.pdbx_d_res_opt_method            ? 
_reflns.phase_calculation_details        ? 
_reflns.pdbx_Rrim_I_all                  0.100 
_reflns.pdbx_Rpim_I_all                  0.029 
_reflns.pdbx_d_opt                       ? 
_reflns.pdbx_number_measured_all         ? 
_reflns.pdbx_diffrn_id                   1 
_reflns.pdbx_ordinal                     1 
_reflns.pdbx_CC_half                     ? 
_reflns.pdbx_R_split                     ? 
# 
_reflns_shell.d_res_high                  2.35 
_reflns_shell.d_res_low                   2.43 
_reflns_shell.meanI_over_sigI_all         ? 
_reflns_shell.meanI_over_sigI_obs         2.44 
_reflns_shell.number_measured_all         ? 
_reflns_shell.number_measured_obs         ? 
_reflns_shell.number_possible             ? 
_reflns_shell.number_unique_all           ? 
_reflns_shell.number_unique_obs           ? 
_reflns_shell.percent_possible_all        92.8 
_reflns_shell.percent_possible_obs        ? 
_reflns_shell.Rmerge_F_all                ? 
_reflns_shell.Rmerge_F_obs                ? 
_reflns_shell.Rmerge_I_all                ? 
_reflns_shell.Rmerge_I_obs                ? 
_reflns_shell.meanI_over_sigI_gt          ? 
_reflns_shell.meanI_over_uI_all           ? 
_reflns_shell.meanI_over_uI_gt            ? 
_reflns_shell.number_measured_gt          ? 
_reflns_shell.number_unique_gt            ? 
_reflns_shell.percent_possible_gt         ? 
_reflns_shell.Rmerge_F_gt                 ? 
_reflns_shell.Rmerge_I_gt                 ? 
_reflns_shell.pdbx_redundancy             5.9 
_reflns_shell.pdbx_Rsym_value             ? 
_reflns_shell.pdbx_chi_squared            1.008 
_reflns_shell.pdbx_netI_over_sigmaI_all   ? 
_reflns_shell.pdbx_netI_over_sigmaI_obs   ? 
_reflns_shell.pdbx_Rrim_I_all             0.734 
_reflns_shell.pdbx_Rpim_I_all             0.259 
_reflns_shell.pdbx_rejects                ? 
_reflns_shell.pdbx_ordinal                1 
_reflns_shell.pdbx_diffrn_id              1 
_reflns_shell.pdbx_CC_half                0.887 
_reflns_shell.pdbx_R_split                ? 
# 
_refine.aniso_B[1][1]                            -0.49 
_refine.aniso_B[1][2]                            -0.00 
_refine.aniso_B[1][3]                            0.00 
_refine.aniso_B[2][2]                            4.48 
_refine.aniso_B[2][3]                            0.00 
_refine.aniso_B[3][3]                            -3.99 
_refine.B_iso_max                                ? 
_refine.B_iso_mean                               57.580 
_refine.B_iso_min                                ? 
_refine.correlation_coeff_Fo_to_Fc               0.949 
_refine.correlation_coeff_Fo_to_Fc_free          0.940 
_refine.details                                  'HYDROGENS HAVE BEEN ADDED IN THE RIDING POSITIONS' 
_refine.diff_density_max                         ? 
_refine.diff_density_max_esd                     ? 
_refine.diff_density_min                         ? 
_refine.diff_density_min_esd                     ? 
_refine.diff_density_rms                         ? 
_refine.diff_density_rms_esd                     ? 
_refine.entry_id                                 6A8D 
_refine.pdbx_refine_id                           'X-RAY DIFFRACTION' 
_refine.ls_abs_structure_details                 ? 
_refine.ls_abs_structure_Flack                   ? 
_refine.ls_abs_structure_Flack_esd               ? 
_refine.ls_abs_structure_Rogers                  ? 
_refine.ls_abs_structure_Rogers_esd              ? 
_refine.ls_d_res_high                            2.34 
_refine.ls_d_res_low                             56.74 
_refine.ls_extinction_coef                       ? 
_refine.ls_extinction_coef_esd                   ? 
_refine.ls_extinction_expression                 ? 
_refine.ls_extinction_method                     ? 
_refine.ls_goodness_of_fit_all                   ? 
_refine.ls_goodness_of_fit_all_esd               ? 
_refine.ls_goodness_of_fit_obs                   ? 
_refine.ls_goodness_of_fit_obs_esd               ? 
_refine.ls_hydrogen_treatment                    ? 
_refine.ls_matrix_type                           ? 
_refine.ls_number_constraints                    ? 
_refine.ls_number_parameters                     ? 
_refine.ls_number_reflns_all                     ? 
_refine.ls_number_reflns_obs                     9171 
_refine.ls_number_reflns_R_free                  448 
_refine.ls_number_reflns_R_work                  ? 
_refine.ls_number_restraints                     ? 
_refine.ls_percent_reflns_obs                    98.47 
_refine.ls_percent_reflns_R_free                 4.7 
_refine.ls_R_factor_all                          ? 
_refine.ls_R_factor_obs                          0.22251 
_refine.ls_R_factor_R_free                       0.26563 
_refine.ls_R_factor_R_free_error                 ? 
_refine.ls_R_factor_R_free_error_details         ? 
_refine.ls_R_factor_R_work                       0.22037 
_refine.ls_R_Fsqd_factor_obs                     ? 
_refine.ls_R_I_factor_obs                        ? 
_refine.ls_redundancy_reflns_all                 ? 
_refine.ls_redundancy_reflns_obs                 ? 
_refine.ls_restrained_S_all                      ? 
_refine.ls_restrained_S_obs                      ? 
_refine.ls_shift_over_esd_max                    ? 
_refine.ls_shift_over_esd_mean                   ? 
_refine.ls_structure_factor_coef                 ? 
_refine.ls_weighting_details                     ? 
_refine.ls_weighting_scheme                      ? 
_refine.ls_wR_factor_all                         ? 
_refine.ls_wR_factor_obs                         ? 
_refine.ls_wR_factor_R_free                      ? 
_refine.ls_wR_factor_R_work                      ? 
_refine.occupancy_max                            ? 
_refine.occupancy_min                            ? 
_refine.solvent_model_details                    ? 
_refine.solvent_model_param_bsol                 ? 
_refine.solvent_model_param_ksol                 ? 
_refine.ls_R_factor_gt                           ? 
_refine.ls_goodness_of_fit_gt                    ? 
_refine.ls_goodness_of_fit_ref                   ? 
_refine.ls_shift_over_su_max                     ? 
_refine.ls_shift_over_su_max_lt                  ? 
_refine.ls_shift_over_su_mean                    ? 
_refine.ls_shift_over_su_mean_lt                 ? 
_refine.pdbx_ls_sigma_I                          ? 
_refine.pdbx_ls_sigma_F                          ? 
_refine.pdbx_ls_sigma_Fsqd                       ? 
_refine.pdbx_data_cutoff_high_absF               ? 
_refine.pdbx_data_cutoff_high_rms_absF           ? 
_refine.pdbx_data_cutoff_low_absF                ? 
_refine.pdbx_isotropic_thermal_model             ? 
_refine.pdbx_ls_cross_valid_method               THROUGHOUT 
_refine.pdbx_method_to_determine_struct          'MOLECULAR REPLACEMENT' 
_refine.pdbx_starting_model                      '1HUR, 1RRG, 3AQ4, 5A1U' 
_refine.pdbx_stereochemistry_target_values       ? 
_refine.pdbx_R_Free_selection_details            RANDOM 
_refine.pdbx_stereochem_target_val_spec_case     ? 
_refine.pdbx_overall_ESU_R                       0.363 
_refine.pdbx_overall_ESU_R_Free                  0.257 
_refine.pdbx_solvent_vdw_probe_radii             1.20 
_refine.pdbx_solvent_ion_probe_radii             0.80 
_refine.pdbx_solvent_shrinkage_radii             0.80 
_refine.pdbx_real_space_R                        ? 
_refine.pdbx_density_correlation                 ? 
_refine.pdbx_pd_number_of_powder_patterns        ? 
_refine.pdbx_pd_number_of_points                 ? 
_refine.pdbx_pd_meas_number_of_points            ? 
_refine.pdbx_pd_proc_ls_prof_R_factor            ? 
_refine.pdbx_pd_proc_ls_prof_wR_factor           ? 
_refine.pdbx_pd_Marquardt_correlation_coeff      ? 
_refine.pdbx_pd_Fsqrd_R_factor                   ? 
_refine.pdbx_pd_ls_matrix_band_width             ? 
_refine.pdbx_overall_phase_error                 ? 
_refine.pdbx_overall_SU_R_free_Cruickshank_DPI   ? 
_refine.pdbx_overall_SU_R_free_Blow_DPI          ? 
_refine.pdbx_overall_SU_R_Blow_DPI               ? 
_refine.pdbx_TLS_residual_ADP_flag               ? 
_refine.pdbx_diffrn_id                           1 
_refine.overall_SU_B                             10.438 
_refine.overall_SU_ML                            0.240 
_refine.overall_SU_R_Cruickshank_DPI             ? 
_refine.overall_SU_R_free                        ? 
_refine.overall_FOM_free_R_set                   ? 
_refine.overall_FOM_work_R_set                   ? 
_refine.pdbx_average_fsc_overall                 ? 
_refine.pdbx_average_fsc_work                    ? 
_refine.pdbx_average_fsc_free                    ? 
# 
_refine_hist.pdbx_refine_id                   'X-RAY DIFFRACTION' 
_refine_hist.cycle_id                         1 
_refine_hist.pdbx_number_atoms_protein        1410 
_refine_hist.pdbx_number_atoms_nucleic_acid   0 
_refine_hist.pdbx_number_atoms_ligand         34 
_refine_hist.number_atoms_solvent             46 
_refine_hist.number_atoms_total               1490 
_refine_hist.d_res_high                       2.34 
_refine_hist.d_res_low                        56.74 
# 
loop_
_refine_ls_restr.pdbx_refine_id 
_refine_ls_restr.criterion 
_refine_ls_restr.dev_ideal 
_refine_ls_restr.dev_ideal_target 
_refine_ls_restr.number 
_refine_ls_restr.rejects 
_refine_ls_restr.type 
_refine_ls_restr.weight 
_refine_ls_restr.pdbx_restraint_function 
'X-RAY DIFFRACTION' ? 0.014  0.019  1488 ? r_bond_refined_d             ? ? 
'X-RAY DIFFRACTION' ? 0.002  0.020  1345 ? r_bond_other_d               ? ? 
'X-RAY DIFFRACTION' ? 1.991  1.956  2027 ? r_angle_refined_deg          ? ? 
'X-RAY DIFFRACTION' ? 1.134  3.000  3095 ? r_angle_other_deg            ? ? 
'X-RAY DIFFRACTION' ? 7.887  5.000  182  ? r_dihedral_angle_1_deg       ? ? 
'X-RAY DIFFRACTION' ? 39.664 23.538 65   ? r_dihedral_angle_2_deg       ? ? 
'X-RAY DIFFRACTION' ? 22.190 15.000 239  ? r_dihedral_angle_3_deg       ? ? 
'X-RAY DIFFRACTION' ? 17.912 15.000 9    ? r_dihedral_angle_4_deg       ? ? 
'X-RAY DIFFRACTION' ? 0.129  0.200  227  ? r_chiral_restr               ? ? 
'X-RAY DIFFRACTION' ? 0.007  0.020  1646 ? r_gen_planes_refined         ? ? 
'X-RAY DIFFRACTION' ? 0.002  0.020  323  ? r_gen_planes_other           ? ? 
'X-RAY DIFFRACTION' ? ?      ?      ?    ? r_nbd_refined                ? ? 
'X-RAY DIFFRACTION' ? ?      ?      ?    ? r_nbd_other                  ? ? 
'X-RAY DIFFRACTION' ? ?      ?      ?    ? r_nbtor_refined              ? ? 
'X-RAY DIFFRACTION' ? ?      ?      ?    ? r_nbtor_other                ? ? 
'X-RAY DIFFRACTION' ? ?      ?      ?    ? r_xyhbond_nbd_refined        ? ? 
'X-RAY DIFFRACTION' ? ?      ?      ?    ? r_xyhbond_nbd_other          ? ? 
'X-RAY DIFFRACTION' ? ?      ?      ?    ? r_metal_ion_refined          ? ? 
'X-RAY DIFFRACTION' ? ?      ?      ?    ? r_metal_ion_other            ? ? 
'X-RAY DIFFRACTION' ? ?      ?      ?    ? r_symmetry_vdw_refined       ? ? 
'X-RAY DIFFRACTION' ? ?      ?      ?    ? r_symmetry_vdw_other         ? ? 
'X-RAY DIFFRACTION' ? ?      ?      ?    ? r_symmetry_hbond_refined     ? ? 
'X-RAY DIFFRACTION' ? ?      ?      ?    ? r_symmetry_hbond_other       ? ? 
'X-RAY DIFFRACTION' ? ?      ?      ?    ? r_symmetry_metal_ion_refined ? ? 
'X-RAY DIFFRACTION' ? ?      ?      ?    ? r_symmetry_metal_ion_other   ? ? 
'X-RAY DIFFRACTION' ? 4.792  5.857  728  ? r_mcbond_it                  ? ? 
'X-RAY DIFFRACTION' ? 4.793  5.850  727  ? r_mcbond_other               ? ? 
'X-RAY DIFFRACTION' ? 7.234  8.766  910  ? r_mcangle_it                 ? ? 
'X-RAY DIFFRACTION' ? 7.230  8.773  911  ? r_mcangle_other              ? ? 
'X-RAY DIFFRACTION' ? 4.851  6.144  760  ? r_scbond_it                  ? ? 
'X-RAY DIFFRACTION' ? 4.857  6.148  748  ? r_scbond_other               ? ? 
'X-RAY DIFFRACTION' ? ?      ?      ?    ? r_scangle_it                 ? ? 
'X-RAY DIFFRACTION' ? 7.109  9.081  1099 ? r_scangle_other              ? ? 
'X-RAY DIFFRACTION' ? 9.734  68.003 1722 ? r_long_range_B_refined       ? ? 
'X-RAY DIFFRACTION' ? 9.737  67.873 1702 ? r_long_range_B_other         ? ? 
'X-RAY DIFFRACTION' ? ?      ?      ?    ? r_rigid_bond_restr           ? ? 
'X-RAY DIFFRACTION' ? ?      ?      ?    ? r_sphericity_free            ? ? 
'X-RAY DIFFRACTION' ? ?      ?      ?    ? r_sphericity_bonded          ? ? 
# 
_refine_ls_shell.pdbx_refine_id                   'X-RAY DIFFRACTION' 
_refine_ls_shell.d_res_high                       2.345 
_refine_ls_shell.d_res_low                        2.406 
_refine_ls_shell.number_reflns_all                ? 
_refine_ls_shell.number_reflns_obs                ? 
_refine_ls_shell.number_reflns_R_free             35 
_refine_ls_shell.number_reflns_R_work             598 
_refine_ls_shell.percent_reflns_obs               90.04 
_refine_ls_shell.percent_reflns_R_free            ? 
_refine_ls_shell.R_factor_all                     ? 
_refine_ls_shell.R_factor_obs                     ? 
_refine_ls_shell.R_factor_R_free                  0.391 
_refine_ls_shell.R_factor_R_free_error            ? 
_refine_ls_shell.R_factor_R_work                  0.322 
_refine_ls_shell.redundancy_reflns_all            ? 
_refine_ls_shell.redundancy_reflns_obs            ? 
_refine_ls_shell.wR_factor_all                    ? 
_refine_ls_shell.wR_factor_obs                    ? 
_refine_ls_shell.wR_factor_R_free                 ? 
_refine_ls_shell.wR_factor_R_work                 ? 
_refine_ls_shell.pdbx_total_number_of_bins_used   20 
_refine_ls_shell.pdbx_phase_error                 ? 
_refine_ls_shell.pdbx_fsc_work                    ? 
_refine_ls_shell.pdbx_fsc_free                    ? 
# 
_struct.entry_id                     6A8D 
_struct.title                        'Crystal Structure of Chlamydomonas reinhardtii ARF' 
_struct.pdbx_model_details           ? 
_struct.pdbx_formula_weight          ? 
_struct.pdbx_formula_weight_method   ? 
_struct.pdbx_model_type_details      ? 
_struct.pdbx_CASP_flag               N 
# 
_struct_keywords.entry_id        6A8D 
_struct_keywords.text            'Chlamydomonas reinhardtii, ARF, ADP-ribosylation factor, PROTEIN TRANSPORT' 
_struct_keywords.pdbx_keywords   'PROTEIN TRANSPORT' 
# 
loop_
_struct_asym.id 
_struct_asym.pdbx_blank_PDB_chainid_flag 
_struct_asym.pdbx_modified 
_struct_asym.entity_id 
_struct_asym.details 
A N N 1 ? 
B N N 2 ? 
C N N 3 ? 
D N N 4 ? 
E N N 5 ? 
# 
loop_
_struct_conf.conf_type_id 
_struct_conf.id 
_struct_conf.pdbx_PDB_helix_id 
_struct_conf.beg_label_comp_id 
_struct_conf.beg_label_asym_id 
_struct_conf.beg_label_seq_id 
_struct_conf.pdbx_beg_PDB_ins_code 
_struct_conf.end_label_comp_id 
_struct_conf.end_label_asym_id 
_struct_conf.end_label_seq_id 
_struct_conf.pdbx_end_PDB_ins_code 
_struct_conf.beg_auth_comp_id 
_struct_conf.beg_auth_asym_id 
_struct_conf.beg_auth_seq_id 
_struct_conf.end_auth_comp_id 
_struct_conf.end_auth_asym_id 
_struct_conf.end_auth_seq_id 
_struct_conf.pdbx_PDB_helix_class 
_struct_conf.details 
_struct_conf.pdbx_PDB_helix_length 
HELX_P HELX_P1 AA1 ALA A 10  ? PHE A 19  ? ALA A 4   PHE A 13  1 ? 10 
HELX_P HELX_P2 AA2 GLY A 35  ? HIS A 44  ? GLY A 29  HIS A 38  1 ? 10 
HELX_P HELX_P3 AA3 LEU A 80  ? HIS A 86  ? LEU A 74  HIS A 80  1 ? 7  
HELX_P HELX_P4 AA4 TYR A 87  ? ASN A 89  ? TYR A 81  ASN A 83  5 ? 3  
HELX_P HELX_P5 AA5 ARG A 105 ? GLN A 118 ? ARG A 99  GLN A 112 1 ? 14 
HELX_P HELX_P6 AA6 ASP A 119 ? LEU A 123 ? ASP A 113 LEU A 117 5 ? 5  
HELX_P HELX_P7 AA7 THR A 141 ? GLY A 150 ? THR A 135 GLY A 144 1 ? 10 
HELX_P HELX_P8 AA8 VAL A 165 ? GLY A 169 ? VAL A 159 GLY A 163 5 ? 5  
HELX_P HELX_P9 AA9 GLY A 171 ? ASN A 185 ? GLY A 165 ASN A 179 1 ? 15 
# 
_struct_conf_type.id          HELX_P 
_struct_conf_type.criteria    ? 
_struct_conf_type.reference   ? 
# 
loop_
_struct_conn.id 
_struct_conn.conn_type_id 
_struct_conn.pdbx_leaving_atom_flag 
_struct_conn.pdbx_PDB_id 
_struct_conn.ptnr1_label_asym_id 
_struct_conn.ptnr1_label_comp_id 
_struct_conn.ptnr1_label_seq_id 
_struct_conn.ptnr1_label_atom_id 
_struct_conn.pdbx_ptnr1_label_alt_id 
_struct_conn.pdbx_ptnr1_PDB_ins_code 
_struct_conn.pdbx_ptnr1_standard_comp_id 
_struct_conn.ptnr1_symmetry 
_struct_conn.ptnr2_label_asym_id 
_struct_conn.ptnr2_label_comp_id 
_struct_conn.ptnr2_label_seq_id 
_struct_conn.ptnr2_label_atom_id 
_struct_conn.pdbx_ptnr2_label_alt_id 
_struct_conn.pdbx_ptnr2_PDB_ins_code 
_struct_conn.ptnr1_auth_asym_id 
_struct_conn.ptnr1_auth_comp_id 
_struct_conn.ptnr1_auth_seq_id 
_struct_conn.ptnr2_auth_asym_id 
_struct_conn.ptnr2_auth_comp_id 
_struct_conn.ptnr2_auth_seq_id 
_struct_conn.ptnr2_symmetry 
_struct_conn.pdbx_ptnr3_label_atom_id 
_struct_conn.pdbx_ptnr3_label_seq_id 
_struct_conn.pdbx_ptnr3_label_comp_id 
_struct_conn.pdbx_ptnr3_label_asym_id 
_struct_conn.pdbx_ptnr3_label_alt_id 
_struct_conn.pdbx_ptnr3_PDB_ins_code 
_struct_conn.details 
_struct_conn.pdbx_dist_value 
_struct_conn.pdbx_value_order 
_struct_conn.pdbx_role 
metalc1 metalc ? ? A THR 37 OG1 ? ? ? 1_555 C MG  . MG ? ? A THR 31  A MG  202 1_555 ? ? ? ? ? ? ? 2.418 ? ? 
metalc2 metalc ? ? B GDP .  O1B ? ? ? 1_555 C MG  . MG ? ? A GDP 201 A MG  202 1_555 ? ? ? ? ? ? ? 2.162 ? ? 
metalc3 metalc ? ? C MG  .  MG  ? ? ? 1_555 E HOH . O  ? ? A MG  202 A HOH 302 1_555 ? ? ? ? ? ? ? 2.099 ? ? 
metalc4 metalc ? ? C MG  .  MG  ? ? ? 1_555 E HOH . O  ? ? A MG  202 A HOH 304 1_555 ? ? ? ? ? ? ? 2.478 ? ? 
metalc5 metalc ? ? C MG  .  MG  ? ? ? 1_555 E HOH . O  ? ? A MG  202 A HOH 306 1_555 ? ? ? ? ? ? ? 1.868 ? ? 
metalc6 metalc ? ? C MG  .  MG  ? ? ? 1_555 E HOH . O  ? ? A MG  202 A HOH 341 1_555 ? ? ? ? ? ? ? 2.190 ? ? 
# 
_struct_conn_type.id          metalc 
_struct_conn_type.criteria    ? 
_struct_conn_type.reference   ? 
# 
_struct_sheet.id               AA1 
_struct_sheet.type             ? 
_struct_sheet.number_strands   7 
_struct_sheet.details          ? 
# 
loop_
_struct_sheet_order.sheet_id 
_struct_sheet_order.range_id_1 
_struct_sheet_order.range_id_2 
_struct_sheet_order.offset 
_struct_sheet_order.sense 
AA1 1 2 ? anti-parallel 
AA1 2 3 ? anti-parallel 
AA1 3 4 ? parallel      
AA1 4 5 ? parallel      
AA1 5 6 ? parallel      
AA1 6 7 ? parallel      
# 
loop_
_struct_sheet_range.sheet_id 
_struct_sheet_range.id 
_struct_sheet_range.beg_label_comp_id 
_struct_sheet_range.beg_label_asym_id 
_struct_sheet_range.beg_label_seq_id 
_struct_sheet_range.pdbx_beg_PDB_ins_code 
_struct_sheet_range.end_label_comp_id 
_struct_sheet_range.end_label_asym_id 
_struct_sheet_range.end_label_seq_id 
_struct_sheet_range.pdbx_end_PDB_ins_code 
_struct_sheet_range.beg_auth_comp_id 
_struct_sheet_range.beg_auth_asym_id 
_struct_sheet_range.beg_auth_seq_id 
_struct_sheet_range.end_auth_comp_id 
_struct_sheet_range.end_auth_asym_id 
_struct_sheet_range.end_auth_seq_id 
AA1 1 LEU A 49  ? THR A 51  ? LEU A 43  THR A 45  
AA1 2 VAL A 59  ? TYR A 64  ? VAL A 53  TYR A 58  
AA1 3 VAL A 67  ? ASP A 73  ? VAL A 61  ASP A 67  
AA1 4 MET A 24  ? GLY A 30  ? MET A 18  GLY A 24  
AA1 5 GLY A 93  ? ASP A 99  ? GLY A 87  ASP A 93  
AA1 6 ALA A 126 ? ASN A 132 ? ALA A 120 ASN A 126 
AA1 7 TRP A 159 ? SER A 163 ? TRP A 153 SER A 157 
# 
loop_
_pdbx_struct_sheet_hbond.sheet_id 
_pdbx_struct_sheet_hbond.range_id_1 
_pdbx_struct_sheet_hbond.range_id_2 
_pdbx_struct_sheet_hbond.range_1_label_atom_id 
_pdbx_struct_sheet_hbond.range_1_label_comp_id 
_pdbx_struct_sheet_hbond.range_1_label_asym_id 
_pdbx_struct_sheet_hbond.range_1_label_seq_id 
_pdbx_struct_sheet_hbond.range_1_PDB_ins_code 
_pdbx_struct_sheet_hbond.range_1_auth_atom_id 
_pdbx_struct_sheet_hbond.range_1_auth_comp_id 
_pdbx_struct_sheet_hbond.range_1_auth_asym_id 
_pdbx_struct_sheet_hbond.range_1_auth_seq_id 
_pdbx_struct_sheet_hbond.range_2_label_atom_id 
_pdbx_struct_sheet_hbond.range_2_label_comp_id 
_pdbx_struct_sheet_hbond.range_2_label_asym_id 
_pdbx_struct_sheet_hbond.range_2_label_seq_id 
_pdbx_struct_sheet_hbond.range_2_PDB_ins_code 
_pdbx_struct_sheet_hbond.range_2_auth_atom_id 
_pdbx_struct_sheet_hbond.range_2_auth_comp_id 
_pdbx_struct_sheet_hbond.range_2_auth_asym_id 
_pdbx_struct_sheet_hbond.range_2_auth_seq_id 
AA1 1 2 N THR A 51  ? N THR A 45  O VAL A 59  ? O VAL A 53  
AA1 2 3 N TYR A 64  ? N TYR A 58  O VAL A 67  ? O VAL A 61  
AA1 3 4 O VAL A 68  ? O VAL A 62  N VAL A 26  ? N VAL A 20  
AA1 4 5 N VAL A 27  ? N VAL A 21  O ILE A 95  ? O ILE A 89  
AA1 5 6 N VAL A 98  ? N VAL A 92  O PHE A 130 ? O PHE A 124 
AA1 6 7 N VAL A 129 ? N VAL A 123 O GLN A 162 ? O GLN A 156 
# 
loop_
_struct_site.id 
_struct_site.pdbx_evidence_code 
_struct_site.pdbx_auth_asym_id 
_struct_site.pdbx_auth_comp_id 
_struct_site.pdbx_auth_seq_id 
_struct_site.pdbx_auth_ins_code 
_struct_site.pdbx_num_residues 
_struct_site.details 
AC1 Software A GDP 201 ? 21 'binding site for residue GDP A 201' 
AC2 Software A MG  202 ? 6  'binding site for residue MG A 202'  
AC3 Software A SO4 203 ? 4  'binding site for residue SO4 A 203' 
# 
loop_
_struct_site_gen.id 
_struct_site_gen.site_id 
_struct_site_gen.pdbx_num_res 
_struct_site_gen.label_comp_id 
_struct_site_gen.label_asym_id 
_struct_site_gen.label_seq_id 
_struct_site_gen.pdbx_auth_ins_code 
_struct_site_gen.auth_comp_id 
_struct_site_gen.auth_asym_id 
_struct_site_gen.auth_seq_id 
_struct_site_gen.label_atom_id 
_struct_site_gen.label_alt_id 
_struct_site_gen.symmetry 
_struct_site_gen.details 
1  AC1 21 ASP A 32  ? ASP A 26  . ? 1_555 ? 
2  AC1 21 ALA A 33  ? ALA A 27  . ? 1_555 ? 
3  AC1 21 ALA A 34  ? ALA A 28  . ? 1_555 ? 
4  AC1 21 GLY A 35  ? GLY A 29  . ? 1_555 ? 
5  AC1 21 LYS A 36  ? LYS A 30  . ? 1_555 ? 
6  AC1 21 THR A 37  ? THR A 31  . ? 1_555 ? 
7  AC1 21 THR A 38  ? THR A 32  . ? 1_555 ? 
8  AC1 21 ASN A 132 ? ASN A 126 . ? 1_555 ? 
9  AC1 21 LYS A 133 ? LYS A 127 . ? 1_555 ? 
10 AC1 21 ASP A 135 ? ASP A 129 . ? 1_555 ? 
11 AC1 21 MET A 136 ? MET A 130 . ? 1_555 ? 
12 AC1 21 VAL A 165 ? VAL A 159 . ? 1_555 ? 
13 AC1 21 ALA A 166 ? ALA A 160 . ? 1_555 ? 
14 AC1 21 THR A 167 ? THR A 161 . ? 1_555 ? 
15 AC1 21 MG  C .   ? MG  A 202 . ? 1_555 ? 
16 AC1 21 HOH E .   ? HOH A 301 . ? 1_555 ? 
17 AC1 21 HOH E .   ? HOH A 302 . ? 1_555 ? 
18 AC1 21 HOH E .   ? HOH A 303 . ? 1_555 ? 
19 AC1 21 HOH E .   ? HOH A 304 . ? 1_555 ? 
20 AC1 21 HOH E .   ? HOH A 306 . ? 1_555 ? 
21 AC1 21 HOH E .   ? HOH A 334 . ? 1_555 ? 
22 AC2 6  THR A 37  ? THR A 31  . ? 1_555 ? 
23 AC2 6  GDP B .   ? GDP A 201 . ? 1_555 ? 
24 AC2 6  HOH E .   ? HOH A 302 . ? 1_555 ? 
25 AC2 6  HOH E .   ? HOH A 304 . ? 1_555 ? 
26 AC2 6  HOH E .   ? HOH A 306 . ? 1_555 ? 
27 AC2 6  HOH E .   ? HOH A 341 . ? 1_555 ? 
28 AC3 4  LYS A 42  ? LYS A 36  . ? 3_554 ? 
29 AC3 4  HIS A 44  ? HIS A 38  . ? 3_554 ? 
30 AC3 4  THR A 181 ? THR A 175 . ? 1_555 ? 
31 AC3 4  LYS A 184 ? LYS A 178 . ? 1_555 ? 
# 
_atom_sites.entry_id                    6A8D 
_atom_sites.fract_transf_matrix[1][1]   0.00317856 
_atom_sites.fract_transf_matrix[1][2]   0.02259546 
_atom_sites.fract_transf_matrix[1][3]   -0.00043070 
_atom_sites.fract_transf_matrix[2][1]   -0.02234194 
_atom_sites.fract_transf_matrix[2][2]   0.00316742 
_atom_sites.fract_transf_matrix[2][3]   0.00128663 
_atom_sites.fract_transf_matrix[3][1]   0.00051995 
_atom_sites.fract_transf_matrix[3][2]   0.00009452 
_atom_sites.fract_transf_matrix[3][3]   0.00879614 
_atom_sites.fract_transf_vector[1]      -0.015707 
_atom_sites.fract_transf_vector[2]      -0.363297 
_atom_sites.fract_transf_vector[3]      -0.128669 
# 
loop_
_atom_type.symbol 
C  
MG 
N  
O  
P  
S  
# 
loop_
_atom_site.group_PDB 
_atom_site.id 
_atom_site.type_symbol 
_atom_site.label_atom_id 
_atom_site.label_alt_id 
_atom_site.label_comp_id 
_atom_site.label_asym_id 
_atom_site.label_entity_id 
_atom_site.label_seq_id 
_atom_site.pdbx_PDB_ins_code 
_atom_site.Cartn_x 
_atom_site.Cartn_y 
_atom_site.Cartn_z 
_atom_site.occupancy 
_atom_site.B_iso_or_equiv 
_atom_site.pdbx_formal_charge 
_atom_site.auth_seq_id 
_atom_site.auth_comp_id 
_atom_site.auth_asym_id 
_atom_site.auth_atom_id 
_atom_site.pdbx_PDB_model_num 
ATOM   1    N  N     . HIS A 1 5   ? -7.719  -11.299 -27.601 1.00 90.93  ? -1  HIS A N     1 
ATOM   2    C  CA    . HIS A 1 5   ? -6.965  -10.291 -28.424 1.00 90.96  ? -1  HIS A CA    1 
ATOM   3    C  C     . HIS A 1 5   ? -6.785  -8.907  -27.779 1.00 85.69  ? -1  HIS A C     1 
ATOM   4    O  O     . HIS A 1 5   ? -5.844  -8.164  -28.102 1.00 74.76  ? -1  HIS A O     1 
ATOM   5    C  CB    . HIS A 1 5   ? -7.592  -10.165 -29.817 1.00 89.36  ? -1  HIS A CB    1 
ATOM   6    C  CG    . HIS A 1 5   ? -6.856  -10.954 -30.857 1.00 105.71 ? -1  HIS A CG    1 
ATOM   7    N  ND1   . HIS A 1 5   ? -6.867  -12.334 -30.891 1.00 105.46 ? -1  HIS A ND1   1 
ATOM   8    C  CD2   . HIS A 1 5   ? -6.047  -10.561 -31.871 1.00 106.96 ? -1  HIS A CD2   1 
ATOM   9    C  CE1   . HIS A 1 5   ? -6.122  -12.753 -31.898 1.00 100.67 ? -1  HIS A CE1   1 
ATOM   10   N  NE2   . HIS A 1 5   ? -5.617  -11.697 -32.511 1.00 99.46  ? -1  HIS A NE2   1 
ATOM   11   N  N     . HIS A 1 6   ? -7.705  -8.568  -26.884 1.00 81.68  ? 0   HIS A N     1 
ATOM   12   C  CA    . HIS A 1 6   ? -7.665  -7.323  -26.134 1.00 81.46  ? 0   HIS A CA    1 
ATOM   13   C  C     . HIS A 1 6   ? -6.497  -7.322  -25.152 1.00 88.91  ? 0   HIS A C     1 
ATOM   14   O  O     . HIS A 1 6   ? -6.160  -8.373  -24.604 1.00 88.76  ? 0   HIS A O     1 
ATOM   15   C  CB    . HIS A 1 6   ? -8.993  -7.130  -25.399 1.00 73.01  ? 0   HIS A CB    1 
ATOM   16   C  CG    . HIS A 1 6   ? -10.126 -6.783  -26.306 1.00 70.45  ? 0   HIS A CG    1 
ATOM   17   N  ND1   . HIS A 1 6   ? -10.951 -7.737  -26.866 1.00 71.97  ? 0   HIS A ND1   1 
ATOM   18   C  CD2   . HIS A 1 6   ? -10.555 -5.587  -26.773 1.00 67.06  ? 0   HIS A CD2   1 
ATOM   19   C  CE1   . HIS A 1 6   ? -11.848 -7.141  -27.632 1.00 74.13  ? 0   HIS A CE1   1 
ATOM   20   N  NE2   . HIS A 1 6   ? -11.628 -5.838  -27.591 1.00 74.86  ? 0   HIS A NE2   1 
ATOM   21   N  N     . MET A 1 7   ? -5.905  -6.141  -24.933 1.00 93.66  ? 1   MET A N     1 
ATOM   22   C  CA    . MET A 1 7   ? -4.666  -5.971  -24.142 1.00 90.32  ? 1   MET A CA    1 
ATOM   23   C  C     . MET A 1 7   ? -4.795  -4.848  -23.105 1.00 79.78  ? 1   MET A C     1 
ATOM   24   O  O     . MET A 1 7   ? -5.324  -3.780  -23.408 1.00 68.08  ? 1   MET A O     1 
ATOM   25   C  CB    . MET A 1 7   ? -3.503  -5.614  -25.081 1.00 96.36  ? 1   MET A CB    1 
ATOM   26   C  CG    . MET A 1 7   ? -2.175  -6.247  -24.718 1.00 102.60 ? 1   MET A CG    1 
ATOM   27   S  SD    . MET A 1 7   ? -1.881  -7.762  -25.659 1.00 110.35 ? 1   MET A SD    1 
ATOM   28   C  CE    . MET A 1 7   ? -2.933  -8.968  -24.850 1.00 98.92  ? 1   MET A CE    1 
ATOM   29   N  N     . GLY A 1 8   ? -4.265  -5.075  -21.903 1.00 74.32  ? 2   GLY A N     1 
ATOM   30   C  CA    . GLY A 1 8   ? -4.114  -4.012  -20.898 1.00 66.81  ? 2   GLY A CA    1 
ATOM   31   C  C     . GLY A 1 8   ? -3.247  -2.850  -21.376 1.00 66.54  ? 2   GLY A C     1 
ATOM   32   O  O     . GLY A 1 8   ? -2.462  -2.974  -22.328 1.00 65.45  ? 2   GLY A O     1 
ATOM   33   N  N     . GLN A 1 9   ? -3.410  -1.698  -20.746 1.00 60.56  ? 3   GLN A N     1 
ATOM   34   C  CA    . GLN A 1 9   ? -2.451  -0.619  -20.942 1.00 58.94  ? 3   GLN A CA    1 
ATOM   35   C  C     . GLN A 1 9   ? -1.346  -0.712  -19.901 1.00 52.47  ? 3   GLN A C     1 
ATOM   36   O  O     . GLN A 1 9   ? -1.509  -1.290  -18.816 1.00 48.90  ? 3   GLN A O     1 
ATOM   37   C  CB    . GLN A 1 9   ? -3.120  0.728   -20.786 1.00 68.99  ? 3   GLN A CB    1 
ATOM   38   C  CG    . GLN A 1 9   ? -4.291  0.965   -21.717 1.00 77.39  ? 3   GLN A CG    1 
ATOM   39   C  CD    . GLN A 1 9   ? -5.314  1.853   -21.064 1.00 76.35  ? 3   GLN A CD    1 
ATOM   40   O  OE1   . GLN A 1 9   ? -6.414  1.399   -20.706 1.00 86.78  ? 3   GLN A OE1   1 
ATOM   41   N  NE2   . GLN A 1 9   ? -4.939  3.121   -20.843 1.00 69.45  ? 3   GLN A NE2   1 
ATOM   42   N  N     . ALA A 1 10  ? -0.228  -0.105  -20.244 1.00 50.12  ? 4   ALA A N     1 
ATOM   43   C  CA    . ALA A 1 10  ? 0.885   0.119   -19.327 1.00 56.76  ? 4   ALA A CA    1 
ATOM   44   C  C     . ALA A 1 10  ? 0.515   1.101   -18.211 1.00 55.34  ? 4   ALA A C     1 
ATOM   45   O  O     . ALA A 1 10  ? -0.120  2.134   -18.464 1.00 53.63  ? 4   ALA A O     1 
ATOM   46   C  CB    . ALA A 1 10  ? 2.083   0.673   -20.089 1.00 56.10  ? 4   ALA A CB    1 
ATOM   47   N  N     . PHE A 1 11  ? 0.954   0.804   -16.989 1.00 49.54  ? 5   PHE A N     1 
ATOM   48   C  CA    . PHE A 1 11  ? 0.600   1.649   -15.849 1.00 49.10  ? 5   PHE A CA    1 
ATOM   49   C  C     . PHE A 1 11  ? 1.116   3.046   -16.037 1.00 48.29  ? 5   PHE A C     1 
ATOM   50   O  O     . PHE A 1 11  ? 0.530   3.992   -15.517 1.00 55.20  ? 5   PHE A O     1 
ATOM   51   C  CB    . PHE A 1 11  ? 1.125   1.119   -14.527 1.00 47.01  ? 5   PHE A CB    1 
ATOM   52   C  CG    . PHE A 1 11  ? 0.411   -0.099  -14.020 1.00 44.19  ? 5   PHE A CG    1 
ATOM   53   C  CD1   . PHE A 1 11  ? -0.784  0.017   -13.394 1.00 44.47  ? 5   PHE A CD1   1 
ATOM   54   C  CD2   . PHE A 1 11  ? 0.977   -1.349  -14.148 1.00 43.59  ? 5   PHE A CD2   1 
ATOM   55   C  CE1   . PHE A 1 11  ? -1.432  -1.090  -12.893 1.00 42.09  ? 5   PHE A CE1   1 
ATOM   56   C  CE2   . PHE A 1 11  ? 0.356   -2.458  -13.654 1.00 45.55  ? 5   PHE A CE2   1 
ATOM   57   C  CZ    . PHE A 1 11  ? -0.871  -2.333  -13.039 1.00 46.19  ? 5   PHE A CZ    1 
ATOM   58   N  N     . THR A 1 12  ? 2.249   3.159   -16.716 1.00 51.74  ? 6   THR A N     1 
ATOM   59   C  CA    . THR A 1 12  ? 2.804   4.437   -17.216 1.00 52.28  ? 6   THR A CA    1 
ATOM   60   C  C     . THR A 1 12  ? 1.747   5.352   -17.860 1.00 52.94  ? 6   THR A C     1 
ATOM   61   O  O     . THR A 1 12  ? 1.669   6.532   -17.530 1.00 55.86  ? 6   THR A O     1 
ATOM   62   C  CB    . THR A 1 12  ? 4.012   4.109   -18.153 1.00 57.82  ? 6   THR A CB    1 
ATOM   63   O  OG1   . THR A 1 12  ? 5.231   4.319   -17.420 1.00 52.49  ? 6   THR A OG1   1 
ATOM   64   C  CG2   . THR A 1 12  ? 4.025   4.888   -19.454 1.00 62.93  ? 6   THR A CG2   1 
ATOM   65   N  N     . LYS A 1 13  ? 0.916   4.782   -18.732 1.00 49.07  ? 7   LYS A N     1 
ATOM   66   C  CA    . LYS A 1 13  ? -0.149  5.502   -19.412 1.00 51.92  ? 7   LYS A CA    1 
ATOM   67   C  C     . LYS A 1 13  ? -1.332  5.695   -18.456 1.00 55.45  ? 7   LYS A C     1 
ATOM   68   O  O     . LYS A 1 13  ? -1.925  6.786   -18.386 1.00 59.49  ? 7   LYS A O     1 
ATOM   69   C  CB    . LYS A 1 13  ? -0.563  4.770   -20.717 1.00 49.39  ? 7   LYS A CB    1 
ATOM   70   N  N     . LEU A 1 14  ? -1.668  4.640   -17.712 1.00 52.17  ? 8   LEU A N     1 
ATOM   71   C  CA    . LEU A 1 14  ? -2.623  4.749   -16.600 1.00 44.98  ? 8   LEU A CA    1 
ATOM   72   C  C     . LEU A 1 14  ? -2.306  5.859   -15.581 1.00 44.36  ? 8   LEU A C     1 
ATOM   73   O  O     . LEU A 1 14  ? -3.202  6.591   -15.170 1.00 42.16  ? 8   LEU A O     1 
ATOM   74   C  CB    . LEU A 1 14  ? -2.761  3.397   -15.908 1.00 48.39  ? 8   LEU A CB    1 
ATOM   75   C  CG    . LEU A 1 14  ? -3.870  2.419   -16.396 1.00 49.90  ? 8   LEU A CG    1 
ATOM   76   C  CD1   . LEU A 1 14  ? -4.404  2.717   -17.778 1.00 49.15  ? 8   LEU A CD1   1 
ATOM   77   C  CD2   . LEU A 1 14  ? -3.427  0.966   -16.307 1.00 50.48  ? 8   LEU A CD2   1 
ATOM   78   N  N     . PHE A 1 15  ? -1.043  5.999   -15.199 1.00 42.64  ? 9   PHE A N     1 
ATOM   79   C  CA    . PHE A 1 15  ? -0.634  7.054   -14.290 1.00 46.23  ? 9   PHE A CA    1 
ATOM   80   C  C     . PHE A 1 15  ? -0.728  8.401   -14.961 1.00 52.96  ? 9   PHE A C     1 
ATOM   81   O  O     . PHE A 1 15  ? -0.949  9.411   -14.285 1.00 62.08  ? 9   PHE A O     1 
ATOM   82   C  CB    . PHE A 1 15  ? 0.796   6.864   -13.798 1.00 47.33  ? 9   PHE A CB    1 
ATOM   83   C  CG    . PHE A 1 15  ? 0.918   5.952   -12.587 1.00 48.11  ? 9   PHE A CG    1 
ATOM   84   C  CD1   . PHE A 1 15  ? 0.271   4.726   -12.538 1.00 50.61  ? 9   PHE A CD1   1 
ATOM   85   C  CD2   . PHE A 1 15  ? 1.683   6.314   -11.515 1.00 46.48  ? 9   PHE A CD2   1 
ATOM   86   C  CE1   . PHE A 1 15  ? 0.384   3.889   -11.448 1.00 47.63  ? 9   PHE A CE1   1 
ATOM   87   C  CE2   . PHE A 1 15  ? 1.805   5.484   -10.416 1.00 51.33  ? 9   PHE A CE2   1 
ATOM   88   C  CZ    . PHE A 1 15  ? 1.151   4.268   -10.380 1.00 46.30  ? 9   PHE A CZ    1 
ATOM   89   N  N     . ASP A 1 16  ? -0.556  8.435   -16.278 1.00 58.00  ? 10  ASP A N     1 
ATOM   90   C  CA    . ASP A 1 16  ? -0.713  9.685   -17.007 1.00 58.86  ? 10  ASP A CA    1 
ATOM   91   C  C     . ASP A 1 16  ? -2.150  10.148  -16.882 1.00 53.16  ? 10  ASP A C     1 
ATOM   92   O  O     . ASP A 1 16  ? -2.391  11.261  -16.466 1.00 52.12  ? 10  ASP A O     1 
ATOM   93   C  CB    . ASP A 1 16  ? -0.193  9.572   -18.460 1.00 60.12  ? 10  ASP A CB    1 
ATOM   94   C  CG    . ASP A 1 16  ? 1.352   9.372   -18.518 1.00 64.40  ? 10  ASP A CG    1 
ATOM   95   O  OD1   . ASP A 1 16  ? 2.056   9.748   -17.542 1.00 57.55  ? 10  ASP A OD1   1 
ATOM   96   O  OD2   . ASP A 1 16  ? 1.876   8.826   -19.530 1.00 66.57  ? 10  ASP A OD2   1 
ATOM   97   N  N     . ARG A 1 17  ? -3.103  9.269   -17.131 1.00 57.50  ? 11  ARG A N     1 
ATOM   98   C  CA    . ARG A 1 17  ? -4.529  9.626   -16.985 1.00 59.31  ? 11  ARG A CA    1 
ATOM   99   C  C     . ARG A 1 17  ? -4.906  9.931   -15.534 1.00 61.72  ? 11  ARG A C     1 
ATOM   100  O  O     . ARG A 1 17  ? -5.534  10.950  -15.253 1.00 65.48  ? 11  ARG A O     1 
ATOM   101  C  CB    . ARG A 1 17  ? -5.399  8.504   -17.548 1.00 62.79  ? 11  ARG A CB    1 
ATOM   102  C  CG    . ARG A 1 17  ? -6.910  8.687   -17.474 1.00 64.47  ? 11  ARG A CG    1 
ATOM   103  C  CD    . ARG A 1 17  ? -7.605  7.486   -18.108 1.00 70.20  ? 11  ARG A CD    1 
ATOM   104  N  NE    . ARG A 1 17  ? -7.154  7.227   -19.490 1.00 79.29  ? 11  ARG A NE    1 
ATOM   105  C  CZ    . ARG A 1 17  ? -7.819  7.519   -20.627 1.00 83.93  ? 11  ARG A CZ    1 
ATOM   106  N  NH1   . ARG A 1 17  ? -9.031  8.095   -20.633 1.00 77.70  ? 11  ARG A NH1   1 
ATOM   107  N  NH2   . ARG A 1 17  ? -7.260  7.213   -21.805 1.00 81.37  ? 11  ARG A NH2   1 
ATOM   108  N  N     . TRP A 1 18  ? -4.480  9.060   -14.624 1.00 60.78  ? 12  TRP A N     1 
ATOM   109  C  CA    . TRP A 1 18  ? -4.856  9.151   -13.212 1.00 59.38  ? 12  TRP A CA    1 
ATOM   110  C  C     . TRP A 1 18  ? -4.306  10.390  -12.519 1.00 55.52  ? 12  TRP A C     1 
ATOM   111  O  O     . TRP A 1 18  ? -5.055  11.125  -11.888 1.00 61.98  ? 12  TRP A O     1 
ATOM   112  C  CB    . TRP A 1 18  ? -4.400  7.893   -12.426 1.00 55.66  ? 12  TRP A CB    1 
ATOM   113  C  CG    . TRP A 1 18  ? -5.186  6.636   -12.718 1.00 50.16  ? 12  TRP A CG    1 
ATOM   114  C  CD1   . TRP A 1 18  ? -6.465  6.564   -13.136 1.00 51.73  ? 12  TRP A CD1   1 
ATOM   115  C  CD2   . TRP A 1 18  ? -4.731  5.275   -12.591 1.00 45.25  ? 12  TRP A CD2   1 
ATOM   116  N  NE1   . TRP A 1 18  ? -6.839  5.259   -13.286 1.00 50.09  ? 12  TRP A NE1   1 
ATOM   117  C  CE2   . TRP A 1 18  ? -5.791  4.449   -12.952 1.00 43.99  ? 12  TRP A CE2   1 
ATOM   118  C  CE3   . TRP A 1 18  ? -3.522  4.685   -12.202 1.00 53.95  ? 12  TRP A CE3   1 
ATOM   119  C  CZ2   . TRP A 1 18  ? -5.696  3.061   -12.967 1.00 50.04  ? 12  TRP A CZ2   1 
ATOM   120  C  CZ3   . TRP A 1 18  ? -3.424  3.282   -12.209 1.00 55.58  ? 12  TRP A CZ3   1 
ATOM   121  C  CH2   . TRP A 1 18  ? -4.509  2.496   -12.589 1.00 51.91  ? 12  TRP A CH2   1 
ATOM   122  N  N     . PHE A 1 19  ? -2.999  10.590  -12.608 1.00 55.82  ? 13  PHE A N     1 
ATOM   123  C  CA    . PHE A 1 19  ? -2.328  11.665  -11.856 1.00 54.28  ? 13  PHE A CA    1 
ATOM   124  C  C     . PHE A 1 19  ? -1.727  12.756  -12.727 1.00 64.77  ? 13  PHE A C     1 
ATOM   125  O  O     . PHE A 1 19  ? -1.698  13.899  -12.299 1.00 61.74  ? 13  PHE A O     1 
ATOM   126  C  CB    . PHE A 1 19  ? -1.257  11.110  -10.948 1.00 53.14  ? 13  PHE A CB    1 
ATOM   127  C  CG    . PHE A 1 19  ? -1.702  9.925   -10.135 1.00 52.45  ? 13  PHE A CG    1 
ATOM   128  C  CD1   . PHE A 1 19  ? -2.608  10.080  -9.112  1.00 51.97  ? 13  PHE A CD1   1 
ATOM   129  C  CD2   . PHE A 1 19  ? -1.216  8.655   -10.409 1.00 52.75  ? 13  PHE A CD2   1 
ATOM   130  C  CE1   . PHE A 1 19  ? -3.004  9.001   -8.346  1.00 53.11  ? 13  PHE A CE1   1 
ATOM   131  C  CE2   . PHE A 1 19  ? -1.599  7.565   -9.642  1.00 55.79  ? 13  PHE A CE2   1 
ATOM   132  C  CZ    . PHE A 1 19  ? -2.500  7.740   -8.609  1.00 55.96  ? 13  PHE A CZ    1 
ATOM   133  N  N     . GLY A 1 20  ? -1.220  12.406  -13.914 1.00 68.74  ? 14  GLY A N     1 
ATOM   134  C  CA    . GLY A 1 20  ? -0.846  13.377  -14.927 1.00 69.15  ? 14  GLY A CA    1 
ATOM   135  C  C     . GLY A 1 20  ? -0.240  14.643  -14.377 1.00 71.42  ? 14  GLY A C     1 
ATOM   136  O  O     . GLY A 1 20  ? -0.881  15.700  -14.379 1.00 80.00  ? 14  GLY A O     1 
ATOM   137  N  N     . ASN A 1 21  ? 0.979   14.536  -13.860 1.00 68.40  ? 15  ASN A N     1 
ATOM   138  C  CA    . ASN A 1 21  ? 1.733   15.720  -13.400 1.00 68.38  ? 15  ASN A CA    1 
ATOM   139  C  C     . ASN A 1 21  ? 1.400   16.281  -12.001 1.00 66.74  ? 15  ASN A C     1 
ATOM   140  O  O     . ASN A 1 21  ? 2.265   16.917  -11.403 1.00 62.92  ? 15  ASN A O     1 
ATOM   141  C  CB    . ASN A 1 21  ? 1.748   16.858  -14.456 1.00 71.12  ? 15  ASN A CB    1 
ATOM   142  C  CG    . ASN A 1 21  ? 3.128   17.070  -15.058 1.00 78.64  ? 15  ASN A CG    1 
ATOM   143  O  OD1   . ASN A 1 21  ? 3.855   17.974  -14.646 1.00 80.97  ? 15  ASN A OD1   1 
ATOM   144  N  ND2   . ASN A 1 21  ? 3.511   16.215  -16.017 1.00 76.63  ? 15  ASN A ND2   1 
ATOM   145  N  N     . ARG A 1 22  ? 0.178   16.067  -11.495 1.00 65.42  ? 16  ARG A N     1 
ATOM   146  C  CA    . ARG A 1 22  ? -0.200  16.279  -10.048 1.00 66.85  ? 16  ARG A CA    1 
ATOM   147  C  C     . ARG A 1 22  ? 0.891   15.801  -9.018  1.00 61.07  ? 16  ARG A C     1 
ATOM   148  O  O     . ARG A 1 22  ? 1.605   14.826  -9.257  1.00 59.41  ? 16  ARG A O     1 
ATOM   149  C  CB    . ARG A 1 22  ? -1.546  15.560  -9.759  1.00 71.49  ? 16  ARG A CB    1 
ATOM   150  C  CG    . ARG A 1 22  ? -2.708  16.346  -9.143  1.00 73.07  ? 16  ARG A CG    1 
ATOM   151  C  CD    . ARG A 1 22  ? -3.737  16.939  -10.117 1.00 73.84  ? 16  ARG A CD    1 
ATOM   152  N  NE    . ARG A 1 22  ? -4.166  16.123  -11.262 1.00 75.70  ? 16  ARG A NE    1 
ATOM   153  C  CZ    . ARG A 1 22  ? -5.005  15.080  -11.225 1.00 86.22  ? 16  ARG A CZ    1 
ATOM   154  N  NH1   . ARG A 1 22  ? -5.318  14.450  -12.363 1.00 81.72  ? 16  ARG A NH1   1 
ATOM   155  N  NH2   . ARG A 1 22  ? -5.520  14.642  -10.073 1.00 94.42  ? 16  ARG A NH2   1 
ATOM   156  N  N     . GLU A 1 23  ? 1.008   16.500  -7.884  1.00 64.70  ? 17  GLU A N     1 
ATOM   157  C  CA    . GLU A 1 23  ? 1.914   16.098  -6.773  1.00 62.90  ? 17  GLU A CA    1 
ATOM   158  C  C     . GLU A 1 23  ? 1.149   15.118  -5.876  1.00 62.91  ? 17  GLU A C     1 
ATOM   159  O  O     . GLU A 1 23  ? 0.117   15.463  -5.283  1.00 64.18  ? 17  GLU A O     1 
ATOM   160  C  CB    . GLU A 1 23  ? 2.407   17.295  -5.953  1.00 64.75  ? 17  GLU A CB    1 
ATOM   161  C  CG    . GLU A 1 23  ? 3.626   16.994  -5.078  1.00 75.96  ? 17  GLU A CG    1 
ATOM   162  N  N     . MET A 1 24  ? 1.645   13.886  -5.820  1.00 59.07  ? 18  MET A N     1 
ATOM   163  C  CA    . MET A 1 24  ? 1.059   12.848  -5.016  1.00 56.26  ? 18  MET A CA    1 
ATOM   164  C  C     . MET A 1 24  ? 2.191   12.123  -4.301  1.00 56.62  ? 18  MET A C     1 
ATOM   165  O  O     . MET A 1 24  ? 3.213   11.851  -4.918  1.00 63.35  ? 18  MET A O     1 
ATOM   166  C  CB    . MET A 1 24  ? 0.259   11.913  -5.911  1.00 58.34  ? 18  MET A CB    1 
ATOM   167  C  CG    . MET A 1 24  ? -1.079  12.487  -6.384  1.00 63.20  ? 18  MET A CG    1 
ATOM   168  S  SD    . MET A 1 24  ? -2.415  12.712  -5.164  1.00 70.11  ? 18  MET A SD    1 
ATOM   169  C  CE    . MET A 1 24  ? -3.691  13.552  -6.135  1.00 67.36  ? 18  MET A CE    1 
ATOM   170  N  N     A ARG A 1 25  ? 1.960   11.785  -3.032  0.50 55.06  ? 19  ARG A N     1 
ATOM   171  N  N     B ARG A 1 25  ? 2.046   11.918  -2.983  0.50 52.96  ? 19  ARG A N     1 
ATOM   172  C  CA    A ARG A 1 25  ? 2.895   11.030  -2.189  0.50 55.34  ? 19  ARG A CA    1 
ATOM   173  C  CA    B ARG A 1 25  ? 2.916   11.032  -2.168  0.50 51.05  ? 19  ARG A CA    1 
ATOM   174  C  C     A ARG A 1 25  ? 2.138   9.906   -1.485  0.50 51.94  ? 19  ARG A C     1 
ATOM   175  C  C     B ARG A 1 25  ? 2.016   9.904   -1.629  0.50 48.86  ? 19  ARG A C     1 
ATOM   176  O  O     A ARG A 1 25  ? 1.340   10.173  -0.590  0.50 55.23  ? 19  ARG A O     1 
ATOM   177  O  O     B ARG A 1 25  ? 0.958   10.163  -1.055  0.50 49.98  ? 19  ARG A O     1 
ATOM   178  C  CB    A ARG A 1 25  ? 3.503   11.939  -1.116  0.50 56.06  ? 19  ARG A CB    1 
ATOM   179  C  CB    B ARG A 1 25  ? 3.588   11.757  -0.966  0.50 48.69  ? 19  ARG A CB    1 
ATOM   180  C  CG    A ARG A 1 25  ? 4.919   12.409  -1.390  0.50 60.60  ? 19  ARG A CG    1 
ATOM   181  C  CG    B ARG A 1 25  ? 4.745   12.732  -1.254  0.50 50.82  ? 19  ARG A CG    1 
ATOM   182  C  CD    A ARG A 1 25  ? 5.000   13.848  -1.875  0.50 61.02  ? 19  ARG A CD    1 
ATOM   183  C  CD    B ARG A 1 25  ? 5.765   12.870  -0.091  0.50 47.97  ? 19  ARG A CD    1 
ATOM   184  N  NE    A ARG A 1 25  ? 6.390   14.171  -2.190  0.50 58.77  ? 19  ARG A NE    1 
ATOM   185  N  NE    B ARG A 1 25  ? 6.932   11.996  -0.265  0.50 48.37  ? 19  ARG A NE    1 
ATOM   186  C  CZ    A ARG A 1 25  ? 6.831   14.491  -3.398  0.50 58.51  ? 19  ARG A CZ    1 
ATOM   187  C  CZ    B ARG A 1 25  ? 7.780   11.637  0.707   0.50 52.14  ? 19  ARG A CZ    1 
ATOM   188  N  NH1   A ARG A 1 25  ? 8.116   14.737  -3.561  0.50 57.82  ? 19  ARG A NH1   1 
ATOM   189  N  NH1   B ARG A 1 25  ? 7.623   12.089  1.954   0.50 52.61  ? 19  ARG A NH1   1 
ATOM   190  N  NH2   A ARG A 1 25  ? 5.997   14.576  -4.438  0.50 59.30  ? 19  ARG A NH2   1 
ATOM   191  N  NH2   B ARG A 1 25  ? 8.791   10.813  0.442   0.50 46.66  ? 19  ARG A NH2   1 
ATOM   192  N  N     . VAL A 1 26  ? 2.393   8.653   -1.851  1.00 49.92  ? 20  VAL A N     1 
ATOM   193  C  CA    . VAL A 1 26  ? 1.727   7.528   -1.168  1.00 43.46  ? 20  VAL A CA    1 
ATOM   194  C  C     . VAL A 1 26  ? 2.784   6.692   -0.503  1.00 42.16  ? 20  VAL A C     1 
ATOM   195  O  O     . VAL A 1 26  ? 3.923   6.571   -0.973  1.00 40.66  ? 20  VAL A O     1 
ATOM   196  C  CB    . VAL A 1 26  ? 0.706   6.697   -2.032  1.00 45.56  ? 20  VAL A CB    1 
ATOM   197  C  CG1   . VAL A 1 26  ? 0.313   7.402   -3.317  1.00 43.69  ? 20  VAL A CG1   1 
ATOM   198  C  CG2   . VAL A 1 26  ? 1.143   5.263   -2.302  1.00 44.37  ? 20  VAL A CG2   1 
ATOM   199  N  N     . VAL A 1 27  ? 2.394   6.113   0.614   1.00 41.67  ? 21  VAL A N     1 
ATOM   200  C  CA    . VAL A 1 27  ? 3.267   5.216   1.333   1.00 41.45  ? 21  VAL A CA    1 
ATOM   201  C  C     . VAL A 1 27  ? 2.599   3.846   1.327   1.00 37.25  ? 21  VAL A C     1 
ATOM   202  O  O     . VAL A 1 27  ? 1.404   3.724   1.581   1.00 43.94  ? 21  VAL A O     1 
ATOM   203  C  CB    . VAL A 1 27  ? 3.615   5.797   2.707   1.00 40.88  ? 21  VAL A CB    1 
ATOM   204  C  CG1   . VAL A 1 27  ? 4.258   7.174   2.519   1.00 39.66  ? 21  VAL A CG1   1 
ATOM   205  C  CG2   . VAL A 1 27  ? 2.398   5.900   3.595   1.00 39.54  ? 21  VAL A CG2   1 
ATOM   206  N  N     . MET A 1 28  ? 3.351   2.825   0.940   1.00 37.06  ? 22  MET A N     1 
ATOM   207  C  CA    . MET A 1 28  ? 2.858   1.479   0.858   1.00 36.33  ? 22  MET A CA    1 
ATOM   208  C  C     . MET A 1 28  ? 3.608   0.607   1.841   1.00 37.67  ? 22  MET A C     1 
ATOM   209  O  O     . MET A 1 28  ? 4.812   0.377   1.728   1.00 34.24  ? 22  MET A O     1 
ATOM   210  C  CB    . MET A 1 28  ? 3.030   0.935   -0.554  1.00 42.28  ? 22  MET A CB    1 
ATOM   211  C  CG    . MET A 1 28  ? 2.634   -0.530  -0.716  1.00 45.01  ? 22  MET A CG    1 
ATOM   212  S  SD    . MET A 1 28  ? 2.316   -0.959  -2.454  1.00 44.86  ? 22  MET A SD    1 
ATOM   213  C  CE    . MET A 1 28  ? 3.980   -0.969  -3.097  1.00 44.22  ? 22  MET A CE    1 
ATOM   214  N  N     . LEU A 1 29  ? 2.837   0.100   2.792   1.00 41.32  ? 23  LEU A N     1 
ATOM   215  C  CA    . LEU A 1 29  ? 3.304   -0.489  4.031   1.00 37.04  ? 23  LEU A CA    1 
ATOM   216  C  C     . LEU A 1 29  ? 2.633   -1.792  4.237   1.00 38.54  ? 23  LEU A C     1 
ATOM   217  O  O     . LEU A 1 29  ? 1.591   -2.090  3.623   1.00 36.81  ? 23  LEU A O     1 
ATOM   218  C  CB    . LEU A 1 29  ? 2.890   0.437   5.201   1.00 42.08  ? 23  LEU A CB    1 
ATOM   219  C  CG    . LEU A 1 29  ? 3.896   1.520   5.619   1.00 39.39  ? 23  LEU A CG    1 
ATOM   220  C  CD1   . LEU A 1 29  ? 4.364   2.251   4.421   1.00 40.42  ? 23  LEU A CD1   1 
ATOM   221  C  CD2   . LEU A 1 29  ? 3.377   2.491   6.676   1.00 39.04  ? 23  LEU A CD2   1 
ATOM   222  N  N     . GLY A 1 30  ? 3.206   -2.568  5.150   1.00 40.87  ? 24  GLY A N     1 
ATOM   223  C  CA    . GLY A 1 30  ? 2.690   -3.867  5.479   1.00 40.07  ? 24  GLY A CA    1 
ATOM   224  C  C     . GLY A 1 30  ? 3.789   -4.656  6.143   1.00 45.34  ? 24  GLY A C     1 
ATOM   225  O  O     . GLY A 1 30  ? 4.932   -4.231  6.126   1.00 46.68  ? 24  GLY A O     1 
ATOM   226  N  N     . LEU A 1 31  ? 3.434   -5.802  6.723   1.00 45.20  ? 25  LEU A N     1 
ATOM   227  C  CA    . LEU A 1 31  ? 4.409   -6.751  7.250   1.00 47.95  ? 25  LEU A CA    1 
ATOM   228  C  C     . LEU A 1 31  ? 5.278   -7.263  6.108   1.00 53.50  ? 25  LEU A C     1 
ATOM   229  O  O     . LEU A 1 31  ? 4.833   -7.294  4.950   1.00 46.47  ? 25  LEU A O     1 
ATOM   230  C  CB    . LEU A 1 31  ? 3.720   -7.965  7.869   1.00 46.48  ? 25  LEU A CB    1 
ATOM   231  C  CG    . LEU A 1 31  ? 3.187   -7.976  9.301   1.00 50.59  ? 25  LEU A CG    1 
ATOM   232  C  CD1   . LEU A 1 31  ? 2.915   -6.610  9.915   1.00 47.35  ? 25  LEU A CD1   1 
ATOM   233  C  CD2   . LEU A 1 31  ? 1.943   -8.873  9.343   1.00 56.25  ? 25  LEU A CD2   1 
ATOM   234  N  N     . ASP A 1 32  ? 6.496   -7.693  6.452   1.00 52.06  ? 26  ASP A N     1 
ATOM   235  C  CA    . ASP A 1 32  ? 7.400   -8.300  5.495   1.00 55.04  ? 26  ASP A CA    1 
ATOM   236  C  C     . ASP A 1 32  ? 6.657   -9.468  4.847   1.00 50.30  ? 26  ASP A C     1 
ATOM   237  O  O     . ASP A 1 32  ? 5.779   -10.054 5.480   1.00 45.87  ? 26  ASP A O     1 
ATOM   238  C  CB    . ASP A 1 32  ? 8.707   -8.762  6.172   1.00 62.29  ? 26  ASP A CB    1 
ATOM   239  C  CG    . ASP A 1 32  ? 8.610   -10.163 6.721   1.00 70.70  ? 26  ASP A CG    1 
ATOM   240  O  OD1   . ASP A 1 32  ? 7.784   -10.390 7.646   1.00 80.16  ? 26  ASP A OD1   1 
ATOM   241  O  OD2   . ASP A 1 32  ? 9.323   -11.046 6.193   1.00 77.38  ? 26  ASP A OD2   1 
ATOM   242  N  N     . ALA A 1 33  ? 6.953   -9.758  3.576   1.00 50.59  ? 27  ALA A N     1 
ATOM   243  C  CA    . ALA A 1 33  ? 6.318   -10.877 2.836   1.00 50.15  ? 27  ALA A CA    1 
ATOM   244  C  C     . ALA A 1 33  ? 4.862   -10.713 2.418   1.00 47.62  ? 27  ALA A C     1 
ATOM   245  O  O     . ALA A 1 33  ? 4.298   -11.624 1.808   1.00 50.22  ? 27  ALA A O     1 
ATOM   246  C  CB    . ALA A 1 33  ? 6.456   -12.205 3.602   1.00 48.79  ? 27  ALA A CB    1 
ATOM   247  N  N     . ALA A 1 34  ? 4.259   -9.573  2.709   1.00 47.54  ? 28  ALA A N     1 
ATOM   248  C  CA    . ALA A 1 34  ? 2.892   -9.315  2.325   1.00 47.78  ? 28  ALA A CA    1 
ATOM   249  C  C     . ALA A 1 34  ? 2.735   -9.232  0.791   1.00 42.09  ? 28  ALA A C     1 
ATOM   250  O  O     . ALA A 1 34  ? 1.706   -9.630  0.260   1.00 42.42  ? 28  ALA A O     1 
ATOM   251  C  CB    . ALA A 1 34  ? 2.412   -8.049  2.997   1.00 49.82  ? 28  ALA A CB    1 
ATOM   252  N  N     . GLY A 1 35  ? 3.777   -8.783  0.112   1.00 41.86  ? 29  GLY A N     1 
ATOM   253  C  CA    . GLY A 1 35  ? 3.804   -8.617  -1.348  1.00 47.81  ? 29  GLY A CA    1 
ATOM   254  C  C     . GLY A 1 35  ? 4.133   -7.206  -1.898  1.00 47.13  ? 29  GLY A C     1 
ATOM   255  O  O     . GLY A 1 35  ? 3.822   -6.891  -3.068  1.00 46.69  ? 29  GLY A O     1 
ATOM   256  N  N     . LYS A 1 36  ? 4.776   -6.366  -1.090  1.00 48.02  ? 30  LYS A N     1 
ATOM   257  C  CA    . LYS A 1 36  ? 4.936   -4.948  -1.419  1.00 49.09  ? 30  LYS A CA    1 
ATOM   258  C  C     . LYS A 1 36  ? 5.935   -4.702  -2.520  1.00 47.73  ? 30  LYS A C     1 
ATOM   259  O  O     . LYS A 1 36  ? 5.646   -3.954  -3.435  1.00 47.32  ? 30  LYS A O     1 
ATOM   260  C  CB    . LYS A 1 36  ? 5.410   -4.166  -0.222  1.00 45.86  ? 30  LYS A CB    1 
ATOM   261  C  CG    . LYS A 1 36  ? 4.384   -4.102  0.844   1.00 53.97  ? 30  LYS A CG    1 
ATOM   262  C  CD    . LYS A 1 36  ? 4.923   -3.336  2.050   1.00 52.94  ? 30  LYS A CD    1 
ATOM   263  C  CE    . LYS A 1 36  ? 6.039   -4.054  2.764   1.00 53.88  ? 30  LYS A CE    1 
ATOM   264  N  NZ    . LYS A 1 36  ? 5.775   -5.488  3.092   1.00 52.91  ? 30  LYS A NZ    1 
ATOM   265  N  N     . THR A 1 37  ? 7.134   -5.263  -2.402  1.00 47.73  ? 31  THR A N     1 
ATOM   266  C  CA    . THR A 1 37  ? 8.134   -5.067  -3.455  1.00 49.52  ? 31  THR A CA    1 
ATOM   267  C  C     . THR A 1 37  ? 7.620   -5.600  -4.797  1.00 46.96  ? 31  THR A C     1 
ATOM   268  O  O     . THR A 1 37  ? 7.801   -4.966  -5.840  1.00 48.57  ? 31  THR A O     1 
ATOM   269  C  CB    . THR A 1 37  ? 9.490   -5.639  -3.023  1.00 51.37  ? 31  THR A CB    1 
ATOM   270  O  OG1   . THR A 1 37  ? 9.981   -4.809  -1.959  1.00 51.19  ? 31  THR A OG1   1 
ATOM   271  C  CG2   . THR A 1 37  ? 10.528  -5.637  -4.181  1.00 51.64  ? 31  THR A CG2   1 
ATOM   272  N  N     . THR A 1 38  ? 6.923   -6.732  -4.740  1.00 46.62  ? 32  THR A N     1 
ATOM   273  C  CA    . THR A 1 38  ? 6.289   -7.321  -5.906  1.00 45.35  ? 32  THR A CA    1 
ATOM   274  C  C     . THR A 1 38  ? 5.344   -6.353  -6.599  1.00 48.18  ? 32  THR A C     1 
ATOM   275  O  O     . THR A 1 38  ? 5.353   -6.276  -7.819  1.00 50.76  ? 32  THR A O     1 
ATOM   276  C  CB    . THR A 1 38  ? 5.478   -8.556  -5.508  1.00 45.04  ? 32  THR A CB    1 
ATOM   277  O  OG1   . THR A 1 38  ? 6.251   -9.351  -4.596  1.00 47.15  ? 32  THR A OG1   1 
ATOM   278  C  CG2   . THR A 1 38  ? 5.102   -9.364  -6.711  1.00 41.77  ? 32  THR A CG2   1 
ATOM   279  N  N     . ILE A 1 39  ? 4.543   -5.615  -5.822  1.00 45.73  ? 33  ILE A N     1 
ATOM   280  C  CA    . ILE A 1 39  ? 3.670   -4.597  -6.378  1.00 42.01  ? 33  ILE A CA    1 
ATOM   281  C  C     . ILE A 1 39  ? 4.542   -3.534  -7.081  1.00 43.28  ? 33  ILE A C     1 
ATOM   282  O  O     . ILE A 1 39  ? 4.282   -3.207  -8.256  1.00 45.01  ? 33  ILE A O     1 
ATOM   283  C  CB    . ILE A 1 39  ? 2.635   -4.030  -5.341  1.00 42.70  ? 33  ILE A CB    1 
ATOM   284  C  CG1   . ILE A 1 39  ? 1.585   -5.093  -4.946  1.00 47.90  ? 33  ILE A CG1   1 
ATOM   285  C  CG2   . ILE A 1 39  ? 1.793   -2.897  -5.921  1.00 43.01  ? 33  ILE A CG2   1 
ATOM   286  C  CD1   . ILE A 1 39  ? 0.795   -4.826  -3.655  1.00 44.73  ? 33  ILE A CD1   1 
ATOM   287  N  N     . LEU A 1 40  ? 5.575   -3.028  -6.414  1.00 42.95  ? 34  LEU A N     1 
ATOM   288  C  CA    . LEU A 1 40  ? 6.494   -2.019  -7.028  1.00 45.87  ? 34  LEU A CA    1 
ATOM   289  C  C     . LEU A 1 40  ? 7.051   -2.361  -8.407  1.00 48.88  ? 34  LEU A C     1 
ATOM   290  O  O     . LEU A 1 40  ? 7.027   -1.533  -9.309  1.00 53.95  ? 34  LEU A O     1 
ATOM   291  C  CB    . LEU A 1 40  ? 7.718   -1.742  -6.154  1.00 45.82  ? 34  LEU A CB    1 
ATOM   292  C  CG    . LEU A 1 40  ? 7.667   -0.643  -5.083  1.00 53.92  ? 34  LEU A CG    1 
ATOM   293  C  CD1   . LEU A 1 40  ? 8.946   -0.679  -4.254  1.00 54.74  ? 34  LEU A CD1   1 
ATOM   294  C  CD2   . LEU A 1 40  ? 7.447   0.749   -5.679  1.00 54.63  ? 34  LEU A CD2   1 
ATOM   295  N  N     . TYR A 1 41  ? 7.614   -3.548  -8.542  1.00 47.85  ? 35  TYR A N     1 
ATOM   296  C  CA    . TYR A 1 41  ? 8.201   -3.965  -9.818  1.00 51.19  ? 35  TYR A CA    1 
ATOM   297  C  C     . TYR A 1 41  ? 7.120   -4.285  -10.832 1.00 48.10  ? 35  TYR A C     1 
ATOM   298  O  O     . TYR A 1 41  ? 7.227   -3.935  -11.998 1.00 54.30  ? 35  TYR A O     1 
ATOM   299  C  CB    . TYR A 1 41  ? 9.149   -5.131  -9.601  1.00 58.09  ? 35  TYR A CB    1 
ATOM   300  C  CG    . TYR A 1 41  ? 10.475  -4.678  -9.033  1.00 61.79  ? 35  TYR A CG    1 
ATOM   301  C  CD1   . TYR A 1 41  ? 11.379  -4.026  -9.849  1.00 70.09  ? 35  TYR A CD1   1 
ATOM   302  C  CD2   . TYR A 1 41  ? 10.822  -4.877  -7.697  1.00 60.82  ? 35  TYR A CD2   1 
ATOM   303  C  CE1   . TYR A 1 41  ? 12.602  -3.586  -9.381  1.00 74.51  ? 35  TYR A CE1   1 
ATOM   304  C  CE2   . TYR A 1 41  ? 12.055  -4.429  -7.210  1.00 66.87  ? 35  TYR A CE2   1 
ATOM   305  C  CZ    . TYR A 1 41  ? 12.946  -3.784  -8.073  1.00 70.50  ? 35  TYR A CZ    1 
ATOM   306  O  OH    . TYR A 1 41  ? 14.195  -3.304  -7.709  1.00 61.37  ? 35  TYR A OH    1 
ATOM   307  N  N     . LYS A 1 42  ? 6.024   -4.843  -10.357 1.00 44.84  ? 36  LYS A N     1 
ATOM   308  C  CA    . LYS A 1 42  ? 4.868   -5.074  -11.197 1.00 46.16  ? 36  LYS A CA    1 
ATOM   309  C  C     . LYS A 1 42  ? 4.202   -3.800  -11.768 1.00 44.35  ? 36  LYS A C     1 
ATOM   310  O  O     . LYS A 1 42  ? 3.420   -3.890  -12.711 1.00 47.91  ? 36  LYS A O     1 
ATOM   311  C  CB    . LYS A 1 42  ? 3.843   -5.940  -10.457 1.00 48.64  ? 36  LYS A CB    1 
ATOM   312  C  CG    . LYS A 1 42  ? 3.117   -6.887  -11.383 1.00 55.47  ? 36  LYS A CG    1 
ATOM   313  C  CD    . LYS A 1 42  ? 3.910   -8.167  -11.568 1.00 56.37  ? 36  LYS A CD    1 
ATOM   314  C  CE    . LYS A 1 42  ? 3.167   -9.095  -12.506 1.00 61.65  ? 36  LYS A CE    1 
ATOM   315  N  NZ    . LYS A 1 42  ? 3.977   -10.310 -12.770 1.00 62.88  ? 36  LYS A NZ    1 
ATOM   316  N  N     . LEU A 1 43  ? 4.487   -2.627  -11.197 1.00 44.50  ? 37  LEU A N     1 
ATOM   317  C  CA    . LEU A 1 43  ? 3.975   -1.369  -11.724 1.00 40.72  ? 37  LEU A CA    1 
ATOM   318  C  C     . LEU A 1 43  ? 4.703   -0.879  -12.962 1.00 38.83  ? 37  LEU A C     1 
ATOM   319  O  O     . LEU A 1 43  ? 4.086   -0.299  -13.818 1.00 40.29  ? 37  LEU A O     1 
ATOM   320  C  CB    . LEU A 1 43  ? 3.996   -0.288  -10.644 1.00 44.99  ? 37  LEU A CB    1 
ATOM   321  C  CG    . LEU A 1 43  ? 2.990   -0.449  -9.491  1.00 47.81  ? 37  LEU A CG    1 
ATOM   322  C  CD1   . LEU A 1 43  ? 2.866   0.833   -8.686  1.00 52.16  ? 37  LEU A CD1   1 
ATOM   323  C  CD2   . LEU A 1 43  ? 1.611   -0.871  -9.964  1.00 45.15  ? 37  LEU A CD2   1 
ATOM   324  N  N     . HIS A 1 44  ? 6.013   -1.105  -13.033 1.00 39.41  ? 38  HIS A N     1 
ATOM   325  C  CA    . HIS A 1 44  ? 6.850   -0.802  -14.211 1.00 43.33  ? 38  HIS A CA    1 
ATOM   326  C  C     . HIS A 1 44  ? 6.784   0.641   -14.548 1.00 43.79  ? 38  HIS A C     1 
ATOM   327  O  O     . HIS A 1 44  ? 6.422   1.042   -15.670 1.00 41.33  ? 38  HIS A O     1 
ATOM   328  C  CB    . HIS A 1 44  ? 6.473   -1.642  -15.424 1.00 39.68  ? 38  HIS A CB    1 
ATOM   329  C  CG    . HIS A 1 44  ? 6.899   -3.035  -15.279 1.00 37.65  ? 38  HIS A CG    1 
ATOM   330  N  ND1   . HIS A 1 44  ? 6.013   -4.091  -15.292 1.00 40.72  ? 38  HIS A ND1   1 
ATOM   331  C  CD2   . HIS A 1 44  ? 8.123   -3.556  -15.068 1.00 37.26  ? 38  HIS A CD2   1 
ATOM   332  C  CE1   . HIS A 1 44  ? 6.675   -5.207  -15.060 1.00 41.31  ? 38  HIS A CE1   1 
ATOM   333  N  NE2   . HIS A 1 44  ? 7.962   -4.910  -14.935 1.00 42.35  ? 38  HIS A NE2   1 
ATOM   334  N  N     . ILE A 1 45  ? 7.128   1.397   -13.525 1.00 48.54  ? 39  ILE A N     1 
ATOM   335  C  CA    . ILE A 1 45  ? 6.883   2.839   -13.477 1.00 50.71  ? 39  ILE A CA    1 
ATOM   336  C  C     . ILE A 1 45  ? 8.143   3.635   -13.131 1.00 50.55  ? 39  ILE A C     1 
ATOM   337  O  O     . ILE A 1 45  ? 8.083   4.850   -12.992 1.00 57.16  ? 39  ILE A O     1 
ATOM   338  C  CB    . ILE A 1 45  ? 5.689   3.082   -12.507 1.00 52.48  ? 39  ILE A CB    1 
ATOM   339  C  CG1   . ILE A 1 45  ? 4.715   4.018   -13.133 1.00 53.92  ? 39  ILE A CG1   1 
ATOM   340  C  CG2   . ILE A 1 45  ? 6.062   3.498   -11.093 1.00 51.37  ? 39  ILE A CG2   1 
ATOM   341  C  CD1   . ILE A 1 45  ? 3.795   3.282   -14.053 1.00 58.23  ? 39  ILE A CD1   1 
ATOM   342  N  N     . GLY A 1 46  ? 9.280   2.943   -13.028 1.00 47.13  ? 40  GLY A N     1 
ATOM   343  C  CA    . GLY A 1 46  ? 10.554  3.597   -12.901 1.00 50.17  ? 40  GLY A CA    1 
ATOM   344  C  C     . GLY A 1 46  ? 11.441  2.738   -12.066 1.00 49.99  ? 40  GLY A C     1 
ATOM   345  O  O     . GLY A 1 46  ? 11.010  1.705   -11.515 1.00 55.26  ? 40  GLY A O     1 
ATOM   346  N  N     . GLU A 1 47  ? 12.670  3.198   -11.931 1.00 52.01  ? 41  GLU A N     1 
ATOM   347  C  CA    . GLU A 1 47  ? 13.632  2.488   -11.120 1.00 59.31  ? 41  GLU A CA    1 
ATOM   348  C  C     . GLU A 1 47  ? 13.197  2.635   -9.696  1.00 60.88  ? 41  GLU A C     1 
ATOM   349  O  O     . GLU A 1 47  ? 12.721  3.724   -9.297  1.00 56.90  ? 41  GLU A O     1 
ATOM   350  C  CB    . GLU A 1 47  ? 15.053  3.051   -11.280 1.00 66.42  ? 41  GLU A CB    1 
ATOM   351  C  CG    . GLU A 1 47  ? 16.135  2.227   -10.570 1.00 71.58  ? 41  GLU A CG    1 
ATOM   352  C  CD    . GLU A 1 47  ? 17.552  2.652   -10.948 1.00 74.97  ? 41  GLU A CD    1 
ATOM   353  O  OE1   . GLU A 1 47  ? 17.706  3.745   -11.565 1.00 63.24  ? 41  GLU A OE1   1 
ATOM   354  O  OE2   . GLU A 1 47  ? 18.497  1.878   -10.632 1.00 74.50  ? 41  GLU A OE2   1 
ATOM   355  N  N     . VAL A 1 48  ? 13.397  1.553   -8.949  1.00 55.66  ? 42  VAL A N     1 
ATOM   356  C  CA    . VAL A 1 48  ? 13.288  1.583   -7.517  1.00 62.68  ? 42  VAL A CA    1 
ATOM   357  C  C     . VAL A 1 48  ? 14.658  1.835   -6.901  1.00 67.50  ? 42  VAL A C     1 
ATOM   358  O  O     . VAL A 1 48  ? 15.639  1.176   -7.245  1.00 77.65  ? 42  VAL A O     1 
ATOM   359  C  CB    . VAL A 1 48  ? 12.553  0.355   -6.905  1.00 62.08  ? 42  VAL A CB    1 
ATOM   360  C  CG1   . VAL A 1 48  ? 12.033  -0.582  -7.978  1.00 71.27  ? 42  VAL A CG1   1 
ATOM   361  C  CG2   . VAL A 1 48  ? 13.372  -0.378  -5.844  1.00 68.59  ? 42  VAL A CG2   1 
ATOM   362  N  N     . LEU A 1 49  ? 14.692  2.806   -5.994  1.00 65.54  ? 43  LEU A N     1 
ATOM   363  C  CA    . LEU A 1 49  ? 15.869  3.146   -5.226  1.00 66.97  ? 43  LEU A CA    1 
ATOM   364  C  C     . LEU A 1 49  ? 15.608  2.771   -3.790  1.00 63.13  ? 43  LEU A C     1 
ATOM   365  O  O     . LEU A 1 49  ? 14.457  2.820   -3.326  1.00 65.55  ? 43  LEU A O     1 
ATOM   366  C  CB    . LEU A 1 49  ? 16.162  4.648   -5.285  1.00 67.08  ? 43  LEU A CB    1 
ATOM   367  C  CG    . LEU A 1 49  ? 16.124  5.460   -6.573  1.00 67.18  ? 43  LEU A CG    1 
ATOM   368  C  CD1   . LEU A 1 49  ? 16.522  4.615   -7.771  1.00 70.75  ? 43  LEU A CD1   1 
ATOM   369  C  CD2   . LEU A 1 49  ? 14.768  6.103   -6.796  1.00 71.42  ? 43  LEU A CD2   1 
ATOM   370  N  N     . THR A 1 50  ? 16.688  2.439   -3.097  1.00 62.81  ? 44  THR A N     1 
ATOM   371  C  CA    . THR A 1 50  ? 16.666  2.047   -1.690  1.00 66.71  ? 44  THR A CA    1 
ATOM   372  C  C     . THR A 1 50  ? 17.533  3.014   -0.866  1.00 62.86  ? 44  THR A C     1 
ATOM   373  O  O     . THR A 1 50  ? 18.474  3.582   -1.403  1.00 58.21  ? 44  THR A O     1 
ATOM   374  C  CB    . THR A 1 50  ? 17.169  0.599   -1.536  1.00 68.75  ? 44  THR A CB    1 
ATOM   375  O  OG1   . THR A 1 50  ? 16.551  -0.221  -2.530  1.00 71.87  ? 44  THR A OG1   1 
ATOM   376  C  CG2   . THR A 1 50  ? 16.825  0.013   -0.173  1.00 74.60  ? 44  THR A CG2   1 
ATOM   377  N  N     . THR A 1 51  ? 17.131  3.271   0.388   1.00 68.80  ? 45  THR A N     1 
ATOM   378  C  CA    . THR A 1 51  ? 18.026  3.756   1.452   1.00 78.07  ? 45  THR A CA    1 
ATOM   379  C  C     . THR A 1 51  ? 17.851  2.836   2.656   1.00 81.16  ? 45  THR A C     1 
ATOM   380  O  O     . THR A 1 51  ? 16.734  2.598   3.099   1.00 71.20  ? 45  THR A O     1 
ATOM   381  C  CB    . THR A 1 51  ? 17.755  5.213   1.913   1.00 80.17  ? 45  THR A CB    1 
ATOM   382  O  OG1   . THR A 1 51  ? 18.068  6.119   0.858   1.00 94.03  ? 45  THR A OG1   1 
ATOM   383  C  CG2   . THR A 1 51  ? 18.635  5.604   3.127   1.00 77.87  ? 45  THR A CG2   1 
ATOM   384  N  N     . VAL A 1 52  ? 18.980  2.345   3.168   1.00 104.78 ? 46  VAL A N     1 
ATOM   385  C  CA    . VAL A 1 52  ? 19.077  1.603   4.442   1.00 106.35 ? 46  VAL A CA    1 
ATOM   386  C  C     . VAL A 1 52  ? 19.580  2.619   5.495   1.00 110.35 ? 46  VAL A C     1 
ATOM   387  O  O     . VAL A 1 52  ? 20.796  2.797   5.653   1.00 119.55 ? 46  VAL A O     1 
ATOM   388  C  CB    . VAL A 1 52  ? 19.953  0.292   4.315   1.00 107.73 ? 46  VAL A CB    1 
ATOM   389  C  CG1   . VAL A 1 52  ? 21.307  0.492   3.625   1.00 105.25 ? 46  VAL A CG1   1 
ATOM   390  C  CG2   . VAL A 1 52  ? 20.175  -0.392  5.652   1.00 108.07 ? 46  VAL A CG2   1 
ATOM   391  N  N     . PRO A 1 53  ? 18.647  3.328   6.187   1.00 105.50 ? 47  PRO A N     1 
ATOM   392  C  CA    . PRO A 1 53  ? 19.110  4.359   7.122   1.00 101.33 ? 47  PRO A CA    1 
ATOM   393  C  C     . PRO A 1 53  ? 19.667  3.821   8.452   1.00 96.08  ? 47  PRO A C     1 
ATOM   394  O  O     . PRO A 1 53  ? 20.318  4.580   9.153   1.00 85.85  ? 47  PRO A O     1 
ATOM   395  C  CB    . PRO A 1 53  ? 17.851  5.222   7.356   1.00 102.16 ? 47  PRO A CB    1 
ATOM   396  C  CG    . PRO A 1 53  ? 16.758  4.630   6.517   1.00 95.43  ? 47  PRO A CG    1 
ATOM   397  C  CD    . PRO A 1 53  ? 17.176  3.225   6.229   1.00 97.78  ? 47  PRO A CD    1 
ATOM   398  N  N     . THR A 1 54  ? 19.395  2.553   8.797   1.00 100.71 ? 48  THR A N     1 
ATOM   399  C  CA    . THR A 1 54  ? 20.118  1.825   9.871   1.00 112.00 ? 48  THR A CA    1 
ATOM   400  C  C     . THR A 1 54  ? 20.466  0.405   9.405   1.00 119.72 ? 48  THR A C     1 
ATOM   401  O  O     . THR A 1 54  ? 19.792  -0.137  8.526   1.00 113.17 ? 48  THR A O     1 
ATOM   402  C  CB    . THR A 1 54  ? 19.290  1.687   11.172  1.00 109.60 ? 48  THR A CB    1 
ATOM   403  O  OG1   . THR A 1 54  ? 18.492  2.854   11.360  1.00 114.64 ? 48  THR A OG1   1 
ATOM   404  C  CG2   . THR A 1 54  ? 20.190  1.478   12.414  1.00 102.01 ? 48  THR A CG2   1 
ATOM   405  N  N     . ILE A 1 55  ? 21.482  -0.197  10.033  1.00 121.26 ? 49  ILE A N     1 
ATOM   406  C  CA    . ILE A 1 55  ? 21.913  -1.583  9.762   1.00 116.99 ? 49  ILE A CA    1 
ATOM   407  C  C     . ILE A 1 55  ? 20.791  -2.636  9.674   1.00 120.81 ? 49  ILE A C     1 
ATOM   408  O  O     . ILE A 1 55  ? 21.027  -3.704  9.112   1.00 119.57 ? 49  ILE A O     1 
ATOM   409  C  CB    . ILE A 1 55  ? 22.951  -2.067  10.801  1.00 107.89 ? 49  ILE A CB    1 
ATOM   410  N  N     . GLY A 1 56  ? 19.607  -2.349  10.237  1.00 116.20 ? 50  GLY A N     1 
ATOM   411  C  CA    . GLY A 1 56  ? 18.388  -3.148  10.008  1.00 114.91 ? 50  GLY A CA    1 
ATOM   412  C  C     . GLY A 1 56  ? 17.338  -2.522  9.082   1.00 122.84 ? 50  GLY A C     1 
ATOM   413  O  O     . GLY A 1 56  ? 16.871  -3.159  8.130   1.00 116.84 ? 50  GLY A O     1 
ATOM   414  N  N     . PHE A 1 57  ? 16.965  -1.275  9.364   1.00 124.37 ? 51  PHE A N     1 
ATOM   415  C  CA    . PHE A 1 57  ? 15.856  -0.581  8.674   1.00 121.06 ? 51  PHE A CA    1 
ATOM   416  C  C     . PHE A 1 57  ? 16.159  -0.271  7.196   1.00 114.78 ? 51  PHE A C     1 
ATOM   417  O  O     . PHE A 1 57  ? 17.262  0.146   6.874   1.00 129.92 ? 51  PHE A O     1 
ATOM   418  C  CB    . PHE A 1 57  ? 15.544  0.707   9.449   1.00 124.28 ? 51  PHE A CB    1 
ATOM   419  C  CG    . PHE A 1 57  ? 14.346  1.474   8.948   1.00 118.24 ? 51  PHE A CG    1 
ATOM   420  C  CD1   . PHE A 1 57  ? 13.119  0.850   8.759   1.00 111.76 ? 51  PHE A CD1   1 
ATOM   421  C  CD2   . PHE A 1 57  ? 14.439  2.850   8.727   1.00 121.70 ? 51  PHE A CD2   1 
ATOM   422  C  CE1   . PHE A 1 57  ? 12.023  1.572   8.320   1.00 117.13 ? 51  PHE A CE1   1 
ATOM   423  C  CE2   . PHE A 1 57  ? 13.343  3.581   8.293   1.00 124.08 ? 51  PHE A CE2   1 
ATOM   424  C  CZ    . PHE A 1 57  ? 12.133  2.941   8.087   1.00 124.10 ? 51  PHE A CZ    1 
ATOM   425  N  N     . ASN A 1 58  ? 15.165  -0.455  6.322   1.00 103.11 ? 52  ASN A N     1 
ATOM   426  C  CA    . ASN A 1 58  ? 15.359  -0.492  4.857   1.00 95.21  ? 52  ASN A CA    1 
ATOM   427  C  C     . ASN A 1 58  ? 14.139  0.056   4.050   1.00 81.32  ? 52  ASN A C     1 
ATOM   428  O  O     . ASN A 1 58  ? 13.052  -0.530  4.092   1.00 77.24  ? 52  ASN A O     1 
ATOM   429  C  CB    . ASN A 1 58  ? 15.646  -1.943  4.446   1.00 93.04  ? 52  ASN A CB    1 
ATOM   430  C  CG    . ASN A 1 58  ? 16.171  -2.057  3.031   1.00 97.88  ? 52  ASN A CG    1 
ATOM   431  O  OD1   . ASN A 1 58  ? 15.406  -2.255  2.083   1.00 98.84  ? 52  ASN A OD1   1 
ATOM   432  N  ND2   . ASN A 1 58  ? 17.478  -1.916  2.877   1.00 104.69 ? 52  ASN A ND2   1 
ATOM   433  N  N     . VAL A 1 59  ? 14.338  1.152   3.309   1.00 65.02  ? 53  VAL A N     1 
ATOM   434  C  CA    . VAL A 1 59  ? 13.264  1.821   2.567   1.00 66.46  ? 53  VAL A CA    1 
ATOM   435  C  C     . VAL A 1 59  ? 13.498  1.840   1.060   1.00 66.07  ? 53  VAL A C     1 
ATOM   436  O  O     . VAL A 1 59  ? 14.572  2.207   0.622   1.00 75.47  ? 53  VAL A O     1 
ATOM   437  C  CB    . VAL A 1 59  ? 13.094  3.304   3.003   1.00 59.69  ? 53  VAL A CB    1 
ATOM   438  C  CG1   . VAL A 1 59  ? 11.957  3.978   2.225   1.00 56.41  ? 53  VAL A CG1   1 
ATOM   439  C  CG2   . VAL A 1 59  ? 12.830  3.409   4.501   1.00 58.99  ? 53  VAL A CG2   1 
ATOM   440  N  N     . GLU A 1 60  ? 12.440  1.549   0.298   1.00 58.50  ? 54  GLU A N     1 
ATOM   441  C  CA    . GLU A 1 60  ? 12.440  1.561   -1.153  1.00 56.58  ? 54  GLU A CA    1 
ATOM   442  C  C     . GLU A 1 60  ? 11.603  2.713   -1.661  1.00 54.07  ? 54  GLU A C     1 
ATOM   443  O  O     . GLU A 1 60  ? 10.744  3.177   -0.952  1.00 61.93  ? 54  GLU A O     1 
ATOM   444  C  CB    . GLU A 1 60  ? 11.891  0.230   -1.682  1.00 59.10  ? 54  GLU A CB    1 
ATOM   445  C  CG    . GLU A 1 60  ? 12.710  -0.954  -1.215  1.00 61.74  ? 54  GLU A CG    1 
ATOM   446  C  CD    . GLU A 1 60  ? 12.146  -2.272  -1.659  1.00 71.44  ? 54  GLU A CD    1 
ATOM   447  O  OE1   . GLU A 1 60  ? 12.910  -3.037  -2.268  1.00 83.57  ? 54  GLU A OE1   1 
ATOM   448  O  OE2   . GLU A 1 60  ? 10.957  -2.553  -1.404  1.00 77.51  ? 54  GLU A OE2   1 
ATOM   449  N  N     . LYS A 1 61  ? 11.853  3.176   -2.887  1.00 53.17  ? 55  LYS A N     1 
ATOM   450  C  CA    . LYS A 1 61  ? 11.115  4.299   -3.431  1.00 49.80  ? 55  LYS A CA    1 
ATOM   451  C  C     . LYS A 1 61  ? 11.044  4.296   -4.951  1.00 51.18  ? 55  LYS A C     1 
ATOM   452  O  O     . LYS A 1 61  ? 11.926  3.807   -5.636  1.00 55.41  ? 55  LYS A O     1 
ATOM   453  C  CB    . LYS A 1 61  ? 11.769  5.584   -2.966  1.00 54.78  ? 55  LYS A CB    1 
ATOM   454  C  CG    . LYS A 1 61  ? 11.063  6.862   -3.388  1.00 55.24  ? 55  LYS A CG    1 
ATOM   455  C  CD    . LYS A 1 61  ? 11.380  8.004   -2.409  1.00 65.11  ? 55  LYS A CD    1 
ATOM   456  C  CE    . LYS A 1 61  ? 12.634  8.772   -2.789  1.00 67.02  ? 55  LYS A CE    1 
ATOM   457  N  NZ    . LYS A 1 61  ? 12.501  9.509   -4.082  1.00 65.51  ? 55  LYS A NZ    1 
ATOM   458  N  N     . VAL A 1 62  ? 9.972   4.870   -5.478  1.00 52.95  ? 56  VAL A N     1 
ATOM   459  C  CA    . VAL A 1 62  ? 9.759   4.985   -6.902  1.00 47.11  ? 56  VAL A CA    1 
ATOM   460  C  C     . VAL A 1 62  ? 8.994   6.273   -7.124  1.00 44.73  ? 56  VAL A C     1 
ATOM   461  O  O     . VAL A 1 62  ? 8.075   6.560   -6.379  1.00 46.64  ? 56  VAL A O     1 
ATOM   462  C  CB    . VAL A 1 62  ? 8.949   3.772   -7.401  1.00 53.53  ? 56  VAL A CB    1 
ATOM   463  C  CG1   . VAL A 1 62  ? 8.217   4.038   -8.700  1.00 58.30  ? 56  VAL A CG1   1 
ATOM   464  C  CG2   . VAL A 1 62  ? 9.857   2.563   -7.567  1.00 59.37  ? 56  VAL A CG2   1 
ATOM   465  N  N     . GLN A 1 63  ? 9.350   6.985   -8.188  1.00 44.54  ? 57  GLN A N     1 
ATOM   466  C  CA    . GLN A 1 63  ? 8.710   8.203   -8.601  1.00 49.52  ? 57  GLN A CA    1 
ATOM   467  C  C     . GLN A 1 63  ? 8.361   8.208   -10.083 1.00 50.05  ? 57  GLN A C     1 
ATOM   468  O  O     . GLN A 1 63  ? 9.168   7.855   -10.905 1.00 50.87  ? 57  GLN A O     1 
ATOM   469  C  CB    . GLN A 1 63  ? 9.643   9.368   -8.345  1.00 52.43  ? 57  GLN A CB    1 
ATOM   470  C  CG    . GLN A 1 63  ? 9.191   10.688  -8.981  1.00 58.59  ? 57  GLN A CG    1 
ATOM   471  C  CD    . GLN A 1 63  ? 9.556   11.899  -8.152  1.00 60.86  ? 57  GLN A CD    1 
ATOM   472  O  OE1   . GLN A 1 63  ? 10.462  11.845  -7.310  1.00 67.67  ? 57  GLN A OE1   1 
ATOM   473  N  NE2   . GLN A 1 63  ? 8.842   12.991  -8.370  1.00 60.01  ? 57  GLN A NE2   1 
ATOM   474  N  N     . TYR A 1 64  ? 7.175   8.700   -10.417 1.00 52.30  ? 58  TYR A N     1 
ATOM   475  C  CA    . TYR A 1 64  ? 6.799   8.909   -11.792 1.00 52.24  ? 58  TYR A CA    1 
ATOM   476  C  C     . TYR A 1 64  ? 6.181   10.287  -11.931 1.00 55.36  ? 58  TYR A C     1 
ATOM   477  O  O     . TYR A 1 64  ? 5.162   10.592  -11.291 1.00 62.13  ? 58  TYR A O     1 
ATOM   478  C  CB    . TYR A 1 64  ? 5.834   7.818   -12.267 1.00 52.94  ? 58  TYR A CB    1 
ATOM   479  C  CG    . TYR A 1 64  ? 5.427   7.960   -13.732 1.00 53.97  ? 58  TYR A CG    1 
ATOM   480  C  CD1   . TYR A 1 64  ? 6.316   7.691   -14.772 1.00 54.89  ? 58  TYR A CD1   1 
ATOM   481  C  CD2   . TYR A 1 64  ? 4.147   8.374   -14.071 1.00 51.19  ? 58  TYR A CD2   1 
ATOM   482  C  CE1   . TYR A 1 64  ? 5.918   7.837   -16.116 1.00 56.39  ? 58  TYR A CE1   1 
ATOM   483  C  CE2   . TYR A 1 64  ? 3.752   8.503   -15.393 1.00 51.82  ? 58  TYR A CE2   1 
ATOM   484  C  CZ    . TYR A 1 64  ? 4.629   8.236   -16.404 1.00 50.03  ? 58  TYR A CZ    1 
ATOM   485  O  OH    . TYR A 1 64  ? 4.197   8.401   -17.678 1.00 59.86  ? 58  TYR A OH    1 
ATOM   486  N  N     . LYS A 1 65  ? 6.781   11.106  -12.793 1.00 51.81  ? 59  LYS A N     1 
ATOM   487  C  CA    . LYS A 1 65  ? 6.456   12.495  -12.882 1.00 48.87  ? 59  LYS A CA    1 
ATOM   488  C  C     . LYS A 1 65  ? 6.579   13.027  -11.462 1.00 50.09  ? 59  LYS A C     1 
ATOM   489  O  O     . LYS A 1 65  ? 7.647   12.849  -10.874 1.00 54.48  ? 59  LYS A O     1 
ATOM   490  C  CB    . LYS A 1 65  ? 5.098   12.652  -13.564 1.00 55.90  ? 59  LYS A CB    1 
ATOM   491  C  CG    . LYS A 1 65  ? 5.087   12.081  -14.980 1.00 59.85  ? 59  LYS A CG    1 
ATOM   492  C  CD    . LYS A 1 65  ? 4.258   12.939  -15.915 1.00 65.07  ? 59  LYS A CD    1 
ATOM   493  C  CE    . LYS A 1 65  ? 4.051   12.310  -17.290 1.00 71.82  ? 59  LYS A CE    1 
ATOM   494  N  NZ    . LYS A 1 65  ? 2.641   12.547  -17.737 1.00 73.69  ? 59  LYS A NZ    1 
ATOM   495  N  N     . ASN A 1 66  ? 5.511   13.565  -10.870 1.00 53.35  ? 60  ASN A N     1 
ATOM   496  C  CA    . ASN A 1 66  ? 5.517   13.967  -9.434  1.00 64.13  ? 60  ASN A CA    1 
ATOM   497  C  C     . ASN A 1 66  ? 4.700   13.072  -8.474  1.00 64.46  ? 60  ASN A C     1 
ATOM   498  O  O     . ASN A 1 66  ? 4.276   13.548  -7.393  1.00 54.88  ? 60  ASN A O     1 
ATOM   499  C  CB    . ASN A 1 66  ? 5.010   15.403  -9.296  1.00 62.48  ? 60  ASN A CB    1 
ATOM   500  C  CG    . ASN A 1 66  ? 5.663   16.316  -10.280 1.00 58.17  ? 60  ASN A CG    1 
ATOM   501  O  OD1   . ASN A 1 66  ? 6.857   16.481  -10.249 1.00 56.36  ? 60  ASN A OD1   1 
ATOM   502  N  ND2   . ASN A 1 66  ? 4.884   16.859  -11.202 1.00 60.99  ? 60  ASN A ND2   1 
ATOM   503  N  N     . VAL A 1 67  ? 4.461   11.814  -8.871  1.00 58.17  ? 61  VAL A N     1 
ATOM   504  C  CA    . VAL A 1 67  ? 3.915   10.822  -7.941  1.00 50.42  ? 61  VAL A CA    1 
ATOM   505  C  C     . VAL A 1 67  ? 5.043   9.931   -7.444  1.00 43.97  ? 61  VAL A C     1 
ATOM   506  O  O     . VAL A 1 67  ? 5.828   9.440   -8.223  1.00 47.48  ? 61  VAL A O     1 
ATOM   507  C  CB    . VAL A 1 67  ? 2.637   10.048  -8.438  1.00 50.54  ? 61  VAL A CB    1 
ATOM   508  C  CG1   . VAL A 1 67  ? 2.105   10.517  -9.784  1.00 45.54  ? 61  VAL A CG1   1 
ATOM   509  C  CG2   . VAL A 1 67  ? 2.774   8.533   -8.306  1.00 50.73  ? 61  VAL A CG2   1 
ATOM   510  N  N     . VAL A 1 68  ? 5.131   9.798   -6.134  1.00 43.12  ? 62  VAL A N     1 
ATOM   511  C  CA    . VAL A 1 68  ? 6.203   9.111   -5.410  1.00 43.20  ? 62  VAL A CA    1 
ATOM   512  C  C     . VAL A 1 68  ? 5.470   8.102   -4.570  1.00 41.58  ? 62  VAL A C     1 
ATOM   513  O  O     . VAL A 1 68  ? 4.412   8.431   -3.981  1.00 38.25  ? 62  VAL A O     1 
ATOM   514  C  CB    . VAL A 1 68  ? 6.968   10.044  -4.410  1.00 44.97  ? 62  VAL A CB    1 
ATOM   515  C  CG1   . VAL A 1 68  ? 7.745   9.266   -3.360  1.00 45.09  ? 62  VAL A CG1   1 
ATOM   516  C  CG2   . VAL A 1 68  ? 7.912   10.966  -5.141  1.00 47.82  ? 62  VAL A CG2   1 
ATOM   517  N  N     . PHE A 1 69  ? 6.047   6.901   -4.526  1.00 43.24  ? 63  PHE A N     1 
ATOM   518  C  CA    . PHE A 1 69  ? 5.585   5.774   -3.740  1.00 39.30  ? 63  PHE A CA    1 
ATOM   519  C  C     . PHE A 1 69  ? 6.772   5.432   -2.882  1.00 44.18  ? 63  PHE A C     1 
ATOM   520  O  O     . PHE A 1 69  ? 7.851   5.174   -3.413  1.00 46.13  ? 63  PHE A O     1 
ATOM   521  C  CB    . PHE A 1 69  ? 5.275   4.586   -4.631  1.00 39.50  ? 63  PHE A CB    1 
ATOM   522  C  CG    . PHE A 1 69  ? 3.906   4.602   -5.199  1.00 46.09  ? 63  PHE A CG    1 
ATOM   523  C  CD1   . PHE A 1 69  ? 3.466   5.644   -5.957  1.00 48.17  ? 63  PHE A CD1   1 
ATOM   524  C  CD2   . PHE A 1 69  ? 3.034   3.548   -4.965  1.00 49.37  ? 63  PHE A CD2   1 
ATOM   525  C  CE1   . PHE A 1 69  ? 2.175   5.648   -6.465  1.00 51.40  ? 63  PHE A CE1   1 
ATOM   526  C  CE2   . PHE A 1 69  ? 1.748   3.548   -5.490  1.00 45.41  ? 63  PHE A CE2   1 
ATOM   527  C  CZ    . PHE A 1 69  ? 1.313   4.606   -6.230  1.00 45.15  ? 63  PHE A CZ    1 
ATOM   528  N  N     . THR A 1 70  ? 6.588   5.435   -1.574  1.00 42.06  ? 64  THR A N     1 
ATOM   529  C  CA    . THR A 1 70  ? 7.648   5.127   -0.646  1.00 42.74  ? 64  THR A CA    1 
ATOM   530  C  C     . THR A 1 70  ? 7.224   3.889   0.128   1.00 40.97  ? 64  THR A C     1 
ATOM   531  O  O     . THR A 1 70  ? 6.080   3.800   0.589   1.00 41.44  ? 64  THR A O     1 
ATOM   532  C  CB    . THR A 1 70  ? 7.863   6.310   0.285   1.00 42.22  ? 64  THR A CB    1 
ATOM   533  O  OG1   . THR A 1 70  ? 7.971   7.514   -0.485  1.00 50.39  ? 64  THR A OG1   1 
ATOM   534  C  CG2   . THR A 1 70  ? 9.064   6.119   1.082   1.00 46.10  ? 64  THR A CG2   1 
ATOM   535  N  N     . VAL A 1 71  ? 8.153   2.950   0.294   1.00 47.14  ? 65  VAL A N     1 
ATOM   536  C  CA    . VAL A 1 71  ? 7.835   1.588   0.745   1.00 51.55  ? 65  VAL A CA    1 
ATOM   537  C  C     . VAL A 1 71  ? 8.708   1.042   1.880   1.00 54.52  ? 65  VAL A C     1 
ATOM   538  O  O     . VAL A 1 71  ? 9.920   1.093   1.818   1.00 60.94  ? 65  VAL A O     1 
ATOM   539  C  CB    . VAL A 1 71  ? 7.954   0.613   -0.415  1.00 49.52  ? 65  VAL A CB    1 
ATOM   540  C  CG1   . VAL A 1 71  ? 7.533   -0.793  0.011   1.00 56.73  ? 65  VAL A CG1   1 
ATOM   541  C  CG2   . VAL A 1 71  ? 7.123   1.093   -1.585  1.00 50.13  ? 65  VAL A CG2   1 
ATOM   542  N  N     . TRP A 1 72  ? 8.081   0.495   2.913   1.00 53.25  ? 66  TRP A N     1 
ATOM   543  C  CA    . TRP A 1 72  ? 8.847   -0.186  3.942   1.00 52.22  ? 66  TRP A CA    1 
ATOM   544  C  C     . TRP A 1 72  ? 8.042   -1.261  4.677   1.00 50.49  ? 66  TRP A C     1 
ATOM   545  O  O     . TRP A 1 72  ? 6.823   -1.358  4.541   1.00 50.47  ? 66  TRP A O     1 
ATOM   546  C  CB    . TRP A 1 72  ? 9.543   0.806   4.888   1.00 51.65  ? 66  TRP A CB    1 
ATOM   547  C  CG    . TRP A 1 72  ? 8.653   1.645   5.744   1.00 51.78  ? 66  TRP A CG    1 
ATOM   548  C  CD1   . TRP A 1 72  ? 8.192   1.332   6.991   1.00 50.38  ? 66  TRP A CD1   1 
ATOM   549  C  CD2   . TRP A 1 72  ? 8.136   2.951   5.443   1.00 55.30  ? 66  TRP A CD2   1 
ATOM   550  N  NE1   . TRP A 1 72  ? 7.389   2.336   7.470   1.00 51.39  ? 66  TRP A NE1   1 
ATOM   551  C  CE2   . TRP A 1 72  ? 7.351   3.353   6.550   1.00 55.92  ? 66  TRP A CE2   1 
ATOM   552  C  CE3   . TRP A 1 72  ? 8.240   3.807   4.347   1.00 56.28  ? 66  TRP A CE3   1 
ATOM   553  C  CZ2   . TRP A 1 72  ? 6.683   4.568   6.589   1.00 52.51  ? 66  TRP A CZ2   1 
ATOM   554  C  CZ3   . TRP A 1 72  ? 7.571   5.027   4.392   1.00 55.86  ? 66  TRP A CZ3   1 
ATOM   555  C  CH2   . TRP A 1 72  ? 6.796   5.387   5.500   1.00 56.77  ? 66  TRP A CH2   1 
ATOM   556  N  N     . ASP A 1 73  ? 8.764   -2.134  5.362   1.00 50.79  ? 67  ASP A N     1 
ATOM   557  C  CA    . ASP A 1 73  ? 8.161   -3.167  6.161   1.00 53.20  ? 67  ASP A CA    1 
ATOM   558  C  C     . ASP A 1 73  ? 7.891   -2.595  7.540   1.00 51.93  ? 67  ASP A C     1 
ATOM   559  O  O     . ASP A 1 73  ? 8.602   -1.749  8.025   1.00 52.45  ? 67  ASP A O     1 
ATOM   560  C  CB    . ASP A 1 73  ? 9.053   -4.399  6.240   1.00 54.81  ? 67  ASP A CB    1 
ATOM   561  C  CG    . ASP A 1 73  ? 9.300   -5.046  4.870   1.00 59.70  ? 67  ASP A CG    1 
ATOM   562  O  OD1   . ASP A 1 73  ? 8.512   -4.875  3.915   1.00 56.00  ? 67  ASP A OD1   1 
ATOM   563  O  OD2   . ASP A 1 73  ? 10.314  -5.751  4.743   1.00 67.92  ? 67  ASP A OD2   1 
ATOM   564  N  N     . VAL A 1 74  ? 6.823   -3.069  8.151   1.00 59.46  ? 68  VAL A N     1 
ATOM   565  C  CA    . VAL A 1 74  ? 6.340   -2.575  9.444   1.00 60.38  ? 68  VAL A CA    1 
ATOM   566  C  C     . VAL A 1 74  ? 6.260   -3.843  10.347  1.00 63.76  ? 68  VAL A C     1 
ATOM   567  O  O     . VAL A 1 74  ? 6.132   -4.966  9.806   1.00 57.66  ? 68  VAL A O     1 
ATOM   568  C  CB    . VAL A 1 74  ? 5.021   -1.793  9.160   1.00 57.88  ? 68  VAL A CB    1 
ATOM   569  C  CG1   . VAL A 1 74  ? 3.797   -2.665  9.194   1.00 58.37  ? 68  VAL A CG1   1 
ATOM   570  C  CG2   . VAL A 1 74  ? 4.853   -0.631  10.090  1.00 65.31  ? 68  VAL A CG2   1 
ATOM   571  N  N     . GLY A 1 75  ? 6.408   -3.711  11.676  1.00 69.00  ? 69  GLY A N     1 
ATOM   572  C  CA    . GLY A 1 75  ? 6.390   -4.897  12.591  1.00 67.68  ? 69  GLY A CA    1 
ATOM   573  C  C     . GLY A 1 75  ? 7.751   -5.474  12.963  1.00 69.53  ? 69  GLY A C     1 
ATOM   574  O  O     . GLY A 1 75  ? 8.735   -5.279  12.258  1.00 64.63  ? 69  GLY A O     1 
ATOM   575  N  N     . GLY A 1 76  ? 7.816   -6.161  14.103  1.00 86.27  ? 70  GLY A N     1 
ATOM   576  C  CA    . GLY A 1 76  ? 9.097   -6.523  14.754  1.00 91.35  ? 70  GLY A CA    1 
ATOM   577  C  C     . GLY A 1 76  ? 10.165  -5.426  14.678  1.00 101.49 ? 70  GLY A C     1 
ATOM   578  O  O     . GLY A 1 76  ? 9.880   -4.260  14.981  1.00 102.78 ? 70  GLY A O     1 
ATOM   579  N  N     . GLN A 1 77  ? 11.383  -5.810  14.264  1.00 107.52 ? 71  GLN A N     1 
ATOM   580  C  CA    . GLN A 1 77  ? 12.509  -4.888  14.009  1.00 100.14 ? 71  GLN A CA    1 
ATOM   581  C  C     . GLN A 1 77  ? 12.701  -3.913  15.171  1.00 97.72  ? 71  GLN A C     1 
ATOM   582  O  O     . GLN A 1 77  ? 12.429  -2.718  15.048  1.00 87.92  ? 71  GLN A O     1 
ATOM   583  C  CB    . GLN A 1 77  ? 12.302  -4.149  12.676  1.00 95.21  ? 71  GLN A CB    1 
ATOM   584  N  N     . GLU A 1 78  ? 13.152  -4.456  16.304  1.00 113.09 ? 72  GLU A N     1 
ATOM   585  C  CA    . GLU A 1 78  ? 13.120  -3.761  17.602  1.00 119.04 ? 72  GLU A CA    1 
ATOM   586  C  C     . GLU A 1 78  ? 11.773  -3.004  17.729  1.00 118.49 ? 72  GLU A C     1 
ATOM   587  O  O     . GLU A 1 78  ? 10.726  -3.621  17.934  1.00 112.70 ? 72  GLU A O     1 
ATOM   588  C  CB    . GLU A 1 78  ? 14.360  -2.856  17.773  1.00 113.27 ? 72  GLU A CB    1 
ATOM   589  N  N     . LYS A 1 79  ? 11.814  -1.680  17.598  1.00 113.62 ? 73  LYS A N     1 
ATOM   590  C  CA    . LYS A 1 79  ? 10.647  -0.875  17.264  1.00 101.43 ? 73  LYS A CA    1 
ATOM   591  C  C     . LYS A 1 79  ? 11.297  0.408   16.760  1.00 101.74 ? 73  LYS A C     1 
ATOM   592  O  O     . LYS A 1 79  ? 11.668  1.285   17.541  1.00 93.28  ? 73  LYS A O     1 
ATOM   593  C  CB    . LYS A 1 79  ? 9.708   -0.669  18.476  1.00 100.00 ? 73  LYS A CB    1 
ATOM   594  C  CG    . LYS A 1 79  ? 8.278   -0.213  18.160  1.00 98.46  ? 73  LYS A CG    1 
ATOM   595  C  CD    . LYS A 1 79  ? 8.024   1.237   18.552  1.00 87.18  ? 73  LYS A CD    1 
ATOM   596  N  N     . LEU A 1 80  ? 11.506  0.460   15.443  1.00 106.55 ? 74  LEU A N     1 
ATOM   597  C  CA    . LEU A 1 80  ? 12.139  1.606   14.765  1.00 100.04 ? 74  LEU A CA    1 
ATOM   598  C  C     . LEU A 1 80  ? 11.134  2.692   14.359  1.00 92.18  ? 74  LEU A C     1 
ATOM   599  O  O     . LEU A 1 80  ? 11.459  3.515   13.498  1.00 91.09  ? 74  LEU A O     1 
ATOM   600  C  CB    . LEU A 1 80  ? 12.872  1.139   13.493  1.00 99.61  ? 74  LEU A CB    1 
ATOM   601  C  CG    . LEU A 1 80  ? 13.815  -0.075  13.535  1.00 100.24 ? 74  LEU A CG    1 
ATOM   602  C  CD1   . LEU A 1 80  ? 13.524  -1.059  12.400  1.00 98.28  ? 74  LEU A CD1   1 
ATOM   603  C  CD2   . LEU A 1 80  ? 15.274  0.354   13.505  1.00 102.51 ? 74  LEU A CD2   1 
ATOM   604  N  N     . ARG A 1 81  ? 9.950   2.713   14.993  1.00 89.92  ? 75  ARG A N     1 
ATOM   605  C  CA    . ARG A 1 81  ? 8.816   3.599   14.624  1.00 94.69  ? 75  ARG A CA    1 
ATOM   606  C  C     . ARG A 1 81  ? 9.147   5.089   14.341  1.00 96.97  ? 75  ARG A C     1 
ATOM   607  O  O     . ARG A 1 81  ? 8.540   5.665   13.434  1.00 101.21 ? 75  ARG A O     1 
ATOM   608  C  CB    . ARG A 1 81  ? 7.637   3.482   15.643  1.00 95.74  ? 75  ARG A CB    1 
ATOM   609  C  CG    . ARG A 1 81  ? 6.812   2.191   15.546  1.00 97.89  ? 75  ARG A CG    1 
ATOM   610  C  CD    . ARG A 1 81  ? 5.603   2.142   16.481  1.00 98.02  ? 75  ARG A CD    1 
ATOM   611  N  N     . PRO A 1 82  ? 10.079  5.715   15.109  1.00 95.11  ? 76  PRO A N     1 
ATOM   612  C  CA    . PRO A 1 82  ? 10.464  7.110   14.802  1.00 92.15  ? 76  PRO A CA    1 
ATOM   613  C  C     . PRO A 1 82  ? 11.232  7.308   13.487  1.00 94.64  ? 76  PRO A C     1 
ATOM   614  O  O     . PRO A 1 82  ? 10.985  8.298   12.785  1.00 102.21 ? 76  PRO A O     1 
ATOM   615  C  CB    . PRO A 1 82  ? 11.348  7.505   15.994  1.00 96.55  ? 76  PRO A CB    1 
ATOM   616  C  CG    . PRO A 1 82  ? 11.765  6.223   16.626  1.00 96.08  ? 76  PRO A CG    1 
ATOM   617  C  CD    . PRO A 1 82  ? 10.593  5.314   16.433  1.00 97.04  ? 76  PRO A CD    1 
ATOM   618  N  N     . LEU A 1 83  ? 12.145  6.386   13.163  1.00 91.60  ? 77  LEU A N     1 
ATOM   619  C  CA    . LEU A 1 83  ? 12.839  6.368   11.856  1.00 99.16  ? 77  LEU A CA    1 
ATOM   620  C  C     . LEU A 1 83  ? 11.899  6.464   10.613  1.00 111.84 ? 77  LEU A C     1 
ATOM   621  O  O     . LEU A 1 83  ? 12.297  7.035   9.578   1.00 110.74 ? 77  LEU A O     1 
ATOM   622  C  CB    . LEU A 1 83  ? 13.706  5.107   11.755  1.00 92.78  ? 77  LEU A CB    1 
ATOM   623  N  N     . TRP A 1 84  ? 10.673  5.913   10.729  1.00 113.09 ? 78  TRP A N     1 
ATOM   624  C  CA    . TRP A 1 84  ? 9.635   6.025   9.682   1.00 102.08 ? 78  TRP A CA    1 
ATOM   625  C  C     . TRP A 1 84  ? 9.180   7.454   9.566   1.00 98.98  ? 78  TRP A C     1 
ATOM   626  O  O     . TRP A 1 84  ? 9.423   8.099   8.560   1.00 104.13 ? 78  TRP A O     1 
ATOM   627  C  CB    . TRP A 1 84  ? 8.327   5.226   9.943   1.00 99.95  ? 78  TRP A CB    1 
ATOM   628  C  CG    . TRP A 1 84  ? 8.399   3.848   10.466  1.00 97.64  ? 78  TRP A CG    1 
ATOM   629  C  CD1   . TRP A 1 84  ? 9.462   2.991   10.433  1.00 101.33 ? 78  TRP A CD1   1 
ATOM   630  C  CD2   . TRP A 1 84  ? 7.330   3.138   11.089  1.00 94.68  ? 78  TRP A CD2   1 
ATOM   631  N  NE1   . TRP A 1 84  ? 9.126   1.792   11.030  1.00 94.96  ? 78  TRP A NE1   1 
ATOM   632  C  CE2   . TRP A 1 84  ? 7.818   1.854   11.435  1.00 93.00  ? 78  TRP A CE2   1 
ATOM   633  C  CE3   . TRP A 1 84  ? 6.005   3.469   11.411  1.00 100.45 ? 78  TRP A CE3   1 
ATOM   634  C  CZ2   . TRP A 1 84  ? 7.027   0.896   12.090  1.00 94.80  ? 78  TRP A CZ2   1 
ATOM   635  C  CZ3   . TRP A 1 84  ? 5.214   2.514   12.068  1.00 101.59 ? 78  TRP A CZ3   1 
ATOM   636  C  CH2   . TRP A 1 84  ? 5.734   1.245   12.400  1.00 101.59 ? 78  TRP A CH2   1 
ATOM   637  N  N     . ARG A 1 85  ? 8.562   7.944   10.638  1.00 93.58  ? 79  ARG A N     1 
ATOM   638  C  CA    . ARG A 1 85  ? 7.628   9.089   10.604  1.00 91.78  ? 79  ARG A CA    1 
ATOM   639  C  C     . ARG A 1 85  ? 8.055   10.273  9.718   1.00 86.64  ? 79  ARG A C     1 
ATOM   640  O  O     . ARG A 1 85  ? 7.217   10.950  9.136   1.00 78.75  ? 79  ARG A O     1 
ATOM   641  C  CB    . ARG A 1 85  ? 7.312   9.567   12.032  1.00 90.04  ? 79  ARG A CB    1 
ATOM   642  C  CG    . ARG A 1 85  ? 6.549   8.536   12.867  1.00 90.40  ? 79  ARG A CG    1 
ATOM   643  C  CD    . ARG A 1 85  ? 6.241   9.007   14.282  1.00 87.33  ? 79  ARG A CD    1 
ATOM   644  N  NE    . ARG A 1 85  ? 4.957   9.715   14.329  1.00 89.48  ? 79  ARG A NE    1 
ATOM   645  C  CZ    . ARG A 1 85  ? 4.756   11.003  14.637  1.00 85.42  ? 79  ARG A CZ    1 
ATOM   646  N  NH1   . ARG A 1 85  ? 5.759   11.819  14.991  1.00 78.48  ? 79  ARG A NH1   1 
ATOM   647  N  NH2   . ARG A 1 85  ? 3.509   11.482  14.605  1.00 78.54  ? 79  ARG A NH2   1 
ATOM   648  N  N     . HIS A 1 86  ? 9.355   10.507  9.598   1.00 89.33  ? 80  HIS A N     1 
ATOM   649  C  CA    . HIS A 1 86  ? 9.875   11.394  8.553   1.00 88.91  ? 80  HIS A CA    1 
ATOM   650  C  C     . HIS A 1 86  ? 9.192   11.140  7.177   1.00 84.54  ? 80  HIS A C     1 
ATOM   651  O  O     . HIS A 1 86  ? 8.864   12.084  6.457   1.00 91.70  ? 80  HIS A O     1 
ATOM   652  C  CB    . HIS A 1 86  ? 11.414  11.256  8.472   1.00 90.13  ? 80  HIS A CB    1 
ATOM   653  C  CG    . HIS A 1 86  ? 12.007  11.799  7.213   1.00 94.09  ? 80  HIS A CG    1 
ATOM   654  N  ND1   . HIS A 1 86  ? 12.812  11.044  6.389   1.00 98.91  ? 80  HIS A ND1   1 
ATOM   655  C  CD2   . HIS A 1 86  ? 11.882  13.010  6.619   1.00 100.48 ? 80  HIS A CD2   1 
ATOM   656  C  CE1   . HIS A 1 86  ? 13.164  11.773  5.342   1.00 109.37 ? 80  HIS A CE1   1 
ATOM   657  N  NE2   . HIS A 1 86  ? 12.614  12.969  5.457   1.00 106.06 ? 80  HIS A NE2   1 
ATOM   658  N  N     . TYR A 1 87  ? 8.969   9.868   6.830   1.00 79.31  ? 81  TYR A N     1 
ATOM   659  C  CA    . TYR A 1 87  ? 8.511   9.466   5.481   1.00 66.92  ? 81  TYR A CA    1 
ATOM   660  C  C     . TYR A 1 87  ? 7.009   9.641   5.231   1.00 61.79  ? 81  TYR A C     1 
ATOM   661  O  O     . TYR A 1 87  ? 6.567   9.630   4.071   1.00 66.82  ? 81  TYR A O     1 
ATOM   662  C  CB    . TYR A 1 87  ? 8.953   8.030   5.185   1.00 67.26  ? 81  TYR A CB    1 
ATOM   663  C  CG    . TYR A 1 87  ? 10.457  7.869   5.039   1.00 68.75  ? 81  TYR A CG    1 
ATOM   664  C  CD1   . TYR A 1 87  ? 11.124  8.381   3.930   1.00 71.08  ? 81  TYR A CD1   1 
ATOM   665  C  CD2   . TYR A 1 87  ? 11.219  7.213   6.014   1.00 80.12  ? 81  TYR A CD2   1 
ATOM   666  C  CE1   . TYR A 1 87  ? 12.501  8.251   3.792   1.00 75.80  ? 81  TYR A CE1   1 
ATOM   667  C  CE2   . TYR A 1 87  ? 12.600  7.073   5.875   1.00 83.62  ? 81  TYR A CE2   1 
ATOM   668  C  CZ    . TYR A 1 87  ? 13.227  7.590   4.757   1.00 75.87  ? 81  TYR A CZ    1 
ATOM   669  O  OH    . TYR A 1 87  ? 14.572  7.459   4.611   1.00 82.97  ? 81  TYR A OH    1 
ATOM   670  N  N     . PHE A 1 88  ? 6.240   9.832   6.311   1.00 61.79  ? 82  PHE A N     1 
ATOM   671  C  CA    . PHE A 1 88  ? 4.837   10.250  6.225   1.00 61.57  ? 82  PHE A CA    1 
ATOM   672  C  C     . PHE A 1 88  ? 4.617   11.695  5.810   1.00 70.79  ? 82  PHE A C     1 
ATOM   673  O  O     . PHE A 1 88  ? 3.472   12.073  5.577   1.00 77.50  ? 82  PHE A O     1 
ATOM   674  C  CB    . PHE A 1 88  ? 4.095   10.078  7.565   1.00 57.22  ? 82  PHE A CB    1 
ATOM   675  C  CG    . PHE A 1 88  ? 3.913   8.648   8.025   1.00 56.56  ? 82  PHE A CG    1 
ATOM   676  C  CD1   . PHE A 1 88  ? 3.835   7.561   7.125   1.00 57.69  ? 82  PHE A CD1   1 
ATOM   677  C  CD2   . PHE A 1 88  ? 3.747   8.386   9.377   1.00 54.85  ? 82  PHE A CD2   1 
ATOM   678  C  CE1   . PHE A 1 88  ? 3.631   6.255   7.584   1.00 56.64  ? 82  PHE A CE1   1 
ATOM   679  C  CE2   . PHE A 1 88  ? 3.577   7.084   9.842   1.00 62.53  ? 82  PHE A CE2   1 
ATOM   680  C  CZ    . PHE A 1 88  ? 3.517   6.013   8.943   1.00 61.16  ? 82  PHE A CZ    1 
ATOM   681  N  N     . ASN A 1 89  ? 5.660   12.517  5.720   1.00 77.82  ? 83  ASN A N     1 
ATOM   682  C  CA    . ASN A 1 89  ? 5.435   13.939  5.478   1.00 78.10  ? 83  ASN A CA    1 
ATOM   683  C  C     . ASN A 1 89  ? 4.610   14.126  4.211   1.00 73.52  ? 83  ASN A C     1 
ATOM   684  O  O     . ASN A 1 89  ? 4.861   13.475  3.197   1.00 74.34  ? 83  ASN A O     1 
ATOM   685  C  CB    . ASN A 1 89  ? 6.754   14.735  5.441   1.00 84.23  ? 83  ASN A CB    1 
ATOM   686  C  CG    . ASN A 1 89  ? 7.377   14.922  6.841   1.00 89.12  ? 83  ASN A CG    1 
ATOM   687  O  OD1   . ASN A 1 89  ? 6.672   15.022  7.865   1.00 77.47  ? 83  ASN A OD1   1 
ATOM   688  N  ND2   . ASN A 1 89  ? 8.711   14.969  6.883   1.00 89.87  ? 83  ASN A ND2   1 
ATOM   689  N  N     . ASN A 1 90  ? 3.622   15.016  4.336   1.00 71.07  ? 84  ASN A N     1 
ATOM   690  C  CA    . ASN A 1 90  ? 2.530   15.279  3.382   1.00 73.88  ? 84  ASN A CA    1 
ATOM   691  C  C     . ASN A 1 90  ? 2.179   14.162  2.394   1.00 68.14  ? 84  ASN A C     1 
ATOM   692  O  O     . ASN A 1 90  ? 2.249   14.299  1.169   1.00 62.85  ? 84  ASN A O     1 
ATOM   693  C  CB    . ASN A 1 90  ? 2.640   16.670  2.727   1.00 82.10  ? 84  ASN A CB    1 
ATOM   694  C  CG    . ASN A 1 90  ? 4.002   16.952  2.153   1.00 84.71  ? 84  ASN A CG    1 
ATOM   695  O  OD1   . ASN A 1 90  ? 4.994   16.333  2.529   1.00 83.09  ? 84  ASN A OD1   1 
ATOM   696  N  ND2   . ASN A 1 90  ? 4.057   17.913  1.233   1.00 84.47  ? 84  ASN A ND2   1 
ATOM   697  N  N     . THR A 1 91  ? 1.792   13.057  3.012   1.00 57.49  ? 85  THR A N     1 
ATOM   698  C  CA    . THR A 1 91  ? 1.282   11.890  2.354   1.00 53.95  ? 85  THR A CA    1 
ATOM   699  C  C     . THR A 1 91  ? -0.208  12.068  2.042   1.00 47.06  ? 85  THR A C     1 
ATOM   700  O  O     . THR A 1 91  ? -0.982  12.436  2.904   1.00 48.56  ? 85  THR A O     1 
ATOM   701  C  CB    . THR A 1 91  ? 1.389   10.673  3.285   1.00 51.90  ? 85  THR A CB    1 
ATOM   702  O  OG1   . THR A 1 91  ? 2.748   10.413  3.606   1.00 56.00  ? 85  THR A OG1   1 
ATOM   703  C  CG2   . THR A 1 91  ? 0.816   9.452   2.648   1.00 59.57  ? 85  THR A CG2   1 
ATOM   704  N  N     . ASP A 1 92  ? -0.589  11.724  0.821   1.00 43.76  ? 86  ASP A N     1 
ATOM   705  C  CA    . ASP A 1 92  ? -1.969  11.737  0.347   1.00 42.01  ? 86  ASP A CA    1 
ATOM   706  C  C     . ASP A 1 92  ? -2.696  10.393  0.583   1.00 39.84  ? 86  ASP A C     1 
ATOM   707  O  O     . ASP A 1 92  ? -3.905  10.337  0.790   1.00 41.12  ? 86  ASP A O     1 
ATOM   708  C  CB    . ASP A 1 92  ? -1.958  12.113  -1.136  1.00 45.74  ? 86  ASP A CB    1 
ATOM   709  C  CG    . ASP A 1 92  ? -1.284  13.483  -1.386  1.00 50.38  ? 86  ASP A CG    1 
ATOM   710  O  OD1   . ASP A 1 92  ? -1.888  14.500  -0.978  1.00 50.86  ? 86  ASP A OD1   1 
ATOM   711  O  OD2   . ASP A 1 92  ? -0.162  13.547  -1.965  1.00 49.38  ? 86  ASP A OD2   1 
ATOM   712  N  N     . GLY A 1 93  ? -1.953  9.306   0.575   1.00 38.46  ? 87  GLY A N     1 
ATOM   713  C  CA    . GLY A 1 93  ? -2.574  7.982   0.589   1.00 40.15  ? 87  GLY A CA    1 
ATOM   714  C  C     . GLY A 1 93  ? -1.701  6.923   1.170   1.00 36.09  ? 87  GLY A C     1 
ATOM   715  O  O     . GLY A 1 93  ? -0.482  6.995   1.100   1.00 36.33  ? 87  GLY A O     1 
ATOM   716  N  N     . LEU A 1 94  ? -2.336  5.934   1.741   1.00 37.23  ? 88  LEU A N     1 
ATOM   717  C  CA    . LEU A 1 94  ? -1.646  4.774   2.308   1.00 41.09  ? 88  LEU A CA    1 
ATOM   718  C  C     . LEU A 1 94  ? -2.072  3.601   1.476   1.00 36.30  ? 88  LEU A C     1 
ATOM   719  O  O     . LEU A 1 94  ? -3.257  3.461   1.255   1.00 33.94  ? 88  LEU A O     1 
ATOM   720  C  CB    . LEU A 1 94  ? -2.212  4.495   3.706   1.00 38.52  ? 88  LEU A CB    1 
ATOM   721  C  CG    . LEU A 1 94  ? -1.464  3.676   4.741   1.00 41.19  ? 88  LEU A CG    1 
ATOM   722  C  CD1   . LEU A 1 94  ? -2.472  2.908   5.603   1.00 43.69  ? 88  LEU A CD1   1 
ATOM   723  C  CD2   . LEU A 1 94  ? -0.390  2.769   4.204   1.00 41.56  ? 88  LEU A CD2   1 
ATOM   724  N  N     . ILE A 1 95  ? -1.147  2.748   1.056   1.00 37.62  ? 89  ILE A N     1 
ATOM   725  C  CA    . ILE A 1 95  ? -1.521  1.428   0.572   1.00 34.16  ? 89  ILE A CA    1 
ATOM   726  C  C     . ILE A 1 95  ? -1.055  0.480   1.656   1.00 34.06  ? 89  ILE A C     1 
ATOM   727  O  O     . ILE A 1 95  ? 0.122   0.427   1.985   1.00 34.21  ? 89  ILE A O     1 
ATOM   728  C  CB    . ILE A 1 95  ? -0.806  1.025   -0.710  1.00 36.92  ? 89  ILE A CB    1 
ATOM   729  C  CG1   . ILE A 1 95  ? -0.814  2.103   -1.783  1.00 46.38  ? 89  ILE A CG1   1 
ATOM   730  C  CG2   . ILE A 1 95  ? -1.366  -0.255  -1.277  1.00 37.62  ? 89  ILE A CG2   1 
ATOM   731  C  CD1   . ILE A 1 95  ? -2.146  2.633   -2.147  1.00 55.92  ? 89  ILE A CD1   1 
ATOM   732  N  N     . PHE A 1 96  ? -1.937  -0.296  2.229   1.00 36.24  ? 90  PHE A N     1 
ATOM   733  C  CA    . PHE A 1 96  ? -1.477  -1.252  3.218   1.00 37.74  ? 90  PHE A CA    1 
ATOM   734  C  C     . PHE A 1 96  ? -1.707  -2.587  2.601   1.00 37.36  ? 90  PHE A C     1 
ATOM   735  O  O     . PHE A 1 96  ? -2.826  -2.859  2.238   1.00 37.20  ? 90  PHE A O     1 
ATOM   736  C  CB    . PHE A 1 96  ? -2.262  -1.143  4.511   1.00 36.98  ? 90  PHE A CB    1 
ATOM   737  C  CG    . PHE A 1 96  ? -1.681  -1.958  5.594   1.00 38.60  ? 90  PHE A CG    1 
ATOM   738  C  CD1   . PHE A 1 96  ? -0.627  -1.458  6.363   1.00 39.16  ? 90  PHE A CD1   1 
ATOM   739  C  CD2   . PHE A 1 96  ? -2.137  -3.252  5.843   1.00 39.09  ? 90  PHE A CD2   1 
ATOM   740  C  CE1   . PHE A 1 96  ? -0.057  -2.219  7.366   1.00 38.21  ? 90  PHE A CE1   1 
ATOM   741  C  CE2   . PHE A 1 96  ? -1.570  -4.007  6.876   1.00 38.37  ? 90  PHE A CE2   1 
ATOM   742  C  CZ    . PHE A 1 96  ? -0.528  -3.498  7.617   1.00 37.35  ? 90  PHE A CZ    1 
ATOM   743  N  N     . VAL A 1 97  ? -0.660  -3.420  2.509   1.00 39.70  ? 91  VAL A N     1 
ATOM   744  C  CA    . VAL A 1 97  ? -0.747  -4.716  1.870   1.00 40.61  ? 91  VAL A CA    1 
ATOM   745  C  C     . VAL A 1 97  ? -0.783  -5.866  2.892   1.00 44.14  ? 91  VAL A C     1 
ATOM   746  O  O     . VAL A 1 97  ? 0.020   -5.911  3.830   1.00 39.83  ? 91  VAL A O     1 
ATOM   747  C  CB    . VAL A 1 97  ? 0.445   -4.934  0.904   1.00 42.45  ? 91  VAL A CB    1 
ATOM   748  C  CG1   . VAL A 1 97  ? 0.223   -6.175  0.038   1.00 37.63  ? 91  VAL A CG1   1 
ATOM   749  C  CG2   . VAL A 1 97  ? 0.691   -3.692  0.058   1.00 42.82  ? 91  VAL A CG2   1 
ATOM   750  N  N     . VAL A 1 98  ? -1.688  -6.825  2.691   1.00 48.93  ? 92  VAL A N     1 
ATOM   751  C  CA    . VAL A 1 98  ? -1.734  -7.968  3.593   1.00 46.85  ? 92  VAL A CA    1 
ATOM   752  C  C     . VAL A 1 98  ? -1.664  -9.292  2.876   1.00 44.74  ? 92  VAL A C     1 
ATOM   753  O  O     . VAL A 1 98  ? -2.304  -9.473  1.831   1.00 41.44  ? 92  VAL A O     1 
ATOM   754  C  CB    . VAL A 1 98  ? -2.897  -7.883  4.647   1.00 52.28  ? 92  VAL A CB    1 
ATOM   755  C  CG1   . VAL A 1 98  ? -3.736  -6.628  4.494   1.00 51.08  ? 92  VAL A CG1   1 
ATOM   756  C  CG2   . VAL A 1 98  ? -3.722  -9.161  4.777   1.00 49.75  ? 92  VAL A CG2   1 
ATOM   757  N  N     . ASP A 1 99  ? -0.861  -10.205 3.456   1.00 41.87  ? 93  ASP A N     1 
ATOM   758  C  CA    . ASP A 1 99  ? -0.884  -11.637 3.073   1.00 42.29  ? 93  ASP A CA    1 
ATOM   759  C  C     . ASP A 1 99  ? -2.192  -12.294 3.535   1.00 46.59  ? 93  ASP A C     1 
ATOM   760  O  O     . ASP A 1 99  ? -2.318  -12.697 4.713   1.00 42.25  ? 93  ASP A O     1 
ATOM   761  C  CB    . ASP A 1 99  ? 0.303   -12.358 3.679   1.00 44.54  ? 93  ASP A CB    1 
ATOM   762  C  CG    . ASP A 1 99  ? 0.443   -13.778 3.177   1.00 45.68  ? 93  ASP A CG    1 
ATOM   763  O  OD1   . ASP A 1 99  ? -0.568  -14.392 2.750   1.00 46.09  ? 93  ASP A OD1   1 
ATOM   764  O  OD2   . ASP A 1 99  ? 1.588   -14.278 3.201   1.00 40.97  ? 93  ASP A OD2   1 
ATOM   765  N  N     . SER A 1 100 ? -3.156  -12.412 2.617   1.00 47.18  ? 94  SER A N     1 
ATOM   766  C  CA    . SER A 1 100 ? -4.427  -13.025 2.956   1.00 48.63  ? 94  SER A CA    1 
ATOM   767  C  C     . SER A 1 100 ? -4.368  -14.509 3.315   1.00 56.08  ? 94  SER A C     1 
ATOM   768  O  O     . SER A 1 100 ? -5.385  -15.042 3.797   1.00 58.82  ? 94  SER A O     1 
ATOM   769  C  CB    . SER A 1 100 ? -5.438  -12.857 1.839   1.00 50.97  ? 94  SER A CB    1 
ATOM   770  O  OG    . SER A 1 100 ? -5.418  -11.569 1.311   1.00 46.18  ? 94  SER A OG    1 
ATOM   771  N  N     . GLN A 1 101 ? -3.246  -15.192 3.058   1.00 56.27  ? 95  GLN A N     1 
ATOM   772  C  CA    . GLN A 1 101 ? -3.136  -16.601 3.433   1.00 64.89  ? 95  GLN A CA    1 
ATOM   773  C  C     . GLN A 1 101 ? -2.610  -16.743 4.838   1.00 64.96  ? 95  GLN A C     1 
ATOM   774  O  O     . GLN A 1 101 ? -2.975  -17.676 5.534   1.00 71.62  ? 95  GLN A O     1 
ATOM   775  C  CB    . GLN A 1 101 ? -2.257  -17.404 2.472   1.00 77.97  ? 95  GLN A CB    1 
ATOM   776  C  CG    . GLN A 1 101 ? -2.787  -18.814 2.216   1.00 87.12  ? 95  GLN A CG    1 
ATOM   777  C  CD    . GLN A 1 101 ? -2.953  -19.633 3.481   1.00 97.24  ? 95  GLN A CD    1 
ATOM   778  O  OE1   . GLN A 1 101 ? -4.066  -20.052 3.840   1.00 100.89 ? 95  GLN A OE1   1 
ATOM   779  N  NE2   . GLN A 1 101 ? -1.849  -19.820 4.193   1.00 95.91  ? 95  GLN A NE2   1 
ATOM   780  N  N     . ASP A 1 102 ? -1.762  -15.819 5.258   1.00 64.14  ? 96  ASP A N     1 
ATOM   781  C  CA    . ASP A 1 102 ? -1.148  -15.868 6.586   1.00 64.54  ? 96  ASP A CA    1 
ATOM   782  C  C     . ASP A 1 102 ? -2.149  -15.485 7.707   1.00 63.97  ? 96  ASP A C     1 
ATOM   783  O  O     . ASP A 1 102 ? -2.119  -14.369 8.218   1.00 64.60  ? 96  ASP A O     1 
ATOM   784  C  CB    . ASP A 1 102 ? 0.091   -14.960 6.586   1.00 62.96  ? 96  ASP A CB    1 
ATOM   785  C  CG    . ASP A 1 102 ? 0.983   -15.185 7.765   1.00 63.28  ? 96  ASP A CG    1 
ATOM   786  O  OD1   . ASP A 1 102 ? 0.554   -15.850 8.718   1.00 73.16  ? 96  ASP A OD1   1 
ATOM   787  O  OD2   . ASP A 1 102 ? 2.124   -14.691 7.758   1.00 61.93  ? 96  ASP A OD2   1 
ATOM   788  N  N     . ARG A 1 103 ? -3.041  -16.416 8.067   1.00 65.08  ? 97  ARG A N     1 
ATOM   789  C  CA    . ARG A 1 103 ? -4.031  -16.215 9.167   1.00 67.38  ? 97  ARG A CA    1 
ATOM   790  C  C     . ARG A 1 103 ? -3.357  -15.884 10.522  1.00 73.77  ? 97  ARG A C     1 
ATOM   791  O  O     . ARG A 1 103 ? -3.902  -15.097 11.313  1.00 67.75  ? 97  ARG A O     1 
ATOM   792  C  CB    . ARG A 1 103 ? -4.933  -17.459 9.322   1.00 64.55  ? 97  ARG A CB    1 
ATOM   793  C  CG    . ARG A 1 103 ? -5.990  -17.582 8.235   1.00 62.84  ? 97  ARG A CG    1 
ATOM   794  C  CD    . ARG A 1 103 ? -6.423  -18.994 7.873   1.00 58.86  ? 97  ARG A CD    1 
ATOM   795  N  NE    . ARG A 1 103 ? -7.281  -19.021 6.671   1.00 56.50  ? 97  ARG A NE    1 
ATOM   796  C  CZ    . ARG A 1 103 ? -8.568  -18.624 6.634   1.00 63.76  ? 97  ARG A CZ    1 
ATOM   797  N  NH1   . ARG A 1 103 ? -9.166  -18.156 7.721   1.00 62.89  ? 97  ARG A NH1   1 
ATOM   798  N  NH2   . ARG A 1 103 ? -9.280  -18.674 5.498   1.00 61.87  ? 97  ARG A NH2   1 
ATOM   799  N  N     . ASP A 1 104 ? -2.180  -16.484 10.761  1.00 68.36  ? 98  ASP A N     1 
ATOM   800  C  CA    . ASP A 1 104 ? -1.419  -16.276 11.990  1.00 70.98  ? 98  ASP A CA    1 
ATOM   801  C  C     . ASP A 1 104 ? -0.968  -14.836 12.206  1.00 70.12  ? 98  ASP A C     1 
ATOM   802  O  O     . ASP A 1 104 ? -1.185  -14.264 13.276  1.00 66.34  ? 98  ASP A O     1 
ATOM   803  C  CB    . ASP A 1 104 ? -0.203  -17.212 12.037  1.00 72.32  ? 98  ASP A CB    1 
ATOM   804  C  CG    . ASP A 1 104 ? -0.601  -18.690 12.210  1.00 79.94  ? 98  ASP A CG    1 
ATOM   805  O  OD1   . ASP A 1 104 ? -1.683  -18.954 12.783  1.00 76.44  ? 98  ASP A OD1   1 
ATOM   806  O  OD2   . ASP A 1 104 ? 0.158   -19.588 11.767  1.00 80.48  ? 98  ASP A OD2   1 
ATOM   807  N  N     . ARG A 1 105 ? -0.368  -14.232 11.187  1.00 64.20  ? 99  ARG A N     1 
ATOM   808  C  CA    . ARG A 1 105 ? 0.197   -12.894 11.357  1.00 58.38  ? 99  ARG A CA    1 
ATOM   809  C  C     . ARG A 1 105 ? -0.776  -11.712 11.103  1.00 54.51  ? 99  ARG A C     1 
ATOM   810  O  O     . ARG A 1 105 ? -0.381  -10.566 11.208  1.00 57.39  ? 99  ARG A O     1 
ATOM   811  C  CB    . ARG A 1 105 ? 1.480   -12.772 10.540  1.00 58.57  ? 99  ARG A CB    1 
ATOM   812  C  CG    . ARG A 1 105 ? 2.582   -13.692 11.021  1.00 53.58  ? 99  ARG A CG    1 
ATOM   813  C  CD    . ARG A 1 105 ? 3.920   -13.026 10.878  1.00 60.19  ? 99  ARG A CD    1 
ATOM   814  N  NE    . ARG A 1 105 ? 4.251   -12.780 9.478   1.00 66.18  ? 99  ARG A NE    1 
ATOM   815  C  CZ    . ARG A 1 105 ? 5.209   -11.947 9.050   1.00 74.57  ? 99  ARG A CZ    1 
ATOM   816  N  NH1   . ARG A 1 105 ? 5.941   -11.208 9.885   1.00 81.42  ? 99  ARG A NH1   1 
ATOM   817  N  NH2   . ARG A 1 105 ? 5.431   -11.830 7.750   1.00 81.64  ? 99  ARG A NH2   1 
ATOM   818  N  N     . ILE A 1 106 ? -2.049  -11.988 10.842  1.00 49.52  ? 100 ILE A N     1 
ATOM   819  C  CA    . ILE A 1 106 ? -2.997  -10.936 10.606  1.00 52.28  ? 100 ILE A CA    1 
ATOM   820  C  C     . ILE A 1 106 ? -3.372  -10.087 11.819  1.00 50.03  ? 100 ILE A C     1 
ATOM   821  O  O     . ILE A 1 106 ? -3.749  -8.930  11.639  1.00 56.09  ? 100 ILE A O     1 
ATOM   822  C  CB    . ILE A 1 106 ? -4.286  -11.452 9.915   1.00 58.79  ? 100 ILE A CB    1 
ATOM   823  C  CG1   . ILE A 1 106 ? -5.066  -10.263 9.325   1.00 60.95  ? 100 ILE A CG1   1 
ATOM   824  C  CG2   . ILE A 1 106 ? -5.154  -12.270 10.869  1.00 62.97  ? 100 ILE A CG2   1 
ATOM   825  C  CD1   . ILE A 1 106 ? -6.081  -10.622 8.281   1.00 67.45  ? 100 ILE A CD1   1 
ATOM   826  N  N     . GLY A 1 107 ? -3.325  -10.627 13.033  1.00 46.81  ? 101 GLY A N     1 
ATOM   827  C  CA    . GLY A 1 107 ? -3.550  -9.783  14.203  1.00 45.91  ? 101 GLY A CA    1 
ATOM   828  C  C     . GLY A 1 107 ? -2.476  -8.721  14.254  1.00 46.55  ? 101 GLY A C     1 
ATOM   829  O  O     . GLY A 1 107 ? -2.782  -7.543  14.444  1.00 55.99  ? 101 GLY A O     1 
ATOM   830  N  N     . LYS A 1 108 ? -1.225  -9.151  14.052  1.00 43.32  ? 102 LYS A N     1 
ATOM   831  C  CA    . LYS A 1 108 ? -0.078  -8.255  13.958  1.00 51.48  ? 102 LYS A CA    1 
ATOM   832  C  C     . LYS A 1 108 ? -0.249  -7.166  12.872  1.00 54.37  ? 102 LYS A C     1 
ATOM   833  O  O     . LYS A 1 108 ? -0.022  -5.991  13.104  1.00 55.78  ? 102 LYS A O     1 
ATOM   834  C  CB    . LYS A 1 108 ? 1.185   -9.097  13.715  1.00 52.71  ? 102 LYS A CB    1 
ATOM   835  C  CG    . LYS A 1 108 ? 2.488   -8.345  13.509  1.00 58.87  ? 102 LYS A CG    1 
ATOM   836  C  CD    . LYS A 1 108 ? 2.777   -7.305  14.573  1.00 70.95  ? 102 LYS A CD    1 
ATOM   837  C  CE    . LYS A 1 108 ? 4.276   -7.088  14.759  1.00 75.79  ? 102 LYS A CE    1 
ATOM   838  N  NZ    . LYS A 1 108 ? 4.537   -6.076  15.824  1.00 78.95  ? 102 LYS A NZ    1 
ATOM   839  N  N     . ALA A 1 109 ? -0.684  -7.587  11.699  1.00 51.81  ? 103 ALA A N     1 
ATOM   840  C  CA    . ALA A 1 109 ? -0.884  -6.697  10.589  1.00 52.58  ? 103 ALA A CA    1 
ATOM   841  C  C     . ALA A 1 109 ? -1.973  -5.665  10.926  1.00 50.75  ? 103 ALA A C     1 
ATOM   842  O  O     . ALA A 1 109 ? -1.836  -4.471  10.637  1.00 48.87  ? 103 ALA A O     1 
ATOM   843  C  CB    . ALA A 1 109 ? -1.244  -7.505  9.332   1.00 54.48  ? 103 ALA A CB    1 
ATOM   844  N  N     . ALA A 1 110 ? -3.048  -6.122  11.552  1.00 52.52  ? 104 ALA A N     1 
ATOM   845  C  CA    . ALA A 1 110 ? -4.111  -5.223  11.990  1.00 51.34  ? 104 ALA A CA    1 
ATOM   846  C  C     . ALA A 1 110 ? -3.602  -4.240  13.045  1.00 56.61  ? 104 ALA A C     1 
ATOM   847  O  O     . ALA A 1 110 ? -3.874  -3.033  12.961  1.00 55.80  ? 104 ALA A O     1 
ATOM   848  C  CB    . ALA A 1 110 ? -5.276  -6.006  12.528  1.00 50.68  ? 104 ALA A CB    1 
ATOM   849  N  N     . GLN A 1 111 ? -2.839  -4.743  14.005  1.00 55.17  ? 105 GLN A N     1 
ATOM   850  C  CA    . GLN A 1 111 ? -2.203  -3.875  14.984  1.00 57.55  ? 105 GLN A CA    1 
ATOM   851  C  C     . GLN A 1 111 ? -1.439  -2.803  14.229  1.00 53.66  ? 105 GLN A C     1 
ATOM   852  O  O     . GLN A 1 111 ? -1.746  -1.637  14.376  1.00 52.44  ? 105 GLN A O     1 
ATOM   853  C  CB    . GLN A 1 111 ? -1.269  -4.661  15.925  1.00 61.55  ? 105 GLN A CB    1 
ATOM   854  C  CG    . GLN A 1 111 ? -0.350  -3.805  16.790  1.00 69.18  ? 105 GLN A CG    1 
ATOM   855  C  CD    . GLN A 1 111 ? 0.278   -4.555  17.959  1.00 68.85  ? 105 GLN A CD    1 
ATOM   856  O  OE1   . GLN A 1 111 ? 1.482   -4.801  17.981  1.00 74.06  ? 105 GLN A OE1   1 
ATOM   857  N  NE2   . GLN A 1 111 ? -0.540  -4.895  18.948  1.00 75.12  ? 105 GLN A NE2   1 
ATOM   858  N  N     . GLU A 1 112 ? -0.494  -3.216  13.377  1.00 54.68  ? 106 GLU A N     1 
ATOM   859  C  CA    . GLU A 1 112 ? 0.367   -2.285  12.634  1.00 50.72  ? 106 GLU A CA    1 
ATOM   860  C  C     . GLU A 1 112 ? -0.407  -1.239  11.830  1.00 46.82  ? 106 GLU A C     1 
ATOM   861  O  O     . GLU A 1 112 ? -0.166  -0.034  11.932  1.00 45.98  ? 106 GLU A O     1 
ATOM   862  C  CB    . GLU A 1 112 ? 1.311   -3.047  11.715  1.00 53.28  ? 106 GLU A CB    1 
ATOM   863  C  CG    . GLU A 1 112 ? 2.344   -3.875  12.452  1.00 57.31  ? 106 GLU A CG    1 
ATOM   864  C  CD    . GLU A 1 112 ? 3.054   -3.128  13.560  1.00 61.58  ? 106 GLU A CD    1 
ATOM   865  O  OE1   . GLU A 1 112 ? 3.742   -2.123  13.306  1.00 60.49  ? 106 GLU A OE1   1 
ATOM   866  O  OE2   . GLU A 1 112 ? 2.936   -3.578  14.710  1.00 75.16  ? 106 GLU A OE2   1 
ATOM   867  N  N     . PHE A 1 113 ? -1.336  -1.736  11.049  1.00 43.36  ? 107 PHE A N     1 
ATOM   868  C  CA    . PHE A 1 113 ? -2.281  -0.931  10.318  1.00 45.20  ? 107 PHE A CA    1 
ATOM   869  C  C     . PHE A 1 113 ? -2.969  0.075   11.215  1.00 48.57  ? 107 PHE A C     1 
ATOM   870  O  O     . PHE A 1 113 ? -3.040  1.244   10.915  1.00 52.53  ? 107 PHE A O     1 
ATOM   871  C  CB    . PHE A 1 113 ? -3.357  -1.838  9.726   1.00 42.40  ? 107 PHE A CB    1 
ATOM   872  C  CG    . PHE A 1 113 ? -4.416  -1.096  8.965   1.00 41.66  ? 107 PHE A CG    1 
ATOM   873  C  CD1   . PHE A 1 113 ? -4.092  -0.415  7.779   1.00 42.90  ? 107 PHE A CD1   1 
ATOM   874  C  CD2   . PHE A 1 113 ? -5.709  -1.069  9.402   1.00 40.62  ? 107 PHE A CD2   1 
ATOM   875  C  CE1   . PHE A 1 113 ? -5.050  0.273   7.067   1.00 42.15  ? 107 PHE A CE1   1 
ATOM   876  C  CE2   . PHE A 1 113 ? -6.679  -0.381  8.694   1.00 46.33  ? 107 PHE A CE2   1 
ATOM   877  C  CZ    . PHE A 1 113 ? -6.357  0.295   7.525   1.00 46.34  ? 107 PHE A CZ    1 
ATOM   878  N  N     . GLN A 1 114 ? -3.464  -0.397  12.331  1.00 51.52  ? 108 GLN A N     1 
ATOM   879  C  CA    . GLN A 1 114 ? -4.167  0.460   13.245  1.00 55.66  ? 108 GLN A CA    1 
ATOM   880  C  C     . GLN A 1 114 ? -3.207  1.574   13.789  1.00 50.26  ? 108 GLN A C     1 
ATOM   881  O  O     . GLN A 1 114 ? -3.585  2.729   13.884  1.00 50.18  ? 108 GLN A O     1 
ATOM   882  C  CB    . GLN A 1 114 ? -4.853  -0.426  14.319  1.00 58.66  ? 108 GLN A CB    1 
ATOM   883  C  CG    . GLN A 1 114 ? -6.205  0.045   14.802  1.00 69.74  ? 108 GLN A CG    1 
ATOM   884  C  CD    . GLN A 1 114 ? -7.094  0.610   13.711  1.00 72.37  ? 108 GLN A CD    1 
ATOM   885  O  OE1   . GLN A 1 114 ? -7.224  1.839   13.584  1.00 75.75  ? 108 GLN A OE1   1 
ATOM   886  N  NE2   . GLN A 1 114 ? -7.694  -0.269  12.909  1.00 62.46  ? 108 GLN A NE2   1 
ATOM   887  N  N     . ALA A 1 115 ? -1.946  1.254   14.038  1.00 47.88  ? 109 ALA A N     1 
ATOM   888  C  CA    . ALA A 1 115 ? -0.947  2.281   14.429  1.00 48.80  ? 109 ALA A CA    1 
ATOM   889  C  C     . ALA A 1 115 ? -0.596  3.313   13.371  1.00 44.91  ? 109 ALA A C     1 
ATOM   890  O  O     . ALA A 1 115 ? -0.101  4.396   13.681  1.00 42.67  ? 109 ALA A O     1 
ATOM   891  C  CB    . ALA A 1 115 ? 0.341   1.601   14.852  1.00 49.24  ? 109 ALA A CB    1 
ATOM   892  N  N     . ILE A 1 116 ? -0.726  2.947   12.099  1.00 47.34  ? 110 ILE A N     1 
ATOM   893  C  CA    . ILE A 1 116 ? -0.451  3.901   11.052  1.00 44.09  ? 110 ILE A CA    1 
ATOM   894  C  C     . ILE A 1 116 ? -1.640  4.851   11.024  1.00 44.57  ? 110 ILE A C     1 
ATOM   895  O  O     . ILE A 1 116 ? -1.486  6.076   10.956  1.00 44.66  ? 110 ILE A O     1 
ATOM   896  C  CB    . ILE A 1 116 ? -0.263  3.226   9.685   1.00 46.47  ? 110 ILE A CB    1 
ATOM   897  C  CG1   . ILE A 1 116 ? 1.004   2.400   9.665   1.00 46.91  ? 110 ILE A CG1   1 
ATOM   898  C  CG2   . ILE A 1 116 ? -0.189  4.246   8.546   1.00 45.77  ? 110 ILE A CG2   1 
ATOM   899  C  CD1   . ILE A 1 116 ? 0.896   1.250   8.663   1.00 49.01  ? 110 ILE A CD1   1 
ATOM   900  N  N     . LEU A 1 117 ? -2.832  4.279   11.085  1.00 42.32  ? 111 LEU A N     1 
ATOM   901  C  CA    . LEU A 1 117 ? -4.035  5.080   11.047  1.00 47.47  ? 111 LEU A CA    1 
ATOM   902  C  C     . LEU A 1 117 ? -4.093  6.165   12.139  1.00 50.03  ? 111 LEU A C     1 
ATOM   903  O  O     . LEU A 1 117 ? -4.448  7.316   11.859  1.00 47.68  ? 111 LEU A O     1 
ATOM   904  C  CB    . LEU A 1 117 ? -5.283  4.175   11.107  1.00 49.26  ? 111 LEU A CB    1 
ATOM   905  C  CG    . LEU A 1 117 ? -5.653  3.334   9.887   1.00 52.29  ? 111 LEU A CG    1 
ATOM   906  C  CD1   . LEU A 1 117 ? -7.087  2.819   10.021  1.00 55.52  ? 111 LEU A CD1   1 
ATOM   907  C  CD2   . LEU A 1 117 ? -5.452  4.108   8.585   1.00 54.96  ? 111 LEU A CD2   1 
ATOM   908  N  N     . GLN A 1 118 ? -3.728  5.799   13.363  1.00 50.53  ? 112 GLN A N     1 
ATOM   909  C  CA    . GLN A 1 118 ? -3.742  6.728   14.476  1.00 49.42  ? 112 GLN A CA    1 
ATOM   910  C  C     . GLN A 1 118 ? -2.611  7.753   14.441  1.00 45.96  ? 112 GLN A C     1 
ATOM   911  O  O     . GLN A 1 118 ? -2.628  8.676   15.236  1.00 55.49  ? 112 GLN A O     1 
ATOM   912  C  CB    . GLN A 1 118 ? -3.653  5.944   15.797  1.00 54.17  ? 112 GLN A CB    1 
ATOM   913  C  CG    . GLN A 1 118 ? -4.841  5.038   16.069  1.00 54.81  ? 112 GLN A CG    1 
ATOM   914  C  CD    . GLN A 1 118 ? -4.614  4.090   17.253  1.00 68.41  ? 112 GLN A CD    1 
ATOM   915  O  OE1   . GLN A 1 118 ? -3.501  3.987   17.828  1.00 65.51  ? 112 GLN A OE1   1 
ATOM   916  N  NE2   . GLN A 1 118 ? -5.692  3.413   17.651  1.00 64.21  ? 112 GLN A NE2   1 
ATOM   917  N  N     . ASP A 1 119 ? -1.602  7.602   13.586  1.00 44.05  ? 113 ASP A N     1 
ATOM   918  C  CA    . ASP A 1 119 ? -0.534  8.599   13.531  1.00 45.18  ? 113 ASP A CA    1 
ATOM   919  C  C     . ASP A 1 119 ? -1.156  9.892   13.036  1.00 53.52  ? 113 ASP A C     1 
ATOM   920  O  O     . ASP A 1 119 ? -1.896  9.872   12.065  1.00 58.18  ? 113 ASP A O     1 
ATOM   921  C  CB    . ASP A 1 119 ? 0.591   8.152   12.629  1.00 45.73  ? 113 ASP A CB    1 
ATOM   922  C  CG    . ASP A 1 119 ? 1.762   9.118   12.602  1.00 54.14  ? 113 ASP A CG    1 
ATOM   923  O  OD1   . ASP A 1 119 ? 1.604   10.284  12.187  1.00 60.98  ? 113 ASP A OD1   1 
ATOM   924  O  OD2   . ASP A 1 119 ? 2.884   8.700   12.951  1.00 59.02  ? 113 ASP A OD2   1 
ATOM   925  N  N     . PRO A 1 120 ? -0.904  11.018  13.725  1.00 55.99  ? 114 PRO A N     1 
ATOM   926  C  CA    . PRO A 1 120 ? -1.389  12.340  13.310  1.00 57.49  ? 114 PRO A CA    1 
ATOM   927  C  C     . PRO A 1 120 ? -1.227  12.678  11.837  1.00 56.06  ? 114 PRO A C     1 
ATOM   928  O  O     . PRO A 1 120 ? -2.132  13.267  11.233  1.00 59.11  ? 114 PRO A O     1 
ATOM   929  C  CB    . PRO A 1 120 ? -0.522  13.284  14.120  1.00 55.52  ? 114 PRO A CB    1 
ATOM   930  C  CG    . PRO A 1 120 ? -0.355  12.537  15.394  1.00 62.82  ? 114 PRO A CG    1 
ATOM   931  C  CD    . PRO A 1 120 ? -0.301  11.076  15.063  1.00 59.19  ? 114 PRO A CD    1 
ATOM   932  N  N     . LEU A 1 121 ? -0.075  12.326  11.281  1.00 51.28  ? 115 LEU A N     1 
ATOM   933  C  CA    . LEU A 1 121 ? 0.234   12.664  9.911   1.00 51.81  ? 115 LEU A CA    1 
ATOM   934  C  C     . LEU A 1 121 ? -0.628  11.891  8.904   1.00 49.07  ? 115 LEU A C     1 
ATOM   935  O  O     . LEU A 1 121 ? -0.682  12.265  7.760   1.00 51.35  ? 115 LEU A O     1 
ATOM   936  C  CB    . LEU A 1 121 ? 1.707   12.421  9.639   1.00 53.51  ? 115 LEU A CB    1 
ATOM   937  C  CG    . LEU A 1 121 ? 2.645   13.408  10.321  1.00 59.52  ? 115 LEU A CG    1 
ATOM   938  C  CD1   . LEU A 1 121 ? 3.945   12.719  10.676  1.00 62.49  ? 115 LEU A CD1   1 
ATOM   939  C  CD2   . LEU A 1 121 ? 2.894   14.633  9.434   1.00 59.44  ? 115 LEU A CD2   1 
ATOM   940  N  N     . MET A 1 122 ? -1.312  10.841  9.345   1.00 48.06  ? 116 MET A N     1 
ATOM   941  C  CA    . MET A 1 122 ? -2.216  10.063  8.508   1.00 50.83  ? 116 MET A CA    1 
ATOM   942  C  C     . MET A 1 122 ? -3.688  10.373  8.667   1.00 49.12  ? 116 MET A C     1 
ATOM   943  O  O     . MET A 1 122 ? -4.511  9.659   8.100   1.00 49.73  ? 116 MET A O     1 
ATOM   944  C  CB    . MET A 1 122 ? -1.978  8.564   8.747   1.00 52.86  ? 116 MET A CB    1 
ATOM   945  C  CG    . MET A 1 122 ? -0.592  8.155   8.285   1.00 59.08  ? 116 MET A CG    1 
ATOM   946  S  SD    . MET A 1 122 ? -0.476  7.980   6.467   1.00 63.26  ? 116 MET A SD    1 
ATOM   947  C  CE    . MET A 1 122 ? 0.884   9.072   6.190   1.00 48.94  ? 116 MET A CE    1 
ATOM   948  N  N     . LEU A 1 123 ? -4.032  11.440  9.391   1.00 50.99  ? 117 LEU A N     1 
ATOM   949  C  CA    . LEU A 1 123 ? -5.453  11.812  9.665   1.00 48.34  ? 117 LEU A CA    1 
ATOM   950  C  C     . LEU A 1 123 ? -6.366  11.858  8.427   1.00 42.78  ? 117 LEU A C     1 
ATOM   951  O  O     . LEU A 1 123 ? -7.511  11.396  8.480   1.00 40.72  ? 117 LEU A O     1 
ATOM   952  C  CB    . LEU A 1 123 ? -5.505  13.201  10.300  1.00 54.12  ? 117 LEU A CB    1 
ATOM   953  C  CG    . LEU A 1 123 ? -6.297  13.495  11.558  1.00 59.48  ? 117 LEU A CG    1 
ATOM   954  C  CD1   . LEU A 1 123 ? -6.593  15.005  11.588  1.00 59.97  ? 117 LEU A CD1   1 
ATOM   955  C  CD2   . LEU A 1 123 ? -7.553  12.644  11.701  1.00 57.58  ? 117 LEU A CD2   1 
ATOM   956  N  N     . HIS A 1 124 ? -5.842  12.431  7.339   1.00 36.73  ? 118 HIS A N     1 
ATOM   957  C  CA    . HIS A 1 124 ? -6.633  12.779  6.145   1.00 44.64  ? 118 HIS A CA    1 
ATOM   958  C  C     . HIS A 1 124 ? -6.293  11.971  4.880   1.00 42.10  ? 118 HIS A C     1 
ATOM   959  O  O     . HIS A 1 124 ? -6.619  12.392  3.751   1.00 49.61  ? 118 HIS A O     1 
ATOM   960  C  CB    . HIS A 1 124 ? -6.524  14.283  5.852   1.00 44.80  ? 118 HIS A CB    1 
ATOM   961  C  CG    . HIS A 1 124 ? -7.113  15.136  6.933   1.00 51.28  ? 118 HIS A CG    1 
ATOM   962  N  ND1   . HIS A 1 124 ? -8.419  14.984  7.354   1.00 50.33  ? 118 HIS A ND1   1 
ATOM   963  C  CD2   . HIS A 1 124 ? -6.567  16.117  7.703   1.00 44.75  ? 118 HIS A CD2   1 
ATOM   964  C  CE1   . HIS A 1 124 ? -8.659  15.853  8.321   1.00 54.80  ? 118 HIS A CE1   1 
ATOM   965  N  NE2   . HIS A 1 124 ? -7.554  16.550  8.553   1.00 50.01  ? 118 HIS A NE2   1 
ATOM   966  N  N     . SER A 1 125 ? -5.655  10.823  5.079   1.00 38.02  ? 119 SER A N     1 
ATOM   967  C  CA    . SER A 1 125 ? -5.223  9.948   4.002   1.00 45.69  ? 119 SER A CA    1 
ATOM   968  C  C     . SER A 1 125 ? -6.371  9.131   3.442   1.00 40.35  ? 119 SER A C     1 
ATOM   969  O  O     . SER A 1 125 ? -7.232  8.664   4.157   1.00 42.90  ? 119 SER A O     1 
ATOM   970  C  CB    . SER A 1 125 ? -4.148  8.955   4.484   1.00 47.89  ? 119 SER A CB    1 
ATOM   971  O  OG    . SER A 1 125 ? -2.871  9.486   4.271   1.00 55.62  ? 119 SER A OG    1 
ATOM   972  N  N     . ALA A 1 126 ? -6.358  8.941   2.143   1.00 40.27  ? 120 ALA A N     1 
ATOM   973  C  CA    . ALA A 1 126 ? -7.138  7.879   1.554   1.00 39.18  ? 120 ALA A CA    1 
ATOM   974  C  C     . ALA A 1 126 ? -6.441  6.553   1.899   1.00 39.33  ? 120 ALA A C     1 
ATOM   975  O  O     . ALA A 1 126 ? -5.216  6.470   1.922   1.00 36.68  ? 120 ALA A O     1 
ATOM   976  C  CB    . ALA A 1 126 ? -7.237  8.088   0.072   1.00 43.76  ? 120 ALA A CB    1 
ATOM   977  N  N     . ILE A 1 127 ? -7.234  5.528   2.177   1.00 40.64  ? 121 ILE A N     1 
ATOM   978  C  CA    . ILE A 1 127 ? -6.700  4.239   2.619   1.00 41.51  ? 121 ILE A CA    1 
ATOM   979  C  C     . ILE A 1 127 ? -7.033  3.132   1.652   1.00 37.48  ? 121 ILE A C     1 
ATOM   980  O  O     . ILE A 1 127 ? -8.173  2.759   1.568   1.00 35.74  ? 121 ILE A O     1 
ATOM   981  C  CB    . ILE A 1 127 ? -7.289  3.847   3.988   1.00 40.92  ? 121 ILE A CB    1 
ATOM   982  C  CG1   . ILE A 1 127 ? -7.036  4.948   5.013   1.00 46.20  ? 121 ILE A CG1   1 
ATOM   983  C  CG2   . ILE A 1 127 ? -6.634  2.569   4.508   1.00 42.64  ? 121 ILE A CG2   1 
ATOM   984  C  CD1   . ILE A 1 127 ? -5.575  5.360   5.170   1.00 48.92  ? 121 ILE A CD1   1 
ATOM   985  N  N     . LEU A 1 128 ? -6.044  2.596   0.938   1.00 41.83  ? 122 LEU A N     1 
ATOM   986  C  CA    . LEU A 1 128 ? -6.251  1.387   0.122   1.00 37.69  ? 122 LEU A CA    1 
ATOM   987  C  C     . LEU A 1 128 ? -5.663  0.149   0.787   1.00 38.44  ? 122 LEU A C     1 
ATOM   988  O  O     . LEU A 1 128 ? -4.503  0.147   1.117   1.00 39.80  ? 122 LEU A O     1 
ATOM   989  C  CB    . LEU A 1 128 ? -5.604  1.523   -1.230  1.00 38.51  ? 122 LEU A CB    1 
ATOM   990  C  CG    . LEU A 1 128 ? -5.629  0.326   -2.235  1.00 37.41  ? 122 LEU A CG    1 
ATOM   991  C  CD1   . LEU A 1 128 ? -7.010  -0.200  -2.521  1.00 37.06  ? 122 LEU A CD1   1 
ATOM   992  C  CD2   . LEU A 1 128 ? -4.957  0.717   -3.540  1.00 36.72  ? 122 LEU A CD2   1 
ATOM   993  N  N     . VAL A 1 129 ? -6.454  -0.924  0.924   1.00 37.90  ? 123 VAL A N     1 
ATOM   994  C  CA    . VAL A 1 129 ? -5.927  -2.223  1.351   1.00 36.44  ? 123 VAL A CA    1 
ATOM   995  C  C     . VAL A 1 129 ? -5.903  -3.230  0.238   1.00 36.93  ? 123 VAL A C     1 
ATOM   996  O  O     . VAL A 1 129 ? -6.955  -3.516  -0.382  1.00 39.40  ? 123 VAL A O     1 
ATOM   997  C  CB    . VAL A 1 129 ? -6.743  -2.845  2.505   1.00 36.80  ? 123 VAL A CB    1 
ATOM   998  C  CG1   . VAL A 1 129 ? -6.188  -4.232  2.861   1.00 36.27  ? 123 VAL A CG1   1 
ATOM   999  C  CG2   . VAL A 1 129 ? -6.691  -1.928  3.723   1.00 34.78  ? 123 VAL A CG2   1 
ATOM   1000 N  N     . PHE A 1 130 ? -4.717  -3.789  -0.009  1.00 35.75  ? 124 PHE A N     1 
ATOM   1001 C  CA    . PHE A 1 130 ? -4.615  -4.923  -0.907  1.00 36.32  ? 124 PHE A CA    1 
ATOM   1002 C  C     . PHE A 1 130 ? -4.698  -6.149  0.003   1.00 38.81  ? 124 PHE A C     1 
ATOM   1003 O  O     . PHE A 1 130 ? -3.824  -6.372  0.860   1.00 36.06  ? 124 PHE A O     1 
ATOM   1004 C  CB    . PHE A 1 130 ? -3.317  -4.929  -1.717  1.00 33.91  ? 124 PHE A CB    1 
ATOM   1005 C  CG    . PHE A 1 130 ? -3.310  -3.976  -2.917  1.00 35.34  ? 124 PHE A CG    1 
ATOM   1006 C  CD1   . PHE A 1 130 ? -4.210  -4.148  -3.965  1.00 34.64  ? 124 PHE A CD1   1 
ATOM   1007 C  CD2   . PHE A 1 130 ? -2.366  -2.911  -2.994  1.00 34.38  ? 124 PHE A CD2   1 
ATOM   1008 C  CE1   . PHE A 1 130 ? -4.215  -3.281  -5.061  1.00 41.03  ? 124 PHE A CE1   1 
ATOM   1009 C  CE2   . PHE A 1 130 ? -2.372  -2.028  -4.091  1.00 37.93  ? 124 PHE A CE2   1 
ATOM   1010 C  CZ    . PHE A 1 130 ? -3.288  -2.221  -5.130  1.00 38.38  ? 124 PHE A CZ    1 
ATOM   1011 N  N     . ALA A 1 131 ? -5.767  -6.911  -0.164  1.00 39.82  ? 125 ALA A N     1 
ATOM   1012 C  CA    . ALA A 1 131 ? -5.867  -8.236  0.442   1.00 42.58  ? 125 ALA A CA    1 
ATOM   1013 C  C     . ALA A 1 131 ? -5.191  -9.132  -0.567  1.00 41.83  ? 125 ALA A C     1 
ATOM   1014 O  O     . ALA A 1 131 ? -5.805  -9.620  -1.518  1.00 43.10  ? 125 ALA A O     1 
ATOM   1015 C  CB    . ALA A 1 131 ? -7.327  -8.630  0.658   1.00 42.94  ? 125 ALA A CB    1 
ATOM   1016 N  N     . ASN A 1 132 ? -3.895  -9.288  -0.396  1.00 39.58  ? 126 ASN A N     1 
ATOM   1017 C  CA    . ASN A 1 132 ? -3.095  -9.942  -1.408  1.00 42.13  ? 126 ASN A CA    1 
ATOM   1018 C  C     . ASN A 1 132 ? -3.017  -11.492 -1.262  1.00 47.41  ? 126 ASN A C     1 
ATOM   1019 O  O     . ASN A 1 132 ? -3.397  -12.071 -0.243  1.00 43.27  ? 126 ASN A O     1 
ATOM   1020 C  CB    . ASN A 1 132 ? -1.697  -9.327  -1.369  1.00 43.76  ? 126 ASN A CB    1 
ATOM   1021 C  CG    . ASN A 1 132 ? -0.905  -9.547  -2.656  1.00 45.57  ? 126 ASN A CG    1 
ATOM   1022 O  OD1   . ASN A 1 132 ? -1.487  -9.628  -3.778  1.00 40.84  ? 126 ASN A OD1   1 
ATOM   1023 N  ND2   . ASN A 1 132 ? 0.428   -9.622  -2.511  1.00 34.67  ? 126 ASN A ND2   1 
ATOM   1024 N  N     . LYS A 1 133 ? -2.510  -12.127 -2.319  1.00 45.58  ? 127 LYS A N     1 
ATOM   1025 C  CA    . LYS A 1 133 ? -2.289  -13.557 -2.406  1.00 45.28  ? 127 LYS A CA    1 
ATOM   1026 C  C     . LYS A 1 133 ? -3.575  -14.296 -2.361  1.00 43.45  ? 127 LYS A C     1 
ATOM   1027 O  O     . LYS A 1 133 ? -3.653  -15.346 -1.742  1.00 47.85  ? 127 LYS A O     1 
ATOM   1028 C  CB    . LYS A 1 133 ? -1.334  -14.091 -1.344  1.00 43.95  ? 127 LYS A CB    1 
ATOM   1029 C  CG    . LYS A 1 133 ? -0.180  -13.191 -1.091  1.00 43.65  ? 127 LYS A CG    1 
ATOM   1030 C  CD    . LYS A 1 133 ? 0.939   -13.925 -0.398  1.00 42.61  ? 127 LYS A CD    1 
ATOM   1031 C  CE    . LYS A 1 133 ? 2.044   -12.935 -0.106  1.00 42.33  ? 127 LYS A CE    1 
ATOM   1032 N  NZ    . LYS A 1 133 ? 3.236   -13.571 0.554   1.00 49.73  ? 127 LYS A NZ    1 
ATOM   1033 N  N     . GLN A 1 134 ? -4.550  -13.758 -3.073  1.00 43.51  ? 128 GLN A N     1 
ATOM   1034 C  CA    . GLN A 1 134 ? -5.907  -14.315 -3.180  1.00 48.43  ? 128 GLN A CA    1 
ATOM   1035 C  C     . GLN A 1 134 ? -5.953  -15.542 -4.057  1.00 52.00  ? 128 GLN A C     1 
ATOM   1036 O  O     . GLN A 1 134 ? -6.964  -16.225 -4.093  1.00 48.55  ? 128 GLN A O     1 
ATOM   1037 C  CB    . GLN A 1 134 ? -6.873  -13.279 -3.778  1.00 54.51  ? 128 GLN A CB    1 
ATOM   1038 C  CG    . GLN A 1 134 ? -8.136  -13.067 -2.968  1.00 66.40  ? 128 GLN A CG    1 
ATOM   1039 C  CD    . GLN A 1 134 ? -7.882  -12.625 -1.546  1.00 70.41  ? 128 GLN A CD    1 
ATOM   1040 O  OE1   . GLN A 1 134 ? -8.776  -12.680 -0.721  1.00 77.22  ? 128 GLN A OE1   1 
ATOM   1041 N  NE2   . GLN A 1 134 ? -6.659  -12.177 -1.252  1.00 86.84  ? 128 GLN A NE2   1 
ATOM   1042 N  N     . ASP A 1 135 ? -4.877  -15.779 -4.806  1.00 56.19  ? 129 ASP A N     1 
ATOM   1043 C  CA    . ASP A 1 135 ? -4.680  -17.028 -5.534  1.00 63.64  ? 129 ASP A CA    1 
ATOM   1044 C  C     . ASP A 1 135 ? -4.609  -18.277 -4.618  1.00 72.50  ? 129 ASP A C     1 
ATOM   1045 O  O     . ASP A 1 135 ? -4.895  -19.380 -5.079  1.00 65.54  ? 129 ASP A O     1 
ATOM   1046 C  CB    . ASP A 1 135 ? -3.398  -16.963 -6.397  1.00 58.28  ? 129 ASP A CB    1 
ATOM   1047 C  CG    . ASP A 1 135 ? -2.127  -16.672 -5.569  1.00 65.05  ? 129 ASP A CG    1 
ATOM   1048 O  OD1   . ASP A 1 135 ? -2.173  -15.831 -4.644  1.00 67.31  ? 129 ASP A OD1   1 
ATOM   1049 O  OD2   . ASP A 1 135 ? -1.046  -17.244 -5.846  1.00 65.52  ? 129 ASP A OD2   1 
ATOM   1050 N  N     . MET A 1 136 ? -4.232  -18.104 -3.346  1.00 73.17  ? 130 MET A N     1 
ATOM   1051 C  CA    . MET A 1 136 ? -3.921  -19.242 -2.481  1.00 71.64  ? 130 MET A CA    1 
ATOM   1052 C  C     . MET A 1 136 ? -5.138  -19.919 -1.866  1.00 69.25  ? 130 MET A C     1 
ATOM   1053 O  O     . MET A 1 136 ? -6.009  -19.245 -1.265  1.00 51.08  ? 130 MET A O     1 
ATOM   1054 C  CB    . MET A 1 136 ? -3.016  -18.823 -1.342  1.00 75.32  ? 130 MET A CB    1 
ATOM   1055 C  CG    . MET A 1 136 ? -1.764  -19.654 -1.281  1.00 86.69  ? 130 MET A CG    1 
ATOM   1056 S  SD    . MET A 1 136 ? -0.620  -18.864 -2.384  1.00 95.94  ? 130 MET A SD    1 
ATOM   1057 C  CE    . MET A 1 136 ? 0.020   -17.654 -1.205  1.00 84.98  ? 130 MET A CE    1 
ATOM   1058 N  N     . LYS A 1 137 ? -5.146  -21.258 -1.976  1.00 74.66  ? 131 LYS A N     1 
ATOM   1059 C  CA    . LYS A 1 137 ? -6.184  -22.120 -1.396  1.00 72.33  ? 131 LYS A CA    1 
ATOM   1060 C  C     . LYS A 1 137 ? -6.354  -21.800 0.084   1.00 69.85  ? 131 LYS A C     1 
ATOM   1061 O  O     . LYS A 1 137 ? -5.379  -21.804 0.857   1.00 60.86  ? 131 LYS A O     1 
ATOM   1062 C  CB    . LYS A 1 137 ? -5.837  -23.613 -1.573  1.00 75.86  ? 131 LYS A CB    1 
ATOM   1063 N  N     . GLY A 1 138 ? -7.592  -21.460 0.447   1.00 74.05  ? 132 GLY A N     1 
ATOM   1064 C  CA    . GLY A 1 138 ? -7.994  -21.286 1.842   1.00 72.32  ? 132 GLY A CA    1 
ATOM   1065 C  C     . GLY A 1 138 ? -7.602  -19.981 2.493   1.00 74.68  ? 132 GLY A C     1 
ATOM   1066 O  O     . GLY A 1 138 ? -7.726  -19.837 3.725   1.00 68.43  ? 132 GLY A O     1 
ATOM   1067 N  N     . CYS A 1 139 ? -7.175  -19.010 1.681   1.00 66.06  ? 133 CYS A N     1 
ATOM   1068 C  CA    . CYS A 1 139 ? -6.797  -17.687 2.193   1.00 63.97  ? 133 CYS A CA    1 
ATOM   1069 C  C     . CYS A 1 139 ? -8.043  -17.017 2.735   1.00 55.33  ? 133 CYS A C     1 
ATOM   1070 O  O     . CYS A 1 139 ? -9.141  -17.434 2.420   1.00 52.66  ? 133 CYS A O     1 
ATOM   1071 C  CB    . CYS A 1 139 ? -6.198  -16.809 1.059   1.00 63.11  ? 133 CYS A CB    1 
ATOM   1072 S  SG    . CYS A 1 139 ? -7.466  -16.377 -0.156  1.00 57.86  ? 133 CYS A SG    1 
ATOM   1073 N  N     . LEU A 1 140 ? -7.855  -15.944 3.500   1.00 57.81  ? 134 LEU A N     1 
ATOM   1074 C  CA    . LEU A 1 140 ? -8.944  -15.040 3.889   1.00 55.25  ? 134 LEU A CA    1 
ATOM   1075 C  C     . LEU A 1 140 ? -9.671  -14.358 2.715   1.00 62.26  ? 134 LEU A C     1 
ATOM   1076 O  O     . LEU A 1 140 ? -9.055  -13.964 1.727   1.00 59.85  ? 134 LEU A O     1 
ATOM   1077 C  CB    . LEU A 1 140 ? -8.396  -13.932 4.786   1.00 64.03  ? 134 LEU A CB    1 
ATOM   1078 C  CG    . LEU A 1 140 ? -8.143  -14.190 6.276   1.00 67.34  ? 134 LEU A CG    1 
ATOM   1079 C  CD1   . LEU A 1 140 ? -6.830  -14.877 6.548   1.00 68.10  ? 134 LEU A CD1   1 
ATOM   1080 C  CD2   . LEU A 1 140 ? -8.161  -12.866 7.001   1.00 73.35  ? 134 LEU A CD2   1 
ATOM   1081 N  N     . THR A 1 141 ? -10.980 -14.180 2.851   1.00 62.30  ? 135 THR A N     1 
ATOM   1082 C  CA    . THR A 1 141 ? -11.736 -13.356 1.921   1.00 65.14  ? 135 THR A CA    1 
ATOM   1083 C  C     . THR A 1 141 ? -11.361 -11.868 2.137   1.00 69.88  ? 135 THR A C     1 
ATOM   1084 O  O     . THR A 1 141 ? -10.947 -11.471 3.242   1.00 66.83  ? 135 THR A O     1 
ATOM   1085 C  CB    . THR A 1 141 ? -13.278 -13.604 2.047   1.00 68.00  ? 135 THR A CB    1 
ATOM   1086 O  OG1   . THR A 1 141 ? -13.973 -13.057 0.926   1.00 80.87  ? 135 THR A OG1   1 
ATOM   1087 C  CG2   . THR A 1 141 ? -13.885 -13.003 3.271   1.00 63.98  ? 135 THR A CG2   1 
ATOM   1088 N  N     . PRO A 1 142 ? -11.488 -11.041 1.079   1.00 67.25  ? 136 PRO A N     1 
ATOM   1089 C  CA    . PRO A 1 142 ? -11.311 -9.601  1.293   1.00 63.94  ? 136 PRO A CA    1 
ATOM   1090 C  C     . PRO A 1 142 ? -12.165 -8.999  2.435   1.00 61.96  ? 136 PRO A C     1 
ATOM   1091 O  O     . PRO A 1 142 ? -11.694 -8.101  3.118   1.00 60.77  ? 136 PRO A O     1 
ATOM   1092 C  CB    . PRO A 1 142 ? -11.678 -8.997  -0.080  1.00 57.62  ? 136 PRO A CB    1 
ATOM   1093 C  CG    . PRO A 1 142 ? -11.341 -10.056 -1.064  1.00 58.32  ? 136 PRO A CG    1 
ATOM   1094 C  CD    . PRO A 1 142 ? -11.641 -11.360 -0.362  1.00 60.82  ? 136 PRO A CD    1 
ATOM   1095 N  N     . ALA A 1 143 ? -13.397 -9.487  2.622   1.00 65.24  ? 137 ALA A N     1 
ATOM   1096 C  CA    . ALA A 1 143 ? -14.271 -9.094  3.754   1.00 60.89  ? 137 ALA A CA    1 
ATOM   1097 C  C     . ALA A 1 143 ? -13.670 -9.439  5.121   1.00 61.34  ? 137 ALA A C     1 
ATOM   1098 O  O     . ALA A 1 143 ? -13.731 -8.636  6.058   1.00 64.14  ? 137 ALA A O     1 
ATOM   1099 C  CB    . ALA A 1 143 ? -15.646 -9.732  3.617   1.00 60.44  ? 137 ALA A CB    1 
ATOM   1100 N  N     . GLU A 1 144 ? -13.037 -10.604 5.204   1.00 58.49  ? 138 GLU A N     1 
ATOM   1101 C  CA    . GLU A 1 144 ? -12.443 -11.091 6.441   1.00 62.42  ? 138 GLU A CA    1 
ATOM   1102 C  C     . GLU A 1 144 ? -11.241 -10.234 6.744   1.00 63.09  ? 138 GLU A C     1 
ATOM   1103 O  O     . GLU A 1 144 ? -11.001 -9.947  7.920   1.00 63.31  ? 138 GLU A O     1 
ATOM   1104 C  CB    . GLU A 1 144 ? -11.990 -12.559 6.354   1.00 66.14  ? 138 GLU A CB    1 
ATOM   1105 C  CG    . GLU A 1 144 ? -13.073 -13.622 6.523   1.00 68.26  ? 138 GLU A CG    1 
ATOM   1106 C  CD    . GLU A 1 144 ? -12.581 -15.004 6.081   1.00 71.17  ? 138 GLU A CD    1 
ATOM   1107 O  OE1   . GLU A 1 144 ? -11.422 -15.379 6.385   1.00 64.00  ? 138 GLU A OE1   1 
ATOM   1108 O  OE2   . GLU A 1 144 ? -13.341 -15.711 5.398   1.00 71.53  ? 138 GLU A OE2   1 
ATOM   1109 N  N     . VAL A 1 145 ? -10.489 -9.817  5.701   1.00 61.50  ? 139 VAL A N     1 
ATOM   1110 C  CA    . VAL A 1 145 ? -9.368  -8.876  5.955   1.00 56.97  ? 139 VAL A CA    1 
ATOM   1111 C  C     . VAL A 1 145 ? -9.890  -7.473  6.293   1.00 43.38  ? 139 VAL A C     1 
ATOM   1112 O  O     . VAL A 1 145 ? -9.350  -6.823  7.146   1.00 42.44  ? 139 VAL A O     1 
ATOM   1113 C  CB    . VAL A 1 145 ? -8.129  -8.947  4.983   1.00 57.94  ? 139 VAL A CB    1 
ATOM   1114 C  CG1   . VAL A 1 145 ? -8.332  -9.866  3.788   1.00 62.18  ? 139 VAL A CG1   1 
ATOM   1115 C  CG2   . VAL A 1 145 ? -7.602  -7.565  4.582   1.00 54.40  ? 139 VAL A CG2   1 
ATOM   1116 N  N     . CYS A 1 146 ? -10.971 -7.053  5.679   1.00 45.88  ? 140 CYS A N     1 
ATOM   1117 C  CA    . CYS A 1 146 ? -11.640 -5.799  6.035   1.00 51.63  ? 140 CYS A CA    1 
ATOM   1118 C  C     . CYS A 1 146 ? -12.039 -5.813  7.530   1.00 54.41  ? 140 CYS A C     1 
ATOM   1119 O  O     . CYS A 1 146 ? -11.638 -4.946  8.310   1.00 57.70  ? 140 CYS A O     1 
ATOM   1120 C  CB    . CYS A 1 146 ? -12.869 -5.623  5.129   1.00 50.86  ? 140 CYS A CB    1 
ATOM   1121 S  SG    . CYS A 1 146 ? -13.935 -4.215  5.451   1.00 61.19  ? 140 CYS A SG    1 
ATOM   1122 N  N     . THR A 1 147 ? -12.789 -6.839  7.907   1.00 55.84  ? 141 THR A N     1 
ATOM   1123 C  CA    . THR A 1 147 ? -13.295 -7.024  9.270   1.00 58.51  ? 141 THR A CA    1 
ATOM   1124 C  C     . THR A 1 147 ? -12.129 -6.940  10.234  1.00 58.00  ? 141 THR A C     1 
ATOM   1125 O  O     . THR A 1 147 ? -12.126 -6.123  11.132  1.00 63.96  ? 141 THR A O     1 
ATOM   1126 C  CB    . THR A 1 147 ? -14.021 -8.399  9.405   1.00 56.90  ? 141 THR A CB    1 
ATOM   1127 O  OG1   . THR A 1 147 ? -15.279 -8.307  8.742   1.00 51.15  ? 141 THR A OG1   1 
ATOM   1128 C  CG2   . THR A 1 147 ? -14.271 -8.808  10.859  1.00 56.23  ? 141 THR A CG2   1 
ATOM   1129 N  N     . ALA A 1 148 ? -11.120 -7.758  9.995   1.00 54.83  ? 142 ALA A N     1 
ATOM   1130 C  CA    . ALA A 1 148 ? -9.965  -7.837  10.865  1.00 48.59  ? 142 ALA A CA    1 
ATOM   1131 C  C     . ALA A 1 148 ? -9.218  -6.529  11.023  1.00 56.67  ? 142 ALA A C     1 
ATOM   1132 O  O     . ALA A 1 148 ? -8.700  -6.251  12.114  1.00 54.75  ? 142 ALA A O     1 
ATOM   1133 C  CB    . ALA A 1 148 ? -9.026  -8.893  10.345  1.00 43.99  ? 142 ALA A CB    1 
ATOM   1134 N  N     . LEU A 1 149 ? -9.099  -5.736  9.947   1.00 52.28  ? 143 LEU A N     1 
ATOM   1135 C  CA    . LEU A 1 149 ? -8.412  -4.447  10.092  1.00 53.52  ? 143 LEU A CA    1 
ATOM   1136 C  C     . LEU A 1 149 ? -9.328  -3.368  10.659  1.00 52.86  ? 143 LEU A C     1 
ATOM   1137 O  O     . LEU A 1 149 ? -8.879  -2.239  10.863  1.00 61.52  ? 143 LEU A O     1 
ATOM   1138 C  CB    . LEU A 1 149 ? -7.789  -3.965  8.775   1.00 55.24  ? 143 LEU A CB    1 
ATOM   1139 C  CG    . LEU A 1 149 ? -6.779  -4.864  8.029   1.00 58.80  ? 143 LEU A CG    1 
ATOM   1140 C  CD1   . LEU A 1 149 ? -5.794  -4.011  7.255   1.00 61.57  ? 143 LEU A CD1   1 
ATOM   1141 C  CD2   . LEU A 1 149 ? -6.036  -5.891  8.887   1.00 56.20  ? 143 LEU A CD2   1 
ATOM   1142 N  N     . GLY A 1 150 ? -10.600 -3.680  10.891  1.00 54.26  ? 144 GLY A N     1 
ATOM   1143 C  CA    . GLY A 1 150 ? -11.506 -2.752  11.545  1.00 56.04  ? 144 GLY A CA    1 
ATOM   1144 C  C     . GLY A 1 150 ? -11.885 -1.589  10.640  1.00 62.67  ? 144 GLY A C     1 
ATOM   1145 O  O     . GLY A 1 150 ? -12.066 -0.448  11.100  1.00 60.48  ? 144 GLY A O     1 
ATOM   1146 N  N     . LEU A 1 151 ? -12.027 -1.877  9.350   1.00 60.78  ? 145 LEU A N     1 
ATOM   1147 C  CA    . LEU A 1 151 ? -12.338 -0.826  8.386   1.00 66.80  ? 145 LEU A CA    1 
ATOM   1148 C  C     . LEU A 1 151 ? -13.784 -0.373  8.472   1.00 70.49  ? 145 LEU A C     1 
ATOM   1149 O  O     . LEU A 1 151 ? -14.048 0.774   8.191   1.00 73.03  ? 145 LEU A O     1 
ATOM   1150 C  CB    . LEU A 1 151 ? -12.002 -1.274  6.966   1.00 68.42  ? 145 LEU A CB    1 
ATOM   1151 C  CG    . LEU A 1 151 ? -10.490 -1.293  6.720   1.00 64.94  ? 145 LEU A CG    1 
ATOM   1152 C  CD1   . LEU A 1 151 ? -10.085 -2.301  5.651   1.00 58.42  ? 145 LEU A CD1   1 
ATOM   1153 C  CD2   . LEU A 1 151 ? -10.005 0.111   6.391   1.00 64.60  ? 145 LEU A CD2   1 
ATOM   1154 N  N     . SER A 1 152 ? -14.712 -1.263  8.837   1.00 76.35  ? 146 SER A N     1 
ATOM   1155 C  CA    . SER A 1 152 ? -16.110 -0.870  9.140   1.00 82.39  ? 146 SER A CA    1 
ATOM   1156 C  C     . SER A 1 152 ? -16.223 0.361   10.028  1.00 78.50  ? 146 SER A C     1 
ATOM   1157 O  O     . SER A 1 152 ? -16.986 1.269   9.727   1.00 80.11  ? 146 SER A O     1 
ATOM   1158 C  CB    . SER A 1 152 ? -16.853 -2.007  9.849   1.00 90.83  ? 146 SER A CB    1 
ATOM   1159 O  OG    . SER A 1 152 ? -17.255 -3.001  8.929   1.00 95.86  ? 146 SER A OG    1 
ATOM   1160 N  N     . ASP A 1 153 ? -15.438 0.389   11.100  1.00 74.33  ? 147 ASP A N     1 
ATOM   1161 C  CA    . ASP A 1 153 ? -15.572 1.405   12.149  1.00 88.18  ? 147 ASP A CA    1 
ATOM   1162 C  C     . ASP A 1 153 ? -14.879 2.755   11.837  1.00 91.70  ? 147 ASP A C     1 
ATOM   1163 O  O     . ASP A 1 153 ? -14.497 3.500   12.752  1.00 87.51  ? 147 ASP A O     1 
ATOM   1164 C  CB    . ASP A 1 153 ? -15.096 0.825   13.511  1.00 91.95  ? 147 ASP A CB    1 
ATOM   1165 C  CG    . ASP A 1 153 ? -13.581 0.521   13.556  1.00 98.25  ? 147 ASP A CG    1 
ATOM   1166 O  OD1   . ASP A 1 153 ? -12.749 1.392   13.202  1.00 95.69  ? 147 ASP A OD1   1 
ATOM   1167 O  OD2   . ASP A 1 153 ? -13.216 -0.608  13.967  1.00 100.02 ? 147 ASP A OD2   1 
ATOM   1168 N  N     . MET A 1 154 ? -14.758 3.108   10.562  1.00 91.97  ? 148 MET A N     1 
ATOM   1169 C  CA    . MET A 1 154 ? -13.677 4.006   10.172  1.00 90.67  ? 148 MET A CA    1 
ATOM   1170 C  C     . MET A 1 154 ? -14.021 5.475   10.081  1.00 92.10  ? 148 MET A C     1 
ATOM   1171 O  O     . MET A 1 154 ? -15.042 5.826   9.440   1.00 63.35  ? 148 MET A O     1 
ATOM   1172 C  CB    . MET A 1 154 ? -13.053 3.566   8.860   1.00 98.30  ? 148 MET A CB    1 
ATOM   1173 C  CG    . MET A 1 154 ? -11.719 2.883   9.078   1.00 102.86 ? 148 MET A CG    1 
ATOM   1174 S  SD    . MET A 1 154 ? -10.522 4.190   9.380   1.00 111.06 ? 148 MET A SD    1 
ATOM   1175 C  CE    . MET A 1 154 ? -10.209 4.720   7.698   1.00 88.72  ? 148 MET A CE    1 
ATOM   1176 N  N     . ARG A 1 155 ? -13.106 6.277   10.697  1.00 92.41  ? 149 ARG A N     1 
ATOM   1177 C  CA    . ARG A 1 155 ? -13.048 7.756   10.749  1.00 74.40  ? 149 ARG A CA    1 
ATOM   1178 C  C     . ARG A 1 155 ? -13.948 8.418   9.665   1.00 83.57  ? 149 ARG A C     1 
ATOM   1179 O  O     . ARG A 1 155 ? -15.068 7.951   9.394   1.00 80.40  ? 149 ARG A O     1 
ATOM   1180 C  CB    . ARG A 1 155 ? -11.567 8.229   10.730  1.00 47.97  ? 149 ARG A CB    1 
ATOM   1181 N  N     . THR A 1 156 ? -13.513 9.513   9.059   1.00 89.90  ? 150 THR A N     1 
ATOM   1182 C  CA    . THR A 1 156 ? -14.255 10.063  7.925   1.00 75.72  ? 150 THR A CA    1 
ATOM   1183 C  C     . THR A 1 156 ? -13.465 9.864   6.603   1.00 69.32  ? 150 THR A C     1 
ATOM   1184 O  O     . THR A 1 156 ? -13.862 10.372  5.536   1.00 59.10  ? 150 THR A O     1 
ATOM   1185 C  CB    . THR A 1 156 ? -14.609 11.522  8.205   1.00 76.22  ? 150 THR A CB    1 
ATOM   1186 O  OG1   . THR A 1 156 ? -13.447 12.337  8.041   1.00 77.10  ? 150 THR A OG1   1 
ATOM   1187 C  CG2   . THR A 1 156 ? -15.140 11.669  9.639   1.00 78.24  ? 150 THR A CG2   1 
ATOM   1188 N  N     . ARG A 1 157 ? -12.380 9.077   6.687   1.00 61.67  ? 151 ARG A N     1 
ATOM   1189 C  CA    . ARG A 1 157 ? -11.518 8.790   5.555   1.00 57.35  ? 151 ARG A CA    1 
ATOM   1190 C  C     . ARG A 1 157 ? -12.148 7.798   4.601   1.00 52.72  ? 151 ARG A C     1 
ATOM   1191 O  O     . ARG A 1 157 ? -12.812 6.853   5.008   1.00 52.87  ? 151 ARG A O     1 
ATOM   1192 C  CB    . ARG A 1 157 ? -10.208 8.159   5.990   1.00 54.02  ? 151 ARG A CB    1 
ATOM   1193 C  CG    . ARG A 1 157 ? -9.328  9.022   6.864   1.00 55.04  ? 151 ARG A CG    1 
ATOM   1194 C  CD    . ARG A 1 157 ? -9.073  8.296   8.179   1.00 58.79  ? 151 ARG A CD    1 
ATOM   1195 N  NE    . ARG A 1 157 ? -7.679  8.289   8.544   1.00 57.97  ? 151 ARG A NE    1 
ATOM   1196 C  CZ    . ARG A 1 157 ? -7.210  7.779   9.683   1.00 57.81  ? 151 ARG A CZ    1 
ATOM   1197 N  NH1   . ARG A 1 157 ? -8.015  7.227   10.599  1.00 55.20  ? 151 ARG A NH1   1 
ATOM   1198 N  NH2   . ARG A 1 157 ? -5.909  7.845   9.910   1.00 56.56  ? 151 ARG A NH2   1 
ATOM   1199 N  N     . LYS A 1 158 ? -11.861 8.026   3.329   1.00 51.13  ? 152 LYS A N     1 
ATOM   1200 C  CA    . LYS A 1 158 ? -12.210 7.135   2.272   1.00 55.12  ? 152 LYS A CA    1 
ATOM   1201 C  C     . LYS A 1 158 ? -11.238 5.944   2.354   1.00 50.29  ? 152 LYS A C     1 
ATOM   1202 O  O     . LYS A 1 158 ? -10.045 6.115   2.591   1.00 47.25  ? 152 LYS A O     1 
ATOM   1203 C  CB    . LYS A 1 158 ? -12.138 7.891   0.932   1.00 55.14  ? 152 LYS A CB    1 
ATOM   1204 C  CG    . LYS A 1 158 ? -13.021 9.143   0.896   1.00 59.10  ? 152 LYS A CG    1 
ATOM   1205 C  CD    . LYS A 1 158 ? -14.435 8.862   1.438   1.00 64.95  ? 152 LYS A CD    1 
ATOM   1206 C  CE    . LYS A 1 158 ? -15.535 9.845   1.007   1.00 67.54  ? 152 LYS A CE    1 
ATOM   1207 N  NZ    . LYS A 1 158 ? -15.254 11.278  1.356   1.00 69.90  ? 152 LYS A NZ    1 
ATOM   1208 N  N     . TRP A 1 159 ? -11.802 4.751   2.238   1.00 45.95  ? 153 TRP A N     1 
ATOM   1209 C  CA    . TRP A 1 159 ? -11.088 3.489   2.315   1.00 48.77  ? 153 TRP A CA    1 
ATOM   1210 C  C     . TRP A 1 159 ? -11.673 2.494   1.329   1.00 44.88  ? 153 TRP A C     1 
ATOM   1211 O  O     . TRP A 1 159 ? -12.799 2.644   0.869   1.00 43.96  ? 153 TRP A O     1 
ATOM   1212 C  CB    . TRP A 1 159 ? -11.124 2.884   3.734   1.00 49.27  ? 153 TRP A CB    1 
ATOM   1213 C  CG    . TRP A 1 159 ? -12.479 2.531   4.266   1.00 54.61  ? 153 TRP A CG    1 
ATOM   1214 C  CD1   . TRP A 1 159 ? -13.322 3.357   4.974   1.00 59.13  ? 153 TRP A CD1   1 
ATOM   1215 C  CD2   . TRP A 1 159 ? -13.154 1.264   4.159   1.00 56.15  ? 153 TRP A CD2   1 
ATOM   1216 N  NE1   . TRP A 1 159 ? -14.477 2.682   5.302   1.00 62.94  ? 153 TRP A NE1   1 
ATOM   1217 C  CE2   . TRP A 1 159 ? -14.402 1.401   4.818   1.00 58.56  ? 153 TRP A CE2   1 
ATOM   1218 C  CE3   . TRP A 1 159 ? -12.833 0.037   3.566   1.00 55.10  ? 153 TRP A CE3   1 
ATOM   1219 C  CZ2   . TRP A 1 159 ? -15.323 0.362   4.900   1.00 55.80  ? 153 TRP A CZ2   1 
ATOM   1220 C  CZ3   . TRP A 1 159 ? -13.746 -1.004  3.666   1.00 62.08  ? 153 TRP A CZ3   1 
ATOM   1221 C  CH2   . TRP A 1 159 ? -14.984 -0.830  4.321   1.00 58.72  ? 153 TRP A CH2   1 
ATOM   1222 N  N     . HIS A 1 160 ? -10.897 1.473   1.025   1.00 43.14  ? 154 HIS A N     1 
ATOM   1223 C  CA    . HIS A 1 160 ? -11.298 0.450   0.043   1.00 44.31  ? 154 HIS A CA    1 
ATOM   1224 C  C     . HIS A 1 160 ? -10.399 -0.744  0.280   1.00 40.19  ? 154 HIS A C     1 
ATOM   1225 O  O     . HIS A 1 160 ? -9.199  -0.540  0.527   1.00 39.70  ? 154 HIS A O     1 
ATOM   1226 C  CB    . HIS A 1 160 ? -11.107 0.988   -1.375  1.00 45.50  ? 154 HIS A CB    1 
ATOM   1227 C  CG    . HIS A 1 160 ? -11.533 0.046   -2.450  1.00 49.70  ? 154 HIS A CG    1 
ATOM   1228 N  ND1   . HIS A 1 160 ? -10.632 -0.652  -3.229  1.00 53.53  ? 154 HIS A ND1   1 
ATOM   1229 C  CD2   . HIS A 1 160 ? -12.764 -0.291  -2.902  1.00 50.01  ? 154 HIS A CD2   1 
ATOM   1230 C  CE1   . HIS A 1 160 ? -11.291 -1.389  -4.101  1.00 48.69  ? 154 HIS A CE1   1 
ATOM   1231 N  NE2   . HIS A 1 160 ? -12.585 -1.203  -3.912  1.00 46.50  ? 154 HIS A NE2   1 
ATOM   1232 N  N     . VAL A 1 161 ? -10.972 -1.949  0.310   1.00 34.03  ? 155 VAL A N     1 
ATOM   1233 C  CA    . VAL A 1 161 ? -10.181 -3.150  0.384   1.00 37.87  ? 155 VAL A CA    1 
ATOM   1234 C  C     . VAL A 1 161 ? -10.342 -3.892  -0.938  1.00 42.61  ? 155 VAL A C     1 
ATOM   1235 O  O     . VAL A 1 161 ? -11.433 -4.007  -1.513  1.00 46.84  ? 155 VAL A O     1 
ATOM   1236 C  CB    . VAL A 1 161 ? -10.337 -3.957  1.708   1.00 40.55  ? 155 VAL A CB    1 
ATOM   1237 C  CG1   . VAL A 1 161 ? -11.632 -3.703  2.370   1.00 46.32  ? 155 VAL A CG1   1 
ATOM   1238 C  CG2   . VAL A 1 161 ? -10.111 -5.442  1.530   1.00 38.48  ? 155 VAL A CG2   1 
ATOM   1239 N  N     . GLN A 1 162 ? -9.199  -4.298  -1.468  1.00 45.79  ? 156 GLN A N     1 
ATOM   1240 C  CA    . GLN A 1 162 ? -9.103  -4.763  -2.829  1.00 45.27  ? 156 GLN A CA    1 
ATOM   1241 C  C     . GLN A 1 162 ? -8.342  -6.073  -2.848  1.00 46.38  ? 156 GLN A C     1 
ATOM   1242 O  O     . GLN A 1 162 ? -7.226  -6.163  -2.337  1.00 41.26  ? 156 GLN A O     1 
ATOM   1243 C  CB    . GLN A 1 162 ? -8.369  -3.705  -3.660  1.00 46.53  ? 156 GLN A CB    1 
ATOM   1244 C  CG    . GLN A 1 162 ? -8.007  -4.132  -5.077  1.00 45.75  ? 156 GLN A CG    1 
ATOM   1245 C  CD    . GLN A 1 162 ? -9.217  -4.492  -5.889  1.00 42.65  ? 156 GLN A CD    1 
ATOM   1246 O  OE1   . GLN A 1 162 ? -10.206 -3.736  -5.921  1.00 36.69  ? 156 GLN A OE1   1 
ATOM   1247 N  NE2   . GLN A 1 162 ? -9.160  -5.653  -6.556  1.00 41.93  ? 156 GLN A NE2   1 
ATOM   1248 N  N     . SER A 1 163 ? -8.984  -7.084  -3.435  1.00 51.75  ? 157 SER A N     1 
ATOM   1249 C  CA    . SER A 1 163 ? -8.366  -8.376  -3.738  1.00 47.52  ? 157 SER A CA    1 
ATOM   1250 C  C     . SER A 1 163 ? -7.226  -8.221  -4.713  1.00 42.45  ? 157 SER A C     1 
ATOM   1251 O  O     . SER A 1 163 ? -7.379  -7.525  -5.700  1.00 38.14  ? 157 SER A O     1 
ATOM   1252 C  CB    . SER A 1 163 ? -9.401  -9.284  -4.405  1.00 49.79  ? 157 SER A CB    1 
ATOM   1253 O  OG    . SER A 1 163 ? -8.745  -10.400 -4.937  1.00 46.55  ? 157 SER A OG    1 
ATOM   1254 N  N     . SER A 1 164 ? -6.095  -8.851  -4.443  1.00 41.45  ? 158 SER A N     1 
ATOM   1255 C  CA    . SER A 1 164 ? -5.019  -8.808  -5.356  1.00 43.82  ? 158 SER A CA    1 
ATOM   1256 C  C     . SER A 1 164 ? -4.266  -10.125 -5.412  1.00 48.97  ? 158 SER A C     1 
ATOM   1257 O  O     . SER A 1 164 ? -4.222  -10.896 -4.445  1.00 47.56  ? 158 SER A O     1 
ATOM   1258 C  CB    . SER A 1 164 ? -4.085  -7.662  -5.013  1.00 43.67  ? 158 SER A CB    1 
ATOM   1259 O  OG    . SER A 1 164 ? -3.313  -7.947  -3.863  1.00 48.19  ? 158 SER A OG    1 
ATOM   1260 N  N     . VAL A 1 165 ? -3.710  -10.370 -6.595  1.00 46.52  ? 159 VAL A N     1 
ATOM   1261 C  CA    . VAL A 1 165 ? -2.673  -11.340 -6.775  1.00 45.50  ? 159 VAL A CA    1 
ATOM   1262 C  C     . VAL A 1 165 ? -1.487  -10.630 -7.365  1.00 42.06  ? 159 VAL A C     1 
ATOM   1263 O  O     . VAL A 1 165 ? -1.311  -10.536 -8.578  1.00 50.41  ? 159 VAL A O     1 
ATOM   1264 C  CB    . VAL A 1 165 ? -3.115  -12.535 -7.653  1.00 45.59  ? 159 VAL A CB    1 
ATOM   1265 C  CG1   . VAL A 1 165 ? -2.114  -13.670 -7.487  1.00 44.58  ? 159 VAL A CG1   1 
ATOM   1266 C  CG2   . VAL A 1 165 ? -4.495  -13.017 -7.256  1.00 46.22  ? 159 VAL A CG2   1 
ATOM   1267 N  N     . ALA A 1 166 ? -0.648  -10.135 -6.496  1.00 41.48  ? 160 ALA A N     1 
ATOM   1268 C  CA    . ALA A 1 166 ? 0.410   -9.237  -6.910  1.00 50.21  ? 160 ALA A CA    1 
ATOM   1269 C  C     . ALA A 1 166 ? 1.383   -9.814  -7.944  1.00 53.74  ? 160 ALA A C     1 
ATOM   1270 O  O     . ALA A 1 166 ? 1.902   -9.086  -8.783  1.00 57.66  ? 160 ALA A O     1 
ATOM   1271 C  CB    . ALA A 1 166 ? 1.169   -8.746  -5.694  1.00 49.05  ? 160 ALA A CB    1 
ATOM   1272 N  N     . THR A 1 167 ? 1.651   -11.106 -7.848  1.00 58.53  ? 161 THR A N     1 
ATOM   1273 C  CA    . THR A 1 167 ? 2.540   -11.805 -8.790  1.00 60.02  ? 161 THR A CA    1 
ATOM   1274 C  C     . THR A 1 167 ? 1.960   -11.940 -10.210 1.00 58.39  ? 161 THR A C     1 
ATOM   1275 O  O     . THR A 1 167 ? 2.701   -12.230 -11.118 1.00 59.66  ? 161 THR A O     1 
ATOM   1276 C  CB    . THR A 1 167 ? 2.909   -13.220 -8.264  1.00 57.74  ? 161 THR A CB    1 
ATOM   1277 O  OG1   . THR A 1 167 ? 1.724   -13.874 -7.783  1.00 55.38  ? 161 THR A OG1   1 
ATOM   1278 C  CG2   . THR A 1 167 ? 3.967   -13.130 -7.125  1.00 56.64  ? 161 THR A CG2   1 
ATOM   1279 N  N     . ARG A 1 168 ? 0.649   -11.765 -10.383 1.00 58.04  ? 162 ARG A N     1 
ATOM   1280 C  CA    . ARG A 1 168 ? 0.040   -11.676 -11.698 1.00 55.96  ? 162 ARG A CA    1 
ATOM   1281 C  C     . ARG A 1 168 ? -0.473  -10.277 -12.051 1.00 55.75  ? 162 ARG A C     1 
ATOM   1282 O  O     . ARG A 1 168 ? -1.099  -10.098 -13.107 1.00 54.01  ? 162 ARG A O     1 
ATOM   1283 C  CB    . ARG A 1 168 ? -1.107  -12.660 -11.776 1.00 62.11  ? 162 ARG A CB    1 
ATOM   1284 C  CG    . ARG A 1 168 ? -0.725  -14.046 -11.302 1.00 66.38  ? 162 ARG A CG    1 
ATOM   1285 C  CD    . ARG A 1 168 ? -1.510  -15.127 -12.017 1.00 70.86  ? 162 ARG A CD    1 
ATOM   1286 N  NE    . ARG A 1 168 ? -1.747  -16.252 -11.114 1.00 77.19  ? 162 ARG A NE    1 
ATOM   1287 C  CZ    . ARG A 1 168 ? -2.906  -16.547 -10.513 1.00 78.35  ? 162 ARG A CZ    1 
ATOM   1288 N  NH1   . ARG A 1 168 ? -2.951  -17.608 -9.726  1.00 73.83  ? 162 ARG A NH1   1 
ATOM   1289 N  NH2   . ARG A 1 168 ? -4.029  -15.825 -10.692 1.00 80.17  ? 162 ARG A NH2   1 
ATOM   1290 N  N     . GLY A 1 169 ? -0.228  -9.298  -11.169 1.00 52.35  ? 163 GLY A N     1 
ATOM   1291 C  CA    . GLY A 1 169 ? -0.734  -7.945  -11.344 1.00 45.58  ? 163 GLY A CA    1 
ATOM   1292 C  C     . GLY A 1 169 ? -2.226  -7.805  -11.243 1.00 41.01  ? 163 GLY A C     1 
ATOM   1293 O  O     . GLY A 1 169 ? -2.753  -6.761  -11.579 1.00 43.92  ? 163 GLY A O     1 
ATOM   1294 N  N     . GLU A 1 170 ? -2.903  -8.832  -10.740 1.00 42.74  ? 164 GLU A N     1 
ATOM   1295 C  CA    . GLU A 1 170 ? -4.367  -8.825  -10.621 1.00 48.46  ? 164 GLU A CA    1 
ATOM   1296 C  C     . GLU A 1 170 ? -4.761  -7.986  -9.387  1.00 49.18  ? 164 GLU A C     1 
ATOM   1297 O  O     . GLU A 1 170 ? -4.058  -7.959  -8.356  1.00 42.54  ? 164 GLU A O     1 
ATOM   1298 C  CB    . GLU A 1 170 ? -4.916  -10.264 -10.463 1.00 51.83  ? 164 GLU A CB    1 
ATOM   1299 C  CG    . GLU A 1 170 ? -5.138  -11.065 -11.758 1.00 57.31  ? 164 GLU A CG    1 
ATOM   1300 C  CD    . GLU A 1 170 ? -5.134  -12.584 -11.543 1.00 57.47  ? 164 GLU A CD    1 
ATOM   1301 O  OE1   . GLU A 1 170 ? -4.588  -13.284 -12.415 1.00 60.38  ? 164 GLU A OE1   1 
ATOM   1302 O  OE2   . GLU A 1 170 ? -5.631  -13.094 -10.500 1.00 59.85  ? 164 GLU A OE2   1 
ATOM   1303 N  N     . GLY A 1 171 ? -5.887  -7.313  -9.504  1.00 46.79  ? 165 GLY A N     1 
ATOM   1304 C  CA    . GLY A 1 171 ? -6.360  -6.400  -8.482  1.00 46.16  ? 165 GLY A CA    1 
ATOM   1305 C  C     . GLY A 1 171 ? -5.775  -5.007  -8.514  1.00 44.07  ? 165 GLY A C     1 
ATOM   1306 O  O     . GLY A 1 171 ? -6.423  -4.087  -8.030  1.00 47.80  ? 165 GLY A O     1 
ATOM   1307 N  N     . LEU A 1 172 ? -4.587  -4.842  -9.100  1.00 39.70  ? 166 LEU A N     1 
ATOM   1308 C  CA    . LEU A 1 172 ? -3.830  -3.598  -9.007  1.00 39.21  ? 166 LEU A CA    1 
ATOM   1309 C  C     . LEU A 1 172 ? -4.456  -2.424  -9.735  1.00 40.35  ? 166 LEU A C     1 
ATOM   1310 O  O     . LEU A 1 172 ? -4.458  -1.322  -9.210  1.00 39.12  ? 166 LEU A O     1 
ATOM   1311 C  CB    . LEU A 1 172 ? -2.407  -3.776  -9.500  1.00 37.37  ? 166 LEU A CB    1 
ATOM   1312 C  CG    . LEU A 1 172 ? -1.574  -4.889  -8.877  1.00 38.52  ? 166 LEU A CG    1 
ATOM   1313 C  CD1   . LEU A 1 172 ? -0.158  -4.598  -9.304  1.00 41.07  ? 166 LEU A CD1   1 
ATOM   1314 C  CD2   . LEU A 1 172 ? -1.635  -5.002  -7.357  1.00 38.89  ? 166 LEU A CD2   1 
ATOM   1315 N  N     . TYR A 1 173 ? -4.993  -2.654  -10.926 1.00 42.43  ? 167 TYR A N     1 
ATOM   1316 C  CA    . TYR A 1 173 ? -5.712  -1.609  -11.676 1.00 44.55  ? 167 TYR A CA    1 
ATOM   1317 C  C     . TYR A 1 173 ? -6.863  -1.145  -10.843 1.00 40.80  ? 167 TYR A C     1 
ATOM   1318 O  O     . TYR A 1 173 ? -7.060  0.060   -10.663 1.00 47.23  ? 167 TYR A O     1 
ATOM   1319 C  CB    . TYR A 1 173 ? -6.264  -2.102  -13.050 1.00 42.70  ? 167 TYR A CB    1 
ATOM   1320 C  CG    . TYR A 1 173 ? -7.088  -1.056  -13.838 1.00 41.96  ? 167 TYR A CG    1 
ATOM   1321 C  CD1   . TYR A 1 173 ? -8.400  -0.785  -13.518 1.00 45.88  ? 167 TYR A CD1   1 
ATOM   1322 C  CD2   . TYR A 1 173 ? -6.545  -0.371  -14.899 1.00 49.60  ? 167 TYR A CD2   1 
ATOM   1323 C  CE1   . TYR A 1 173 ? -9.139  0.162   -14.206 1.00 49.56  ? 167 TYR A CE1   1 
ATOM   1324 C  CE2   . TYR A 1 173 ? -7.281  0.550   -15.627 1.00 50.61  ? 167 TYR A CE2   1 
ATOM   1325 C  CZ    . TYR A 1 173 ? -8.575  0.819   -15.260 1.00 53.72  ? 167 TYR A CZ    1 
ATOM   1326 O  OH    . TYR A 1 173 ? -9.336  1.740   -15.944 1.00 72.11  ? 167 TYR A OH    1 
ATOM   1327 N  N     . GLU A 1 174 ? -7.628  -2.097  -10.342 1.00 42.36  ? 168 GLU A N     1 
ATOM   1328 C  CA    . GLU A 1 174 ? -8.832  -1.766  -9.554  1.00 48.61  ? 168 GLU A CA    1 
ATOM   1329 C  C     . GLU A 1 174 ? -8.549  -0.920  -8.328  1.00 44.78  ? 168 GLU A C     1 
ATOM   1330 O  O     . GLU A 1 174 ? -9.260  0.050   -8.078  1.00 45.64  ? 168 GLU A O     1 
ATOM   1331 C  CB    . GLU A 1 174 ? -9.610  -3.007  -9.126  1.00 57.11  ? 168 GLU A CB    1 
ATOM   1332 C  CG    . GLU A 1 174 ? -10.433 -3.645  -10.235 1.00 66.15  ? 168 GLU A CG    1 
ATOM   1333 C  CD    . GLU A 1 174 ? -9.635  -4.544  -11.200 1.00 74.06  ? 168 GLU A CD    1 
ATOM   1334 O  OE1   . GLU A 1 174 ? -10.346 -5.105  -12.076 1.00 92.40  ? 168 GLU A OE1   1 
ATOM   1335 O  OE2   . GLU A 1 174 ? -8.354  -4.704  -11.115 1.00 58.25  ? 168 GLU A OE2   1 
ATOM   1336 N  N     . GLY A 1 175 ? -7.517  -1.281  -7.575  1.00 42.38  ? 169 GLY A N     1 
ATOM   1337 C  CA    . GLY A 1 175 ? -7.174  -0.538  -6.372  1.00 44.32  ? 169 GLY A CA    1 
ATOM   1338 C  C     . GLY A 1 175 ? -6.632  0.835   -6.706  1.00 43.18  ? 169 GLY A C     1 
ATOM   1339 O  O     . GLY A 1 175 ? -7.010  1.839   -6.104  1.00 38.60  ? 169 GLY A O     1 
ATOM   1340 N  N     . LEU A 1 176 ? -5.745  0.882   -7.692  1.00 40.35  ? 170 LEU A N     1 
ATOM   1341 C  CA    . LEU A 1 176 ? -5.143  2.146   -8.062  1.00 40.01  ? 170 LEU A CA    1 
ATOM   1342 C  C     . LEU A 1 176 ? -6.128  3.118   -8.711  1.00 38.34  ? 170 LEU A C     1 
ATOM   1343 O  O     . LEU A 1 176 ? -6.041  4.332   -8.517  1.00 41.80  ? 170 LEU A O     1 
ATOM   1344 C  CB    . LEU A 1 176 ? -3.924  1.895   -8.948  1.00 39.72  ? 170 LEU A CB    1 
ATOM   1345 C  CG    . LEU A 1 176 ? -2.738  1.302   -8.232  1.00 39.18  ? 170 LEU A CG    1 
ATOM   1346 C  CD1   . LEU A 1 176 ? -1.657  1.066   -9.247  1.00 43.37  ? 170 LEU A CD1   1 
ATOM   1347 C  CD2   . LEU A 1 176 ? -2.206  2.237   -7.155  1.00 41.91  ? 170 LEU A CD2   1 
ATOM   1348 N  N     . ASP A 1 177 ? -7.047  2.586   -9.491  1.00 38.05  ? 171 ASP A N     1 
ATOM   1349 C  CA    . ASP A 1 177 ? -8.094  3.406   -10.049 1.00 39.97  ? 171 ASP A CA    1 
ATOM   1350 C  C     . ASP A 1 177 ? -8.944  3.988   -8.940  1.00 38.78  ? 171 ASP A C     1 
ATOM   1351 O  O     . ASP A 1 177 ? -9.309  5.137   -9.030  1.00 37.45  ? 171 ASP A O     1 
ATOM   1352 C  CB    . ASP A 1 177 ? -8.925  2.570   -11.007 1.00 42.56  ? 171 ASP A CB    1 
ATOM   1353 C  CG    . ASP A 1 177 ? -9.867  3.390   -11.861 1.00 46.70  ? 171 ASP A CG    1 
ATOM   1354 O  OD1   . ASP A 1 177 ? -9.410  4.296   -12.592 1.00 53.43  ? 171 ASP A OD1   1 
ATOM   1355 O  OD2   . ASP A 1 177 ? -11.078 3.097   -11.808 1.00 50.42  ? 171 ASP A OD2   1 
ATOM   1356 N  N     . TRP A 1 178 ? -9.272  3.194   -7.915  1.00 36.29  ? 172 TRP A N     1 
ATOM   1357 C  CA    . TRP A 1 178 ? -10.006 3.698   -6.756  1.00 39.16  ? 172 TRP A CA    1 
ATOM   1358 C  C     . TRP A 1 178 ? -9.223  4.796   -6.103  1.00 42.10  ? 172 TRP A C     1 
ATOM   1359 O  O     . TRP A 1 178 ? -9.709  5.942   -5.938  1.00 42.44  ? 172 TRP A O     1 
ATOM   1360 C  CB    . TRP A 1 178 ? -10.253 2.620   -5.697  1.00 44.88  ? 172 TRP A CB    1 
ATOM   1361 C  CG    . TRP A 1 178 ? -10.970 3.192   -4.473  1.00 47.83  ? 172 TRP A CG    1 
ATOM   1362 C  CD1   . TRP A 1 178 ? -12.314 3.406   -4.350  1.00 48.37  ? 172 TRP A CD1   1 
ATOM   1363 C  CD2   . TRP A 1 178 ? -10.381 3.682   -3.268  1.00 47.14  ? 172 TRP A CD2   1 
ATOM   1364 N  NE1   . TRP A 1 178 ? -12.595 3.991   -3.154  1.00 48.41  ? 172 TRP A NE1   1 
ATOM   1365 C  CE2   . TRP A 1 178 ? -11.436 4.180   -2.464  1.00 46.81  ? 172 TRP A CE2   1 
ATOM   1366 C  CE3   . TRP A 1 178 ? -9.075  3.754   -2.788  1.00 44.46  ? 172 TRP A CE3   1 
ATOM   1367 C  CZ2   . TRP A 1 178 ? -11.232 4.703   -1.196  1.00 45.25  ? 172 TRP A CZ2   1 
ATOM   1368 C  CZ3   . TRP A 1 178 ? -8.869  4.307   -1.537  1.00 43.88  ? 172 TRP A CZ3   1 
ATOM   1369 C  CH2   . TRP A 1 178 ? -9.940  4.779   -0.758  1.00 45.63  ? 172 TRP A CH2   1 
ATOM   1370 N  N     . LEU A 1 179 ? -7.972  4.467   -5.787  1.00 40.92  ? 173 LEU A N     1 
ATOM   1371 C  CA    . LEU A 1 179 ? -7.101  5.440   -5.154  1.00 42.55  ? 173 LEU A CA    1 
ATOM   1372 C  C     . LEU A 1 179 ? -7.000  6.730   -5.938  1.00 44.12  ? 173 LEU A C     1 
ATOM   1373 O  O     . LEU A 1 179 ? -7.130  7.819   -5.351  1.00 43.79  ? 173 LEU A O     1 
ATOM   1374 C  CB    . LEU A 1 179 ? -5.699  4.883   -4.907  1.00 42.27  ? 173 LEU A CB    1 
ATOM   1375 C  CG    . LEU A 1 179 ? -4.765  5.808   -4.095  1.00 42.28  ? 173 LEU A CG    1 
ATOM   1376 C  CD1   . LEU A 1 179 ? -5.385  6.181   -2.762  1.00 41.93  ? 173 LEU A CD1   1 
ATOM   1377 C  CD2   . LEU A 1 179 ? -3.411  5.165   -3.887  1.00 39.35  ? 173 LEU A CD2   1 
ATOM   1378 N  N     . ALA A 1 180 ? -6.738  6.626   -7.243  1.00 44.18  ? 174 ALA A N     1 
ATOM   1379 C  CA    . ALA A 1 180 ? -6.570  7.843   -8.065  1.00 46.70  ? 174 ALA A CA    1 
ATOM   1380 C  C     . ALA A 1 180 ? -7.826  8.680   -8.045  1.00 47.04  ? 174 ALA A C     1 
ATOM   1381 O  O     . ALA A 1 180 ? -7.787  9.888   -7.764  1.00 44.90  ? 174 ALA A O     1 
ATOM   1382 C  CB    . ALA A 1 180 ? -6.225  7.499   -9.500  1.00 50.22  ? 174 ALA A CB    1 
ATOM   1383 N  N     . THR A 1 181 ? -8.942  8.030   -8.353  1.00 48.87  ? 175 THR A N     1 
ATOM   1384 C  CA    . THR A 1 181 ? -10.227 8.727   -8.318  1.00 56.59  ? 175 THR A CA    1 
ATOM   1385 C  C     . THR A 1 181 ? -10.460 9.386   -6.962  1.00 56.40  ? 175 THR A C     1 
ATOM   1386 O  O     . THR A 1 181 ? -10.721 10.579  -6.893  1.00 59.28  ? 175 THR A O     1 
ATOM   1387 C  CB    . THR A 1 181 ? -11.400 7.794   -8.604  1.00 58.26  ? 175 THR A CB    1 
ATOM   1388 O  OG1   . THR A 1 181 ? -11.122 7.054   -9.785  1.00 67.72  ? 175 THR A OG1   1 
ATOM   1389 C  CG2   . THR A 1 181 ? -12.702 8.585   -8.777  1.00 59.30  ? 175 THR A CG2   1 
ATOM   1390 N  N     . THR A 1 182 ? -10.314 8.604   -5.898  1.00 54.12  ? 176 THR A N     1 
ATOM   1391 C  CA    . THR A 1 182 ? -10.524 9.112   -4.556  1.00 51.80  ? 176 THR A CA    1 
ATOM   1392 C  C     . THR A 1 182 ? -9.729  10.373  -4.245  1.00 47.15  ? 176 THR A C     1 
ATOM   1393 O  O     . THR A 1 182 ? -10.242 11.283  -3.634  1.00 44.15  ? 176 THR A O     1 
ATOM   1394 C  CB    . THR A 1 182 ? -10.135 8.074   -3.520  1.00 51.21  ? 176 THR A CB    1 
ATOM   1395 O  OG1   . THR A 1 182 ? -10.956 6.916   -3.692  1.00 48.02  ? 176 THR A OG1   1 
ATOM   1396 C  CG2   . THR A 1 182 ? -10.324 8.641   -2.098  1.00 51.51  ? 176 THR A CG2   1 
ATOM   1397 N  N     . LEU A 1 183 ? -8.485  10.407  -4.692  1.00 53.73  ? 177 LEU A N     1 
ATOM   1398 C  CA    . LEU A 1 183 ? -7.580  11.495  -4.383  1.00 58.34  ? 177 LEU A CA    1 
ATOM   1399 C  C     . LEU A 1 183 ? -7.814  12.801  -5.108  1.00 64.79  ? 177 LEU A C     1 
ATOM   1400 O  O     . LEU A 1 183 ? -7.636  13.858  -4.499  1.00 78.75  ? 177 LEU A O     1 
ATOM   1401 C  CB    . LEU A 1 183 ? -6.141  11.058  -4.604  1.00 55.04  ? 177 LEU A CB    1 
ATOM   1402 C  CG    . LEU A 1 183 ? -5.601  10.128  -3.537  1.00 54.36  ? 177 LEU A CG    1 
ATOM   1403 C  CD1   . LEU A 1 183 ? -4.087  10.019  -3.685  1.00 57.31  ? 177 LEU A CD1   1 
ATOM   1404 C  CD2   . LEU A 1 183 ? -5.975  10.578  -2.139  1.00 56.25  ? 177 LEU A CD2   1 
ATOM   1405 N  N     . LYS A 1 184 ? -8.203  12.774  -6.377  1.00 71.06  ? 178 LYS A N     1 
ATOM   1406 C  CA    . LYS A 1 184 ? -8.479  14.053  -7.053  1.00 82.62  ? 178 LYS A CA    1 
ATOM   1407 C  C     . LYS A 1 184 ? -9.699  14.778  -6.452  1.00 88.59  ? 178 LYS A C     1 
ATOM   1408 O  O     . LYS A 1 184 ? -9.701  16.015  -6.400  1.00 96.25  ? 178 LYS A O     1 
ATOM   1409 C  CB    . LYS A 1 184 ? -8.572  13.901  -8.579  1.00 85.97  ? 178 LYS A CB    1 
ATOM   1410 C  CG    . LYS A 1 184 ? -9.891  13.407  -9.169  1.00 86.60  ? 178 LYS A CG    1 
ATOM   1411 C  CD    . LYS A 1 184 ? -10.205 14.091  -10.503 1.00 92.86  ? 178 LYS A CD    1 
ATOM   1412 C  CE    . LYS A 1 184 ? -9.081  13.997  -11.545 1.00 96.13  ? 178 LYS A CE    1 
ATOM   1413 N  NZ    . LYS A 1 184 ? -8.482  12.637  -11.682 1.00 91.94  ? 178 LYS A NZ    1 
ATOM   1414 N  N     . ASN A 1 185 ? -10.679 13.991  -5.968  1.00 98.94  ? 179 ASN A N     1 
ATOM   1415 C  CA    . ASN A 1 185 ? -11.980 14.449  -5.423  1.00 101.56 ? 179 ASN A CA    1 
ATOM   1416 C  C     . ASN A 1 185 ? -12.837 15.023  -6.542  1.00 102.51 ? 179 ASN A C     1 
ATOM   1417 O  O     . ASN A 1 185 ? -13.124 14.326  -7.513  1.00 105.96 ? 179 ASN A O     1 
ATOM   1418 C  CB    . ASN A 1 185 ? -11.856 15.462  -4.254  1.00 106.51 ? 179 ASN A CB    1 
ATOM   1419 C  CG    . ASN A 1 185 ? -11.403 14.818  -2.949  1.00 106.08 ? 179 ASN A CG    1 
ATOM   1420 O  OD1   . ASN A 1 185 ? -12.071 14.937  -1.923  1.00 100.35 ? 179 ASN A OD1   1 
ATOM   1421 N  ND2   . ASN A 1 185 ? -10.262 14.145  -2.979  1.00 106.15 ? 179 ASN A ND2   1 
HETATM 1422 P  PB    . GDP B 2 .   ? 7.442   -7.768  0.766   1.00 48.98  ? 201 GDP A PB    1 
HETATM 1423 O  O1B   . GDP B 2 .   ? 8.217   -6.837  -0.118  1.00 49.29  ? 201 GDP A O1B   1 
HETATM 1424 O  O2B   . GDP B 2 .   ? 8.270   -8.210  1.915   1.00 54.95  ? 201 GDP A O2B   1 
HETATM 1425 O  O3B   . GDP B 2 .   ? 6.034   -7.356  1.098   1.00 55.13  ? 201 GDP A O3B   1 
HETATM 1426 O  O3A   . GDP B 2 .   ? 6.988   -9.073  -0.017  1.00 49.96  ? 201 GDP A O3A   1 
HETATM 1427 P  PA    . GDP B 2 .   ? 7.581   -9.447  -1.459  1.00 50.00  ? 201 GDP A PA    1 
HETATM 1428 O  O1A   . GDP B 2 .   ? 6.918   -8.681  -2.563  1.00 51.87  ? 201 GDP A O1A   1 
HETATM 1429 O  O2A   . GDP B 2 .   ? 9.098   -9.518  -1.293  1.00 43.16  ? 201 GDP A O2A   1 
HETATM 1430 O  "O5'" . GDP B 2 .   ? 6.909   -10.879 -1.636  1.00 50.36  ? 201 GDP A "O5'" 1 
HETATM 1431 C  "C5'" . GDP B 2 .   ? 7.286   -11.928 -0.753  1.00 51.81  ? 201 GDP A "C5'" 1 
HETATM 1432 C  "C4'" . GDP B 2 .   ? 6.977   -13.290 -1.359  1.00 52.26  ? 201 GDP A "C4'" 1 
HETATM 1433 O  "O4'" . GDP B 2 .   ? 5.579   -13.467 -1.592  1.00 55.81  ? 201 GDP A "O4'" 1 
HETATM 1434 C  "C3'" . GDP B 2 .   ? 7.641   -13.532 -2.685  1.00 58.04  ? 201 GDP A "C3'" 1 
HETATM 1435 O  "O3'" . GDP B 2 .   ? 7.998   -14.922 -2.639  1.00 59.07  ? 201 GDP A "O3'" 1 
HETATM 1436 C  "C2'" . GDP B 2 .   ? 6.545   -13.251 -3.696  1.00 58.16  ? 201 GDP A "C2'" 1 
HETATM 1437 O  "O2'" . GDP B 2 .   ? 6.655   -13.960 -4.931  1.00 65.33  ? 201 GDP A "O2'" 1 
HETATM 1438 C  "C1'" . GDP B 2 .   ? 5.325   -13.778 -2.963  1.00 53.35  ? 201 GDP A "C1'" 1 
HETATM 1439 N  N9    . GDP B 2 .   ? 4.042   -13.159 -3.353  1.00 47.78  ? 201 GDP A N9    1 
HETATM 1440 C  C8    . GDP B 2 .   ? 3.795   -11.831 -3.441  1.00 41.45  ? 201 GDP A C8    1 
HETATM 1441 N  N7    . GDP B 2 .   ? 2.506   -11.651 -3.839  1.00 41.65  ? 201 GDP A N7    1 
HETATM 1442 C  C5    . GDP B 2 .   ? 1.911   -12.821 -4.031  1.00 39.22  ? 201 GDP A C5    1 
HETATM 1443 C  C6    . GDP B 2 .   ? 0.577   -13.289 -4.396  1.00 45.53  ? 201 GDP A C6    1 
HETATM 1444 O  O6    . GDP B 2 .   ? -0.348  -12.515 -4.644  1.00 39.77  ? 201 GDP A O6    1 
HETATM 1445 N  N1    . GDP B 2 .   ? 0.362   -14.609 -4.439  1.00 51.91  ? 201 GDP A N1    1 
HETATM 1446 C  C2    . GDP B 2 .   ? 1.349   -15.492 -4.147  1.00 50.60  ? 201 GDP A C2    1 
HETATM 1447 N  N2    . GDP B 2 .   ? 1.105   -16.824 -4.223  1.00 51.04  ? 201 GDP A N2    1 
HETATM 1448 N  N3    . GDP B 2 .   ? 2.595   -15.111 -3.787  1.00 43.60  ? 201 GDP A N3    1 
HETATM 1449 C  C4    . GDP B 2 .   ? 2.929   -13.822 -3.699  1.00 44.62  ? 201 GDP A C4    1 
HETATM 1450 MG MG    . MG  C 3 .   ? 10.249  -6.121  0.054   1.00 55.07  ? 202 MG  A MG    1 
HETATM 1451 S  S     . SO4 D 4 .   ? -13.142 10.691  -12.104 1.00 75.91  ? 203 SO4 A S     1 
HETATM 1452 O  O1    . SO4 D 4 .   ? -12.880 10.480  -13.561 1.00 74.30  ? 203 SO4 A O1    1 
HETATM 1453 O  O2    . SO4 D 4 .   ? -14.513 10.312  -11.679 1.00 72.33  ? 203 SO4 A O2    1 
HETATM 1454 O  O3    . SO4 D 4 .   ? -12.139 9.885   -11.374 1.00 74.58  ? 203 SO4 A O3    1 
HETATM 1455 O  O4    . SO4 D 4 .   ? -12.920 12.112  -11.754 1.00 85.65  ? 203 SO4 A O4    1 
HETATM 1456 O  O     . HOH E 5 .   ? 9.806   -15.453 -2.285  1.00 44.15  ? 301 HOH A O     1 
HETATM 1457 O  O     . HOH E 5 .   ? 10.427  -8.180  -0.312  1.00 48.86  ? 302 HOH A O     1 
HETATM 1458 O  O     . HOH E 5 .   ? 9.164   -15.725 -4.384  1.00 54.37  ? 303 HOH A O     1 
HETATM 1459 O  O     . HOH E 5 .   ? 10.130  -7.026  2.357   1.00 48.83  ? 304 HOH A O     1 
HETATM 1460 O  O     . HOH E 5 .   ? -3.575  13.348  6.764   1.00 50.17  ? 305 HOH A O     1 
HETATM 1461 O  O     . HOH E 5 .   ? 9.298   -4.866  1.057   1.00 54.55  ? 306 HOH A O     1 
HETATM 1462 O  O     . HOH E 5 .   ? -3.603  -13.540 13.783  0.50 23.29  ? 307 HOH A O     1 
HETATM 1463 O  O     . HOH E 5 .   ? -4.009  -6.640  16.564  0.50 22.69  ? 308 HOH A O     1 
HETATM 1464 O  O     . HOH E 5 .   ? -4.469  14.351  -0.469  1.00 52.36  ? 309 HOH A O     1 
HETATM 1465 O  O     . HOH E 5 .   ? 0.652   -7.031  6.139   1.00 38.34  ? 310 HOH A O     1 
HETATM 1466 O  O     . HOH E 5 .   ? 11.987  -2.523  5.470   1.00 59.87  ? 311 HOH A O     1 
HETATM 1467 O  O     . HOH E 5 .   ? -11.919 0.624   -12.517 0.50 29.35  ? 312 HOH A O     1 
HETATM 1468 O  O     . HOH E 5 .   ? 4.075   0.902   -17.114 1.00 46.12  ? 313 HOH A O     1 
HETATM 1469 O  O     . HOH E 5 .   ? -7.345  -10.407 -7.318  1.00 51.00  ? 314 HOH A O     1 
HETATM 1470 O  O     . HOH E 5 .   ? 8.325   0.159   -11.072 1.00 39.92  ? 315 HOH A O     1 
HETATM 1471 O  O     . HOH E 5 .   ? 3.434   -5.842  19.646  0.50 38.77  ? 316 HOH A O     1 
HETATM 1472 O  O     . HOH E 5 .   ? 0.984   13.414  5.864   1.00 50.18  ? 317 HOH A O     1 
HETATM 1473 O  O     . HOH E 5 .   ? -10.323 13.105  6.574   1.00 46.93  ? 318 HOH A O     1 
HETATM 1474 O  O     . HOH E 5 .   ? -4.065  13.522  -16.692 1.00 63.72  ? 319 HOH A O     1 
HETATM 1475 O  O     . HOH E 5 .   ? -2.718  -22.734 -2.107  1.00 67.56  ? 320 HOH A O     1 
HETATM 1476 O  O     . HOH E 5 .   ? -11.839 2.910   -15.230 1.00 73.97  ? 321 HOH A O     1 
HETATM 1477 O  O     . HOH E 5 .   ? 1.945   15.983  6.446   1.00 60.94  ? 322 HOH A O     1 
HETATM 1478 O  O     . HOH E 5 .   ? 3.188   -3.180  19.674  1.00 65.59  ? 323 HOH A O     1 
HETATM 1479 O  O     . HOH E 5 .   ? -2.329  -0.358  16.934  1.00 48.91  ? 324 HOH A O     1 
HETATM 1480 O  O     . HOH E 5 .   ? 19.937  2.449   -13.110 1.00 50.80  ? 325 HOH A O     1 
HETATM 1481 O  O     . HOH E 5 .   ? -12.072 -11.708 9.991   1.00 48.81  ? 326 HOH A O     1 
HETATM 1482 O  O     . HOH E 5 .   ? -5.714  12.676  0.921   1.00 49.58  ? 327 HOH A O     1 
HETATM 1483 O  O     . HOH E 5 .   ? 2.838   -10.421 5.472   1.00 43.47  ? 328 HOH A O     1 
HETATM 1484 O  O     . HOH E 5 .   ? 0.498   -9.795  6.087   1.00 43.37  ? 329 HOH A O     1 
HETATM 1485 O  O     . HOH E 5 .   ? -1.189  16.844  -2.763  0.50 33.57  ? 330 HOH A O     1 
HETATM 1486 O  O     . HOH E 5 .   ? 21.843  3.291   2.727   1.00 61.81  ? 331 HOH A O     1 
HETATM 1487 O  O     . HOH E 5 .   ? 10.876  11.245  -1.741  1.00 68.62  ? 332 HOH A O     1 
HETATM 1488 O  O     . HOH E 5 .   ? 2.899   -1.558  -17.005 1.00 45.64  ? 333 HOH A O     1 
HETATM 1489 O  O     . HOH E 5 .   ? 10.720  -13.896 -3.621  1.00 67.91  ? 334 HOH A O     1 
HETATM 1490 O  O     . HOH E 5 .   ? -1.477  -3.453  -16.630 1.00 60.09  ? 335 HOH A O     1 
HETATM 1491 O  O     . HOH E 5 .   ? -9.124  17.695  5.880   1.00 74.19  ? 336 HOH A O     1 
HETATM 1492 O  O     . HOH E 5 .   ? -14.991 4.857   2.065   1.00 56.61  ? 337 HOH A O     1 
HETATM 1493 O  O     . HOH E 5 .   ? -0.267  -4.891  -21.010 1.00 70.38  ? 338 HOH A O     1 
HETATM 1494 O  O     . HOH E 5 .   ? -10.164 3.028   12.249  1.00 58.06  ? 339 HOH A O     1 
HETATM 1495 O  O     . HOH E 5 .   ? -12.173 -6.982  -3.903  1.00 51.45  ? 340 HOH A O     1 
HETATM 1496 O  O     . HOH E 5 .   ? 11.877  -4.857  0.795   1.00 65.02  ? 341 HOH A O     1 
HETATM 1497 O  O     . HOH E 5 .   ? 16.182  11.068  5.314   1.00 62.72  ? 342 HOH A O     1 
HETATM 1498 O  O     . HOH E 5 .   ? 14.425  10.342  2.521   1.00 67.57  ? 343 HOH A O     1 
HETATM 1499 O  O     . HOH E 5 .   ? -10.188 12.194  4.200   1.00 47.62  ? 344 HOH A O     1 
HETATM 1500 O  O     . HOH E 5 .   ? -4.912  20.065  -9.612  1.00 64.31  ? 345 HOH A O     1 
HETATM 1501 O  O     . HOH E 5 .   ? -11.307 -11.711 -30.825 1.00 69.86  ? 346 HOH A O     1 
# 
loop_
_pdbx_poly_seq_scheme.asym_id 
_pdbx_poly_seq_scheme.entity_id 
_pdbx_poly_seq_scheme.seq_id 
_pdbx_poly_seq_scheme.mon_id 
_pdbx_poly_seq_scheme.ndb_seq_num 
_pdbx_poly_seq_scheme.pdb_seq_num 
_pdbx_poly_seq_scheme.auth_seq_num 
_pdbx_poly_seq_scheme.pdb_mon_id 
_pdbx_poly_seq_scheme.auth_mon_id 
_pdbx_poly_seq_scheme.pdb_strand_id 
_pdbx_poly_seq_scheme.pdb_ins_code 
_pdbx_poly_seq_scheme.hetero 
A 1 1   HIS 1   -5  ?   ?   ?   A . n 
A 1 2   HIS 2   -4  ?   ?   ?   A . n 
A 1 3   HIS 3   -3  ?   ?   ?   A . n 
A 1 4   HIS 4   -2  ?   ?   ?   A . n 
A 1 5   HIS 5   -1  -1  HIS HIS A . n 
A 1 6   HIS 6   0   0   HIS HIS A . n 
A 1 7   MET 7   1   1   MET MET A . n 
A 1 8   GLY 8   2   2   GLY GLY A . n 
A 1 9   GLN 9   3   3   GLN GLN A . n 
A 1 10  ALA 10  4   4   ALA ALA A . n 
A 1 11  PHE 11  5   5   PHE PHE A . n 
A 1 12  THR 12  6   6   THR THR A . n 
A 1 13  LYS 13  7   7   LYS LYS A . n 
A 1 14  LEU 14  8   8   LEU LEU A . n 
A 1 15  PHE 15  9   9   PHE PHE A . n 
A 1 16  ASP 16  10  10  ASP ASP A . n 
A 1 17  ARG 17  11  11  ARG ARG A . n 
A 1 18  TRP 18  12  12  TRP TRP A . n 
A 1 19  PHE 19  13  13  PHE PHE A . n 
A 1 20  GLY 20  14  14  GLY GLY A . n 
A 1 21  ASN 21  15  15  ASN ASN A . n 
A 1 22  ARG 22  16  16  ARG ARG A . n 
A 1 23  GLU 23  17  17  GLU GLU A . n 
A 1 24  MET 24  18  18  MET MET A . n 
A 1 25  ARG 25  19  19  ARG ARG A . n 
A 1 26  VAL 26  20  20  VAL VAL A . n 
A 1 27  VAL 27  21  21  VAL VAL A . n 
A 1 28  MET 28  22  22  MET MET A . n 
A 1 29  LEU 29  23  23  LEU LEU A . n 
A 1 30  GLY 30  24  24  GLY GLY A . n 
A 1 31  LEU 31  25  25  LEU LEU A . n 
A 1 32  ASP 32  26  26  ASP ASP A . n 
A 1 33  ALA 33  27  27  ALA ALA A . n 
A 1 34  ALA 34  28  28  ALA ALA A . n 
A 1 35  GLY 35  29  29  GLY GLY A . n 
A 1 36  LYS 36  30  30  LYS LYS A . n 
A 1 37  THR 37  31  31  THR THR A . n 
A 1 38  THR 38  32  32  THR THR A . n 
A 1 39  ILE 39  33  33  ILE ILE A . n 
A 1 40  LEU 40  34  34  LEU LEU A . n 
A 1 41  TYR 41  35  35  TYR TYR A . n 
A 1 42  LYS 42  36  36  LYS LYS A . n 
A 1 43  LEU 43  37  37  LEU LEU A . n 
A 1 44  HIS 44  38  38  HIS HIS A . n 
A 1 45  ILE 45  39  39  ILE ILE A . n 
A 1 46  GLY 46  40  40  GLY GLY A . n 
A 1 47  GLU 47  41  41  GLU GLU A . n 
A 1 48  VAL 48  42  42  VAL VAL A . n 
A 1 49  LEU 49  43  43  LEU LEU A . n 
A 1 50  THR 50  44  44  THR THR A . n 
A 1 51  THR 51  45  45  THR THR A . n 
A 1 52  VAL 52  46  46  VAL VAL A . n 
A 1 53  PRO 53  47  47  PRO PRO A . n 
A 1 54  THR 54  48  48  THR THR A . n 
A 1 55  ILE 55  49  49  ILE ILE A . n 
A 1 56  GLY 56  50  50  GLY GLY A . n 
A 1 57  PHE 57  51  51  PHE PHE A . n 
A 1 58  ASN 58  52  52  ASN ASN A . n 
A 1 59  VAL 59  53  53  VAL VAL A . n 
A 1 60  GLU 60  54  54  GLU GLU A . n 
A 1 61  LYS 61  55  55  LYS LYS A . n 
A 1 62  VAL 62  56  56  VAL VAL A . n 
A 1 63  GLN 63  57  57  GLN GLN A . n 
A 1 64  TYR 64  58  58  TYR TYR A . n 
A 1 65  LYS 65  59  59  LYS LYS A . n 
A 1 66  ASN 66  60  60  ASN ASN A . n 
A 1 67  VAL 67  61  61  VAL VAL A . n 
A 1 68  VAL 68  62  62  VAL VAL A . n 
A 1 69  PHE 69  63  63  PHE PHE A . n 
A 1 70  THR 70  64  64  THR THR A . n 
A 1 71  VAL 71  65  65  VAL VAL A . n 
A 1 72  TRP 72  66  66  TRP TRP A . n 
A 1 73  ASP 73  67  67  ASP ASP A . n 
A 1 74  VAL 74  68  68  VAL VAL A . n 
A 1 75  GLY 75  69  69  GLY GLY A . n 
A 1 76  GLY 76  70  70  GLY GLY A . n 
A 1 77  GLN 77  71  71  GLN GLN A . n 
A 1 78  GLU 78  72  72  GLU GLU A . n 
A 1 79  LYS 79  73  73  LYS LYS A . n 
A 1 80  LEU 80  74  74  LEU LEU A . n 
A 1 81  ARG 81  75  75  ARG ARG A . n 
A 1 82  PRO 82  76  76  PRO PRO A . n 
A 1 83  LEU 83  77  77  LEU LEU A . n 
A 1 84  TRP 84  78  78  TRP TRP A . n 
A 1 85  ARG 85  79  79  ARG ARG A . n 
A 1 86  HIS 86  80  80  HIS HIS A . n 
A 1 87  TYR 87  81  81  TYR TYR A . n 
A 1 88  PHE 88  82  82  PHE PHE A . n 
A 1 89  ASN 89  83  83  ASN ASN A . n 
A 1 90  ASN 90  84  84  ASN ASN A . n 
A 1 91  THR 91  85  85  THR THR A . n 
A 1 92  ASP 92  86  86  ASP ASP A . n 
A 1 93  GLY 93  87  87  GLY GLY A . n 
A 1 94  LEU 94  88  88  LEU LEU A . n 
A 1 95  ILE 95  89  89  ILE ILE A . n 
A 1 96  PHE 96  90  90  PHE PHE A . n 
A 1 97  VAL 97  91  91  VAL VAL A . n 
A 1 98  VAL 98  92  92  VAL VAL A . n 
A 1 99  ASP 99  93  93  ASP ASP A . n 
A 1 100 SER 100 94  94  SER SER A . n 
A 1 101 GLN 101 95  95  GLN GLN A . n 
A 1 102 ASP 102 96  96  ASP ASP A . n 
A 1 103 ARG 103 97  97  ARG ARG A . n 
A 1 104 ASP 104 98  98  ASP ASP A . n 
A 1 105 ARG 105 99  99  ARG ARG A . n 
A 1 106 ILE 106 100 100 ILE ILE A . n 
A 1 107 GLY 107 101 101 GLY GLY A . n 
A 1 108 LYS 108 102 102 LYS LYS A . n 
A 1 109 ALA 109 103 103 ALA ALA A . n 
A 1 110 ALA 110 104 104 ALA ALA A . n 
A 1 111 GLN 111 105 105 GLN GLN A . n 
A 1 112 GLU 112 106 106 GLU GLU A . n 
A 1 113 PHE 113 107 107 PHE PHE A . n 
A 1 114 GLN 114 108 108 GLN GLN A . n 
A 1 115 ALA 115 109 109 ALA ALA A . n 
A 1 116 ILE 116 110 110 ILE ILE A . n 
A 1 117 LEU 117 111 111 LEU LEU A . n 
A 1 118 GLN 118 112 112 GLN GLN A . n 
A 1 119 ASP 119 113 113 ASP ASP A . n 
A 1 120 PRO 120 114 114 PRO PRO A . n 
A 1 121 LEU 121 115 115 LEU LEU A . n 
A 1 122 MET 122 116 116 MET MET A . n 
A 1 123 LEU 123 117 117 LEU LEU A . n 
A 1 124 HIS 124 118 118 HIS HIS A . n 
A 1 125 SER 125 119 119 SER SER A . n 
A 1 126 ALA 126 120 120 ALA ALA A . n 
A 1 127 ILE 127 121 121 ILE ILE A . n 
A 1 128 LEU 128 122 122 LEU LEU A . n 
A 1 129 VAL 129 123 123 VAL VAL A . n 
A 1 130 PHE 130 124 124 PHE PHE A . n 
A 1 131 ALA 131 125 125 ALA ALA A . n 
A 1 132 ASN 132 126 126 ASN ASN A . n 
A 1 133 LYS 133 127 127 LYS LYS A . n 
A 1 134 GLN 134 128 128 GLN GLN A . n 
A 1 135 ASP 135 129 129 ASP ASP A . n 
A 1 136 MET 136 130 130 MET MET A . n 
A 1 137 LYS 137 131 131 LYS LYS A . n 
A 1 138 GLY 138 132 132 GLY GLY A . n 
A 1 139 CYS 139 133 133 CYS CYS A . n 
A 1 140 LEU 140 134 134 LEU LEU A . n 
A 1 141 THR 141 135 135 THR THR A . n 
A 1 142 PRO 142 136 136 PRO PRO A . n 
A 1 143 ALA 143 137 137 ALA ALA A . n 
A 1 144 GLU 144 138 138 GLU GLU A . n 
A 1 145 VAL 145 139 139 VAL VAL A . n 
A 1 146 CYS 146 140 140 CYS CYS A . n 
A 1 147 THR 147 141 141 THR THR A . n 
A 1 148 ALA 148 142 142 ALA ALA A . n 
A 1 149 LEU 149 143 143 LEU LEU A . n 
A 1 150 GLY 150 144 144 GLY GLY A . n 
A 1 151 LEU 151 145 145 LEU LEU A . n 
A 1 152 SER 152 146 146 SER SER A . n 
A 1 153 ASP 153 147 147 ASP ASP A . n 
A 1 154 MET 154 148 148 MET MET A . n 
A 1 155 ARG 155 149 149 ARG ARG A . n 
A 1 156 THR 156 150 150 THR THR A . n 
A 1 157 ARG 157 151 151 ARG ARG A . n 
A 1 158 LYS 158 152 152 LYS LYS A . n 
A 1 159 TRP 159 153 153 TRP TRP A . n 
A 1 160 HIS 160 154 154 HIS HIS A . n 
A 1 161 VAL 161 155 155 VAL VAL A . n 
A 1 162 GLN 162 156 156 GLN GLN A . n 
A 1 163 SER 163 157 157 SER SER A . n 
A 1 164 SER 164 158 158 SER SER A . n 
A 1 165 VAL 165 159 159 VAL VAL A . n 
A 1 166 ALA 166 160 160 ALA ALA A . n 
A 1 167 THR 167 161 161 THR THR A . n 
A 1 168 ARG 168 162 162 ARG ARG A . n 
A 1 169 GLY 169 163 163 GLY GLY A . n 
A 1 170 GLU 170 164 164 GLU GLU A . n 
A 1 171 GLY 171 165 165 GLY GLY A . n 
A 1 172 LEU 172 166 166 LEU LEU A . n 
A 1 173 TYR 173 167 167 TYR TYR A . n 
A 1 174 GLU 174 168 168 GLU GLU A . n 
A 1 175 GLY 175 169 169 GLY GLY A . n 
A 1 176 LEU 176 170 170 LEU LEU A . n 
A 1 177 ASP 177 171 171 ASP ASP A . n 
A 1 178 TRP 178 172 172 TRP TRP A . n 
A 1 179 LEU 179 173 173 LEU LEU A . n 
A 1 180 ALA 180 174 174 ALA ALA A . n 
A 1 181 THR 181 175 175 THR THR A . n 
A 1 182 THR 182 176 176 THR THR A . n 
A 1 183 LEU 183 177 177 LEU LEU A . n 
A 1 184 LYS 184 178 178 LYS LYS A . n 
A 1 185 ASN 185 179 179 ASN ASN A . n 
A 1 186 SER 186 180 ?   ?   ?   A . n 
A 1 187 ASN 187 181 ?   ?   ?   A . n 
A 1 188 ALA 188 182 ?   ?   ?   A . n 
A 1 189 GLY 189 183 ?   ?   ?   A . n 
A 1 190 ARG 190 184 ?   ?   ?   A . n 
A 1 191 PRO 191 185 ?   ?   ?   A . n 
A 1 192 VAL 192 186 ?   ?   ?   A . n 
# 
loop_
_pdbx_nonpoly_scheme.asym_id 
_pdbx_nonpoly_scheme.entity_id 
_pdbx_nonpoly_scheme.mon_id 
_pdbx_nonpoly_scheme.ndb_seq_num 
_pdbx_nonpoly_scheme.pdb_seq_num 
_pdbx_nonpoly_scheme.auth_seq_num 
_pdbx_nonpoly_scheme.pdb_mon_id 
_pdbx_nonpoly_scheme.auth_mon_id 
_pdbx_nonpoly_scheme.pdb_strand_id 
_pdbx_nonpoly_scheme.pdb_ins_code 
B 2 GDP 1  201 180 GDP GDP A . 
C 3 MG  1  202 181 MG  MG  A . 
D 4 SO4 1  203 182 SO4 SO4 A . 
E 5 HOH 1  301 228 HOH HOH A . 
E 5 HOH 2  302 199 HOH HOH A . 
E 5 HOH 3  303 227 HOH HOH A . 
E 5 HOH 4  304 197 HOH HOH A . 
E 5 HOH 5  305 204 HOH HOH A . 
E 5 HOH 6  306 207 HOH HOH A . 
E 5 HOH 7  307 183 HOH HOH A . 
E 5 HOH 8  308 184 HOH HOH A . 
E 5 HOH 9  309 206 HOH HOH A . 
E 5 HOH 10 310 187 HOH HOH A . 
E 5 HOH 11 311 210 HOH HOH A . 
E 5 HOH 12 312 185 HOH HOH A . 
E 5 HOH 13 313 192 HOH HOH A . 
E 5 HOH 14 314 203 HOH HOH A . 
E 5 HOH 15 315 189 HOH HOH A . 
E 5 HOH 16 316 188 HOH HOH A . 
E 5 HOH 17 317 201 HOH HOH A . 
E 5 HOH 18 318 194 HOH HOH A . 
E 5 HOH 19 319 215 HOH HOH A . 
E 5 HOH 20 320 219 HOH HOH A . 
E 5 HOH 21 321 225 HOH HOH A . 
E 5 HOH 22 322 211 HOH HOH A . 
E 5 HOH 23 323 216 HOH HOH A . 
E 5 HOH 24 324 198 HOH HOH A . 
E 5 HOH 25 325 202 HOH HOH A . 
E 5 HOH 26 326 196 HOH HOH A . 
E 5 HOH 27 327 200 HOH HOH A . 
E 5 HOH 28 328 191 HOH HOH A . 
E 5 HOH 29 329 190 HOH HOH A . 
E 5 HOH 30 330 186 HOH HOH A . 
E 5 HOH 31 331 212 HOH HOH A . 
E 5 HOH 32 332 222 HOH HOH A . 
E 5 HOH 33 333 193 HOH HOH A . 
E 5 HOH 34 334 226 HOH HOH A . 
E 5 HOH 35 335 214 HOH HOH A . 
E 5 HOH 36 336 224 HOH HOH A . 
E 5 HOH 37 337 208 HOH HOH A . 
E 5 HOH 38 338 223 HOH HOH A . 
E 5 HOH 39 339 209 HOH HOH A . 
E 5 HOH 40 340 205 HOH HOH A . 
E 5 HOH 41 341 218 HOH HOH A . 
E 5 HOH 42 342 213 HOH HOH A . 
E 5 HOH 43 343 220 HOH HOH A . 
E 5 HOH 44 344 195 HOH HOH A . 
E 5 HOH 45 345 217 HOH HOH A . 
E 5 HOH 46 346 221 HOH HOH A . 
# 
_pdbx_struct_assembly.id                   1 
_pdbx_struct_assembly.details              author_and_software_defined_assembly 
_pdbx_struct_assembly.method_details       PISA 
_pdbx_struct_assembly.oligomeric_details   monomeric 
_pdbx_struct_assembly.oligomeric_count     1 
# 
_pdbx_struct_assembly_gen.assembly_id       1 
_pdbx_struct_assembly_gen.oper_expression   1 
_pdbx_struct_assembly_gen.asym_id_list      A,B,C,D,E 
# 
loop_
_pdbx_struct_assembly_prop.biol_id 
_pdbx_struct_assembly_prop.type 
_pdbx_struct_assembly_prop.value 
_pdbx_struct_assembly_prop.details 
1 'ABSA (A^2)' 770  ? 
1 MORE         -16  ? 
1 'SSA (A^2)'  8990 ? 
# 
_pdbx_struct_oper_list.id                   1 
_pdbx_struct_oper_list.type                 'identity operation' 
_pdbx_struct_oper_list.name                 1_555 
_pdbx_struct_oper_list.symmetry_operation   x,y,z 
_pdbx_struct_oper_list.matrix[1][1]         1.0000000000 
_pdbx_struct_oper_list.matrix[1][2]         0.0000000000 
_pdbx_struct_oper_list.matrix[1][3]         0.0000000000 
_pdbx_struct_oper_list.vector[1]            0.0000000000 
_pdbx_struct_oper_list.matrix[2][1]         0.0000000000 
_pdbx_struct_oper_list.matrix[2][2]         1.0000000000 
_pdbx_struct_oper_list.matrix[2][3]         0.0000000000 
_pdbx_struct_oper_list.vector[2]            0.0000000000 
_pdbx_struct_oper_list.matrix[3][1]         0.0000000000 
_pdbx_struct_oper_list.matrix[3][2]         0.0000000000 
_pdbx_struct_oper_list.matrix[3][3]         1.0000000000 
_pdbx_struct_oper_list.vector[3]            0.0000000000 
# 
loop_
_pdbx_struct_conn_angle.id 
_pdbx_struct_conn_angle.ptnr1_label_atom_id 
_pdbx_struct_conn_angle.ptnr1_label_alt_id 
_pdbx_struct_conn_angle.ptnr1_label_asym_id 
_pdbx_struct_conn_angle.ptnr1_label_comp_id 
_pdbx_struct_conn_angle.ptnr1_label_seq_id 
_pdbx_struct_conn_angle.ptnr1_auth_atom_id 
_pdbx_struct_conn_angle.ptnr1_auth_asym_id 
_pdbx_struct_conn_angle.ptnr1_auth_comp_id 
_pdbx_struct_conn_angle.ptnr1_auth_seq_id 
_pdbx_struct_conn_angle.ptnr1_PDB_ins_code 
_pdbx_struct_conn_angle.ptnr1_symmetry 
_pdbx_struct_conn_angle.ptnr2_label_atom_id 
_pdbx_struct_conn_angle.ptnr2_label_alt_id 
_pdbx_struct_conn_angle.ptnr2_label_asym_id 
_pdbx_struct_conn_angle.ptnr2_label_comp_id 
_pdbx_struct_conn_angle.ptnr2_label_seq_id 
_pdbx_struct_conn_angle.ptnr2_auth_atom_id 
_pdbx_struct_conn_angle.ptnr2_auth_asym_id 
_pdbx_struct_conn_angle.ptnr2_auth_comp_id 
_pdbx_struct_conn_angle.ptnr2_auth_seq_id 
_pdbx_struct_conn_angle.ptnr2_PDB_ins_code 
_pdbx_struct_conn_angle.ptnr2_symmetry 
_pdbx_struct_conn_angle.ptnr3_label_atom_id 
_pdbx_struct_conn_angle.ptnr3_label_alt_id 
_pdbx_struct_conn_angle.ptnr3_label_asym_id 
_pdbx_struct_conn_angle.ptnr3_label_comp_id 
_pdbx_struct_conn_angle.ptnr3_label_seq_id 
_pdbx_struct_conn_angle.ptnr3_auth_atom_id 
_pdbx_struct_conn_angle.ptnr3_auth_asym_id 
_pdbx_struct_conn_angle.ptnr3_auth_comp_id 
_pdbx_struct_conn_angle.ptnr3_auth_seq_id 
_pdbx_struct_conn_angle.ptnr3_PDB_ins_code 
_pdbx_struct_conn_angle.ptnr3_symmetry 
_pdbx_struct_conn_angle.value 
_pdbx_struct_conn_angle.value_esd 
1  OG1 ? A THR 37 ? A THR 31  ? 1_555 MG ? C MG . ? A MG 202 ? 1_555 O1B ? B GDP . ? A GDP 201 ? 1_555 90.5  ? 
2  OG1 ? A THR 37 ? A THR 31  ? 1_555 MG ? C MG . ? A MG 202 ? 1_555 O   ? E HOH . ? A HOH 302 ? 1_555 113.4 ? 
3  O1B ? B GDP .  ? A GDP 201 ? 1_555 MG ? C MG . ? A MG 202 ? 1_555 O   ? E HOH . ? A HOH 302 ? 1_555 75.0  ? 
4  OG1 ? A THR 37 ? A THR 31  ? 1_555 MG ? C MG . ? A MG 202 ? 1_555 O   ? E HOH . ? A HOH 304 ? 1_555 165.2 ? 
5  O1B ? B GDP .  ? A GDP 201 ? 1_555 MG ? C MG . ? A MG 202 ? 1_555 O   ? E HOH . ? A HOH 304 ? 1_555 84.7  ? 
6  O   ? E HOH .  ? A HOH 302 ? 1_555 MG ? C MG . ? A MG 202 ? 1_555 O   ? E HOH . ? A HOH 304 ? 1_555 78.9  ? 
7  OG1 ? A THR 37 ? A THR 31  ? 1_555 MG ? C MG . ? A MG 202 ? 1_555 O   ? E HOH . ? A HOH 306 ? 1_555 91.5  ? 
8  O1B ? B GDP .  ? A GDP 201 ? 1_555 MG ? C MG . ? A MG 202 ? 1_555 O   ? E HOH . ? A HOH 306 ? 1_555 77.6  ? 
9  O   ? E HOH .  ? A HOH 302 ? 1_555 MG ? C MG . ? A MG 202 ? 1_555 O   ? E HOH . ? A HOH 306 ? 1_555 142.7 ? 
10 O   ? E HOH .  ? A HOH 304 ? 1_555 MG ? C MG . ? A MG 202 ? 1_555 O   ? E HOH . ? A HOH 306 ? 1_555 73.8  ? 
11 OG1 ? A THR 37 ? A THR 31  ? 1_555 MG ? C MG . ? A MG 202 ? 1_555 O   ? E HOH . ? A HOH 341 ? 1_555 92.9  ? 
12 O1B ? B GDP .  ? A GDP 201 ? 1_555 MG ? C MG . ? A MG 202 ? 1_555 O   ? E HOH . ? A HOH 341 ? 1_555 156.5 ? 
13 O   ? E HOH .  ? A HOH 302 ? 1_555 MG ? C MG . ? A MG 202 ? 1_555 O   ? E HOH . ? A HOH 341 ? 1_555 124.2 ? 
14 O   ? E HOH .  ? A HOH 304 ? 1_555 MG ? C MG . ? A MG 202 ? 1_555 O   ? E HOH . ? A HOH 341 ? 1_555 86.1  ? 
15 O   ? E HOH .  ? A HOH 306 ? 1_555 MG ? C MG . ? A MG 202 ? 1_555 O   ? E HOH . ? A HOH 341 ? 1_555 79.0  ? 
# 
loop_
_pdbx_audit_revision_history.ordinal 
_pdbx_audit_revision_history.data_content_type 
_pdbx_audit_revision_history.major_revision 
_pdbx_audit_revision_history.minor_revision 
_pdbx_audit_revision_history.revision_date 
1 'Structure model' 1 0 2019-07-10 
2 'Structure model' 1 1 2023-11-22 
# 
_pdbx_audit_revision_details.ordinal             1 
_pdbx_audit_revision_details.revision_ordinal    1 
_pdbx_audit_revision_details.data_content_type   'Structure model' 
_pdbx_audit_revision_details.provider            repository 
_pdbx_audit_revision_details.type                'Initial release' 
_pdbx_audit_revision_details.description         ? 
_pdbx_audit_revision_details.details             ? 
# 
loop_
_pdbx_audit_revision_group.ordinal 
_pdbx_audit_revision_group.revision_ordinal 
_pdbx_audit_revision_group.data_content_type 
_pdbx_audit_revision_group.group 
1 2 'Structure model' 'Data collection'        
2 2 'Structure model' 'Database references'    
3 2 'Structure model' 'Derived calculations'   
4 2 'Structure model' 'Refinement description' 
# 
loop_
_pdbx_audit_revision_category.ordinal 
_pdbx_audit_revision_category.revision_ordinal 
_pdbx_audit_revision_category.data_content_type 
_pdbx_audit_revision_category.category 
1 2 'Structure model' chem_comp_atom                
2 2 'Structure model' chem_comp_bond                
3 2 'Structure model' database_2                    
4 2 'Structure model' pdbx_initial_refinement_model 
5 2 'Structure model' pdbx_struct_conn_angle        
6 2 'Structure model' struct_conn                   
# 
loop_
_pdbx_audit_revision_item.ordinal 
_pdbx_audit_revision_item.revision_ordinal 
_pdbx_audit_revision_item.data_content_type 
_pdbx_audit_revision_item.item 
1 2 'Structure model' '_database_2.pdbx_DOI'                      
2 2 'Structure model' '_database_2.pdbx_database_accession'       
3 2 'Structure model' '_pdbx_struct_conn_angle.ptnr1_auth_seq_id' 
4 2 'Structure model' '_pdbx_struct_conn_angle.ptnr3_auth_seq_id' 
5 2 'Structure model' '_pdbx_struct_conn_angle.value'             
6 2 'Structure model' '_struct_conn.pdbx_dist_value'              
7 2 'Structure model' '_struct_conn.ptnr2_auth_seq_id'            
# 
loop_
_software.citation_id 
_software.classification 
_software.compiler_name 
_software.compiler_version 
_software.contact_author 
_software.contact_author_email 
_software.date 
_software.description 
_software.dependencies 
_software.hardware 
_software.language 
_software.location 
_software.mods 
_software.name 
_software.os 
_software.os_version 
_software.type 
_software.version 
_software.pdbx_ordinal 
? refinement       ? ? ? ? ? ? ? ? ? ? ? REFMAC   ? ? ? 5.8.0189 1 
? 'data reduction' ? ? ? ? ? ? ? ? ? ? ? HKL-2000 ? ? ? .        2 
? 'data scaling'   ? ? ? ? ? ? ? ? ? ? ? HKL-2000 ? ? ? .        3 
? phasing          ? ? ? ? ? ? ? ? ? ? ? PHASER   ? ? ? 2.6.1    4 
# 
loop_
_pdbx_validate_close_contact.id 
_pdbx_validate_close_contact.PDB_model_num 
_pdbx_validate_close_contact.auth_atom_id_1 
_pdbx_validate_close_contact.auth_asym_id_1 
_pdbx_validate_close_contact.auth_comp_id_1 
_pdbx_validate_close_contact.auth_seq_id_1 
_pdbx_validate_close_contact.PDB_ins_code_1 
_pdbx_validate_close_contact.label_alt_id_1 
_pdbx_validate_close_contact.auth_atom_id_2 
_pdbx_validate_close_contact.auth_asym_id_2 
_pdbx_validate_close_contact.auth_comp_id_2 
_pdbx_validate_close_contact.auth_seq_id_2 
_pdbx_validate_close_contact.PDB_ins_code_2 
_pdbx_validate_close_contact.label_alt_id_2 
_pdbx_validate_close_contact.dist 
1 1 "O3'" A GDP 201 ? ? O A HOH 301 ? ? 1.92 
2 1 O2A   A GDP 201 ? ? O A HOH 302 ? ? 2.13 
# 
loop_
_pdbx_validate_torsion.id 
_pdbx_validate_torsion.PDB_model_num 
_pdbx_validate_torsion.auth_comp_id 
_pdbx_validate_torsion.auth_asym_id 
_pdbx_validate_torsion.auth_seq_id 
_pdbx_validate_torsion.PDB_ins_code 
_pdbx_validate_torsion.label_alt_id 
_pdbx_validate_torsion.phi 
_pdbx_validate_torsion.psi 
1 1 ASN A 15  ? ? 81.02   -25.85  
2 1 LYS A 59  ? ? 52.72   -119.74 
3 1 GLU A 72  ? ? 40.75   -106.27 
4 1 LYS A 73  ? ? -160.68 92.38   
5 1 ASN A 84  ? ? 22.35   60.55   
6 1 ASP A 93  ? ? -69.72  98.11   
7 1 ARG A 149 ? ? -16.49  -142.11 
# 
loop_
_pdbx_unobs_or_zero_occ_atoms.id 
_pdbx_unobs_or_zero_occ_atoms.PDB_model_num 
_pdbx_unobs_or_zero_occ_atoms.polymer_flag 
_pdbx_unobs_or_zero_occ_atoms.occupancy_flag 
_pdbx_unobs_or_zero_occ_atoms.auth_asym_id 
_pdbx_unobs_or_zero_occ_atoms.auth_comp_id 
_pdbx_unobs_or_zero_occ_atoms.auth_seq_id 
_pdbx_unobs_or_zero_occ_atoms.PDB_ins_code 
_pdbx_unobs_or_zero_occ_atoms.auth_atom_id 
_pdbx_unobs_or_zero_occ_atoms.label_alt_id 
_pdbx_unobs_or_zero_occ_atoms.label_asym_id 
_pdbx_unobs_or_zero_occ_atoms.label_comp_id 
_pdbx_unobs_or_zero_occ_atoms.label_seq_id 
_pdbx_unobs_or_zero_occ_atoms.label_atom_id 
1  1 Y 1 A LYS 7   ? CG  ? A LYS 13  CG  
2  1 Y 1 A LYS 7   ? CD  ? A LYS 13  CD  
3  1 Y 1 A LYS 7   ? CE  ? A LYS 13  CE  
4  1 Y 1 A LYS 7   ? NZ  ? A LYS 13  NZ  
5  1 Y 1 A GLU 17  ? CD  ? A GLU 23  CD  
6  1 Y 1 A GLU 17  ? OE1 ? A GLU 23  OE1 
7  1 Y 1 A GLU 17  ? OE2 ? A GLU 23  OE2 
8  1 Y 1 A ILE 49  ? CG1 ? A ILE 55  CG1 
9  1 Y 1 A ILE 49  ? CG2 ? A ILE 55  CG2 
10 1 Y 1 A ILE 49  ? CD1 ? A ILE 55  CD1 
11 1 Y 1 A GLN 71  ? CG  ? A GLN 77  CG  
12 1 Y 1 A GLN 71  ? CD  ? A GLN 77  CD  
13 1 Y 1 A GLN 71  ? OE1 ? A GLN 77  OE1 
14 1 Y 1 A GLN 71  ? NE2 ? A GLN 77  NE2 
15 1 Y 1 A GLU 72  ? CG  ? A GLU 78  CG  
16 1 Y 1 A GLU 72  ? CD  ? A GLU 78  CD  
17 1 Y 1 A GLU 72  ? OE1 ? A GLU 78  OE1 
18 1 Y 1 A GLU 72  ? OE2 ? A GLU 78  OE2 
19 1 Y 1 A LYS 73  ? CE  ? A LYS 79  CE  
20 1 Y 1 A LYS 73  ? NZ  ? A LYS 79  NZ  
21 1 Y 1 A ARG 75  ? NE  ? A ARG 81  NE  
22 1 Y 1 A ARG 75  ? CZ  ? A ARG 81  CZ  
23 1 Y 1 A ARG 75  ? NH1 ? A ARG 81  NH1 
24 1 Y 1 A ARG 75  ? NH2 ? A ARG 81  NH2 
25 1 Y 1 A LEU 77  ? CG  ? A LEU 83  CG  
26 1 Y 1 A LEU 77  ? CD1 ? A LEU 83  CD1 
27 1 Y 1 A LEU 77  ? CD2 ? A LEU 83  CD2 
28 1 Y 1 A LYS 131 ? CG  ? A LYS 137 CG  
29 1 Y 1 A LYS 131 ? CD  ? A LYS 137 CD  
30 1 Y 1 A LYS 131 ? CE  ? A LYS 137 CE  
31 1 Y 1 A LYS 131 ? NZ  ? A LYS 137 NZ  
32 1 Y 1 A ARG 149 ? CG  ? A ARG 155 CG  
33 1 Y 1 A ARG 149 ? CD  ? A ARG 155 CD  
34 1 Y 1 A ARG 149 ? NE  ? A ARG 155 NE  
35 1 Y 1 A ARG 149 ? CZ  ? A ARG 155 CZ  
36 1 Y 1 A ARG 149 ? NH1 ? A ARG 155 NH1 
37 1 Y 1 A ARG 149 ? NH2 ? A ARG 155 NH2 
# 
loop_
_pdbx_unobs_or_zero_occ_residues.id 
_pdbx_unobs_or_zero_occ_residues.PDB_model_num 
_pdbx_unobs_or_zero_occ_residues.polymer_flag 
_pdbx_unobs_or_zero_occ_residues.occupancy_flag 
_pdbx_unobs_or_zero_occ_residues.auth_asym_id 
_pdbx_unobs_or_zero_occ_residues.auth_comp_id 
_pdbx_unobs_or_zero_occ_residues.auth_seq_id 
_pdbx_unobs_or_zero_occ_residues.PDB_ins_code 
_pdbx_unobs_or_zero_occ_residues.label_asym_id 
_pdbx_unobs_or_zero_occ_residues.label_comp_id 
_pdbx_unobs_or_zero_occ_residues.label_seq_id 
1  1 Y 1 A HIS -5  ? A HIS 1   
2  1 Y 1 A HIS -4  ? A HIS 2   
3  1 Y 1 A HIS -3  ? A HIS 3   
4  1 Y 1 A HIS -2  ? A HIS 4   
5  1 Y 1 A SER 180 ? A SER 186 
6  1 Y 1 A ASN 181 ? A ASN 187 
7  1 Y 1 A ALA 182 ? A ALA 188 
8  1 Y 1 A GLY 183 ? A GLY 189 
9  1 Y 1 A ARG 184 ? A ARG 190 
10 1 Y 1 A PRO 185 ? A PRO 191 
11 1 Y 1 A VAL 186 ? A VAL 192 
# 
loop_
_chem_comp_atom.comp_id 
_chem_comp_atom.atom_id 
_chem_comp_atom.type_symbol 
_chem_comp_atom.pdbx_aromatic_flag 
_chem_comp_atom.pdbx_stereo_config 
_chem_comp_atom.pdbx_ordinal 
ALA N      N  N N 1   
ALA CA     C  N S 2   
ALA C      C  N N 3   
ALA O      O  N N 4   
ALA CB     C  N N 5   
ALA OXT    O  N N 6   
ALA H      H  N N 7   
ALA H2     H  N N 8   
ALA HA     H  N N 9   
ALA HB1    H  N N 10  
ALA HB2    H  N N 11  
ALA HB3    H  N N 12  
ALA HXT    H  N N 13  
ARG N      N  N N 14  
ARG CA     C  N S 15  
ARG C      C  N N 16  
ARG O      O  N N 17  
ARG CB     C  N N 18  
ARG CG     C  N N 19  
ARG CD     C  N N 20  
ARG NE     N  N N 21  
ARG CZ     C  N N 22  
ARG NH1    N  N N 23  
ARG NH2    N  N N 24  
ARG OXT    O  N N 25  
ARG H      H  N N 26  
ARG H2     H  N N 27  
ARG HA     H  N N 28  
ARG HB2    H  N N 29  
ARG HB3    H  N N 30  
ARG HG2    H  N N 31  
ARG HG3    H  N N 32  
ARG HD2    H  N N 33  
ARG HD3    H  N N 34  
ARG HE     H  N N 35  
ARG HH11   H  N N 36  
ARG HH12   H  N N 37  
ARG HH21   H  N N 38  
ARG HH22   H  N N 39  
ARG HXT    H  N N 40  
ASN N      N  N N 41  
ASN CA     C  N S 42  
ASN C      C  N N 43  
ASN O      O  N N 44  
ASN CB     C  N N 45  
ASN CG     C  N N 46  
ASN OD1    O  N N 47  
ASN ND2    N  N N 48  
ASN OXT    O  N N 49  
ASN H      H  N N 50  
ASN H2     H  N N 51  
ASN HA     H  N N 52  
ASN HB2    H  N N 53  
ASN HB3    H  N N 54  
ASN HD21   H  N N 55  
ASN HD22   H  N N 56  
ASN HXT    H  N N 57  
ASP N      N  N N 58  
ASP CA     C  N S 59  
ASP C      C  N N 60  
ASP O      O  N N 61  
ASP CB     C  N N 62  
ASP CG     C  N N 63  
ASP OD1    O  N N 64  
ASP OD2    O  N N 65  
ASP OXT    O  N N 66  
ASP H      H  N N 67  
ASP H2     H  N N 68  
ASP HA     H  N N 69  
ASP HB2    H  N N 70  
ASP HB3    H  N N 71  
ASP HD2    H  N N 72  
ASP HXT    H  N N 73  
CYS N      N  N N 74  
CYS CA     C  N R 75  
CYS C      C  N N 76  
CYS O      O  N N 77  
CYS CB     C  N N 78  
CYS SG     S  N N 79  
CYS OXT    O  N N 80  
CYS H      H  N N 81  
CYS H2     H  N N 82  
CYS HA     H  N N 83  
CYS HB2    H  N N 84  
CYS HB3    H  N N 85  
CYS HG     H  N N 86  
CYS HXT    H  N N 87  
GDP PB     P  N N 88  
GDP O1B    O  N N 89  
GDP O2B    O  N N 90  
GDP O3B    O  N N 91  
GDP O3A    O  N N 92  
GDP PA     P  N N 93  
GDP O1A    O  N N 94  
GDP O2A    O  N N 95  
GDP "O5'"  O  N N 96  
GDP "C5'"  C  N N 97  
GDP "C4'"  C  N R 98  
GDP "O4'"  O  N N 99  
GDP "C3'"  C  N S 100 
GDP "O3'"  O  N N 101 
GDP "C2'"  C  N R 102 
GDP "O2'"  O  N N 103 
GDP "C1'"  C  N R 104 
GDP N9     N  Y N 105 
GDP C8     C  Y N 106 
GDP N7     N  Y N 107 
GDP C5     C  Y N 108 
GDP C6     C  N N 109 
GDP O6     O  N N 110 
GDP N1     N  N N 111 
GDP C2     C  N N 112 
GDP N2     N  N N 113 
GDP N3     N  N N 114 
GDP C4     C  Y N 115 
GDP HOB2   H  N N 116 
GDP HOB3   H  N N 117 
GDP HOA2   H  N N 118 
GDP "H5'"  H  N N 119 
GDP "H5''" H  N N 120 
GDP "H4'"  H  N N 121 
GDP "H3'"  H  N N 122 
GDP "HO3'" H  N N 123 
GDP "H2'"  H  N N 124 
GDP "HO2'" H  N N 125 
GDP "H1'"  H  N N 126 
GDP H8     H  N N 127 
GDP HN1    H  N N 128 
GDP HN21   H  N N 129 
GDP HN22   H  N N 130 
GLN N      N  N N 131 
GLN CA     C  N S 132 
GLN C      C  N N 133 
GLN O      O  N N 134 
GLN CB     C  N N 135 
GLN CG     C  N N 136 
GLN CD     C  N N 137 
GLN OE1    O  N N 138 
GLN NE2    N  N N 139 
GLN OXT    O  N N 140 
GLN H      H  N N 141 
GLN H2     H  N N 142 
GLN HA     H  N N 143 
GLN HB2    H  N N 144 
GLN HB3    H  N N 145 
GLN HG2    H  N N 146 
GLN HG3    H  N N 147 
GLN HE21   H  N N 148 
GLN HE22   H  N N 149 
GLN HXT    H  N N 150 
GLU N      N  N N 151 
GLU CA     C  N S 152 
GLU C      C  N N 153 
GLU O      O  N N 154 
GLU CB     C  N N 155 
GLU CG     C  N N 156 
GLU CD     C  N N 157 
GLU OE1    O  N N 158 
GLU OE2    O  N N 159 
GLU OXT    O  N N 160 
GLU H      H  N N 161 
GLU H2     H  N N 162 
GLU HA     H  N N 163 
GLU HB2    H  N N 164 
GLU HB3    H  N N 165 
GLU HG2    H  N N 166 
GLU HG3    H  N N 167 
GLU HE2    H  N N 168 
GLU HXT    H  N N 169 
GLY N      N  N N 170 
GLY CA     C  N N 171 
GLY C      C  N N 172 
GLY O      O  N N 173 
GLY OXT    O  N N 174 
GLY H      H  N N 175 
GLY H2     H  N N 176 
GLY HA2    H  N N 177 
GLY HA3    H  N N 178 
GLY HXT    H  N N 179 
HIS N      N  N N 180 
HIS CA     C  N S 181 
HIS C      C  N N 182 
HIS O      O  N N 183 
HIS CB     C  N N 184 
HIS CG     C  Y N 185 
HIS ND1    N  Y N 186 
HIS CD2    C  Y N 187 
HIS CE1    C  Y N 188 
HIS NE2    N  Y N 189 
HIS OXT    O  N N 190 
HIS H      H  N N 191 
HIS H2     H  N N 192 
HIS HA     H  N N 193 
HIS HB2    H  N N 194 
HIS HB3    H  N N 195 
HIS HD1    H  N N 196 
HIS HD2    H  N N 197 
HIS HE1    H  N N 198 
HIS HE2    H  N N 199 
HIS HXT    H  N N 200 
HOH O      O  N N 201 
HOH H1     H  N N 202 
HOH H2     H  N N 203 
ILE N      N  N N 204 
ILE CA     C  N S 205 
ILE C      C  N N 206 
ILE O      O  N N 207 
ILE CB     C  N S 208 
ILE CG1    C  N N 209 
ILE CG2    C  N N 210 
ILE CD1    C  N N 211 
ILE OXT    O  N N 212 
ILE H      H  N N 213 
ILE H2     H  N N 214 
ILE HA     H  N N 215 
ILE HB     H  N N 216 
ILE HG12   H  N N 217 
ILE HG13   H  N N 218 
ILE HG21   H  N N 219 
ILE HG22   H  N N 220 
ILE HG23   H  N N 221 
ILE HD11   H  N N 222 
ILE HD12   H  N N 223 
ILE HD13   H  N N 224 
ILE HXT    H  N N 225 
LEU N      N  N N 226 
LEU CA     C  N S 227 
LEU C      C  N N 228 
LEU O      O  N N 229 
LEU CB     C  N N 230 
LEU CG     C  N N 231 
LEU CD1    C  N N 232 
LEU CD2    C  N N 233 
LEU OXT    O  N N 234 
LEU H      H  N N 235 
LEU H2     H  N N 236 
LEU HA     H  N N 237 
LEU HB2    H  N N 238 
LEU HB3    H  N N 239 
LEU HG     H  N N 240 
LEU HD11   H  N N 241 
LEU HD12   H  N N 242 
LEU HD13   H  N N 243 
LEU HD21   H  N N 244 
LEU HD22   H  N N 245 
LEU HD23   H  N N 246 
LEU HXT    H  N N 247 
LYS N      N  N N 248 
LYS CA     C  N S 249 
LYS C      C  N N 250 
LYS O      O  N N 251 
LYS CB     C  N N 252 
LYS CG     C  N N 253 
LYS CD     C  N N 254 
LYS CE     C  N N 255 
LYS NZ     N  N N 256 
LYS OXT    O  N N 257 
LYS H      H  N N 258 
LYS H2     H  N N 259 
LYS HA     H  N N 260 
LYS HB2    H  N N 261 
LYS HB3    H  N N 262 
LYS HG2    H  N N 263 
LYS HG3    H  N N 264 
LYS HD2    H  N N 265 
LYS HD3    H  N N 266 
LYS HE2    H  N N 267 
LYS HE3    H  N N 268 
LYS HZ1    H  N N 269 
LYS HZ2    H  N N 270 
LYS HZ3    H  N N 271 
LYS HXT    H  N N 272 
MET N      N  N N 273 
MET CA     C  N S 274 
MET C      C  N N 275 
MET O      O  N N 276 
MET CB     C  N N 277 
MET CG     C  N N 278 
MET SD     S  N N 279 
MET CE     C  N N 280 
MET OXT    O  N N 281 
MET H      H  N N 282 
MET H2     H  N N 283 
MET HA     H  N N 284 
MET HB2    H  N N 285 
MET HB3    H  N N 286 
MET HG2    H  N N 287 
MET HG3    H  N N 288 
MET HE1    H  N N 289 
MET HE2    H  N N 290 
MET HE3    H  N N 291 
MET HXT    H  N N 292 
MG  MG     MG N N 293 
PHE N      N  N N 294 
PHE CA     C  N S 295 
PHE C      C  N N 296 
PHE O      O  N N 297 
PHE CB     C  N N 298 
PHE CG     C  Y N 299 
PHE CD1    C  Y N 300 
PHE CD2    C  Y N 301 
PHE CE1    C  Y N 302 
PHE CE2    C  Y N 303 
PHE CZ     C  Y N 304 
PHE OXT    O  N N 305 
PHE H      H  N N 306 
PHE H2     H  N N 307 
PHE HA     H  N N 308 
PHE HB2    H  N N 309 
PHE HB3    H  N N 310 
PHE HD1    H  N N 311 
PHE HD2    H  N N 312 
PHE HE1    H  N N 313 
PHE HE2    H  N N 314 
PHE HZ     H  N N 315 
PHE HXT    H  N N 316 
PRO N      N  N N 317 
PRO CA     C  N S 318 
PRO C      C  N N 319 
PRO O      O  N N 320 
PRO CB     C  N N 321 
PRO CG     C  N N 322 
PRO CD     C  N N 323 
PRO OXT    O  N N 324 
PRO H      H  N N 325 
PRO HA     H  N N 326 
PRO HB2    H  N N 327 
PRO HB3    H  N N 328 
PRO HG2    H  N N 329 
PRO HG3    H  N N 330 
PRO HD2    H  N N 331 
PRO HD3    H  N N 332 
PRO HXT    H  N N 333 
SER N      N  N N 334 
SER CA     C  N S 335 
SER C      C  N N 336 
SER O      O  N N 337 
SER CB     C  N N 338 
SER OG     O  N N 339 
SER OXT    O  N N 340 
SER H      H  N N 341 
SER H2     H  N N 342 
SER HA     H  N N 343 
SER HB2    H  N N 344 
SER HB3    H  N N 345 
SER HG     H  N N 346 
SER HXT    H  N N 347 
SO4 S      S  N N 348 
SO4 O1     O  N N 349 
SO4 O2     O  N N 350 
SO4 O3     O  N N 351 
SO4 O4     O  N N 352 
THR N      N  N N 353 
THR CA     C  N S 354 
THR C      C  N N 355 
THR O      O  N N 356 
THR CB     C  N R 357 
THR OG1    O  N N 358 
THR CG2    C  N N 359 
THR OXT    O  N N 360 
THR H      H  N N 361 
THR H2     H  N N 362 
THR HA     H  N N 363 
THR HB     H  N N 364 
THR HG1    H  N N 365 
THR HG21   H  N N 366 
THR HG22   H  N N 367 
THR HG23   H  N N 368 
THR HXT    H  N N 369 
TRP N      N  N N 370 
TRP CA     C  N S 371 
TRP C      C  N N 372 
TRP O      O  N N 373 
TRP CB     C  N N 374 
TRP CG     C  Y N 375 
TRP CD1    C  Y N 376 
TRP CD2    C  Y N 377 
TRP NE1    N  Y N 378 
TRP CE2    C  Y N 379 
TRP CE3    C  Y N 380 
TRP CZ2    C  Y N 381 
TRP CZ3    C  Y N 382 
TRP CH2    C  Y N 383 
TRP OXT    O  N N 384 
TRP H      H  N N 385 
TRP H2     H  N N 386 
TRP HA     H  N N 387 
TRP HB2    H  N N 388 
TRP HB3    H  N N 389 
TRP HD1    H  N N 390 
TRP HE1    H  N N 391 
TRP HE3    H  N N 392 
TRP HZ2    H  N N 393 
TRP HZ3    H  N N 394 
TRP HH2    H  N N 395 
TRP HXT    H  N N 396 
TYR N      N  N N 397 
TYR CA     C  N S 398 
TYR C      C  N N 399 
TYR O      O  N N 400 
TYR CB     C  N N 401 
TYR CG     C  Y N 402 
TYR CD1    C  Y N 403 
TYR CD2    C  Y N 404 
TYR CE1    C  Y N 405 
TYR CE2    C  Y N 406 
TYR CZ     C  Y N 407 
TYR OH     O  N N 408 
TYR OXT    O  N N 409 
TYR H      H  N N 410 
TYR H2     H  N N 411 
TYR HA     H  N N 412 
TYR HB2    H  N N 413 
TYR HB3    H  N N 414 
TYR HD1    H  N N 415 
TYR HD2    H  N N 416 
TYR HE1    H  N N 417 
TYR HE2    H  N N 418 
TYR HH     H  N N 419 
TYR HXT    H  N N 420 
VAL N      N  N N 421 
VAL CA     C  N S 422 
VAL C      C  N N 423 
VAL O      O  N N 424 
VAL CB     C  N N 425 
VAL CG1    C  N N 426 
VAL CG2    C  N N 427 
VAL OXT    O  N N 428 
VAL H      H  N N 429 
VAL H2     H  N N 430 
VAL HA     H  N N 431 
VAL HB     H  N N 432 
VAL HG11   H  N N 433 
VAL HG12   H  N N 434 
VAL HG13   H  N N 435 
VAL HG21   H  N N 436 
VAL HG22   H  N N 437 
VAL HG23   H  N N 438 
VAL HXT    H  N N 439 
# 
loop_
_chem_comp_bond.comp_id 
_chem_comp_bond.atom_id_1 
_chem_comp_bond.atom_id_2 
_chem_comp_bond.value_order 
_chem_comp_bond.pdbx_aromatic_flag 
_chem_comp_bond.pdbx_stereo_config 
_chem_comp_bond.pdbx_ordinal 
ALA N     CA     sing N N 1   
ALA N     H      sing N N 2   
ALA N     H2     sing N N 3   
ALA CA    C      sing N N 4   
ALA CA    CB     sing N N 5   
ALA CA    HA     sing N N 6   
ALA C     O      doub N N 7   
ALA C     OXT    sing N N 8   
ALA CB    HB1    sing N N 9   
ALA CB    HB2    sing N N 10  
ALA CB    HB3    sing N N 11  
ALA OXT   HXT    sing N N 12  
ARG N     CA     sing N N 13  
ARG N     H      sing N N 14  
ARG N     H2     sing N N 15  
ARG CA    C      sing N N 16  
ARG CA    CB     sing N N 17  
ARG CA    HA     sing N N 18  
ARG C     O      doub N N 19  
ARG C     OXT    sing N N 20  
ARG CB    CG     sing N N 21  
ARG CB    HB2    sing N N 22  
ARG CB    HB3    sing N N 23  
ARG CG    CD     sing N N 24  
ARG CG    HG2    sing N N 25  
ARG CG    HG3    sing N N 26  
ARG CD    NE     sing N N 27  
ARG CD    HD2    sing N N 28  
ARG CD    HD3    sing N N 29  
ARG NE    CZ     sing N N 30  
ARG NE    HE     sing N N 31  
ARG CZ    NH1    sing N N 32  
ARG CZ    NH2    doub N N 33  
ARG NH1   HH11   sing N N 34  
ARG NH1   HH12   sing N N 35  
ARG NH2   HH21   sing N N 36  
ARG NH2   HH22   sing N N 37  
ARG OXT   HXT    sing N N 38  
ASN N     CA     sing N N 39  
ASN N     H      sing N N 40  
ASN N     H2     sing N N 41  
ASN CA    C      sing N N 42  
ASN CA    CB     sing N N 43  
ASN CA    HA     sing N N 44  
ASN C     O      doub N N 45  
ASN C     OXT    sing N N 46  
ASN CB    CG     sing N N 47  
ASN CB    HB2    sing N N 48  
ASN CB    HB3    sing N N 49  
ASN CG    OD1    doub N N 50  
ASN CG    ND2    sing N N 51  
ASN ND2   HD21   sing N N 52  
ASN ND2   HD22   sing N N 53  
ASN OXT   HXT    sing N N 54  
ASP N     CA     sing N N 55  
ASP N     H      sing N N 56  
ASP N     H2     sing N N 57  
ASP CA    C      sing N N 58  
ASP CA    CB     sing N N 59  
ASP CA    HA     sing N N 60  
ASP C     O      doub N N 61  
ASP C     OXT    sing N N 62  
ASP CB    CG     sing N N 63  
ASP CB    HB2    sing N N 64  
ASP CB    HB3    sing N N 65  
ASP CG    OD1    doub N N 66  
ASP CG    OD2    sing N N 67  
ASP OD2   HD2    sing N N 68  
ASP OXT   HXT    sing N N 69  
CYS N     CA     sing N N 70  
CYS N     H      sing N N 71  
CYS N     H2     sing N N 72  
CYS CA    C      sing N N 73  
CYS CA    CB     sing N N 74  
CYS CA    HA     sing N N 75  
CYS C     O      doub N N 76  
CYS C     OXT    sing N N 77  
CYS CB    SG     sing N N 78  
CYS CB    HB2    sing N N 79  
CYS CB    HB3    sing N N 80  
CYS SG    HG     sing N N 81  
CYS OXT   HXT    sing N N 82  
GDP PB    O1B    doub N N 83  
GDP PB    O2B    sing N N 84  
GDP PB    O3B    sing N N 85  
GDP PB    O3A    sing N N 86  
GDP O2B   HOB2   sing N N 87  
GDP O3B   HOB3   sing N N 88  
GDP O3A   PA     sing N N 89  
GDP PA    O1A    doub N N 90  
GDP PA    O2A    sing N N 91  
GDP PA    "O5'"  sing N N 92  
GDP O2A   HOA2   sing N N 93  
GDP "O5'" "C5'"  sing N N 94  
GDP "C5'" "C4'"  sing N N 95  
GDP "C5'" "H5'"  sing N N 96  
GDP "C5'" "H5''" sing N N 97  
GDP "C4'" "O4'"  sing N N 98  
GDP "C4'" "C3'"  sing N N 99  
GDP "C4'" "H4'"  sing N N 100 
GDP "O4'" "C1'"  sing N N 101 
GDP "C3'" "O3'"  sing N N 102 
GDP "C3'" "C2'"  sing N N 103 
GDP "C3'" "H3'"  sing N N 104 
GDP "O3'" "HO3'" sing N N 105 
GDP "C2'" "O2'"  sing N N 106 
GDP "C2'" "C1'"  sing N N 107 
GDP "C2'" "H2'"  sing N N 108 
GDP "O2'" "HO2'" sing N N 109 
GDP "C1'" N9     sing N N 110 
GDP "C1'" "H1'"  sing N N 111 
GDP N9    C8     sing Y N 112 
GDP N9    C4     sing Y N 113 
GDP C8    N7     doub Y N 114 
GDP C8    H8     sing N N 115 
GDP N7    C5     sing Y N 116 
GDP C5    C6     sing N N 117 
GDP C5    C4     doub Y N 118 
GDP C6    O6     doub N N 119 
GDP C6    N1     sing N N 120 
GDP N1    C2     sing N N 121 
GDP N1    HN1    sing N N 122 
GDP C2    N2     sing N N 123 
GDP C2    N3     doub N N 124 
GDP N2    HN21   sing N N 125 
GDP N2    HN22   sing N N 126 
GDP N3    C4     sing N N 127 
GLN N     CA     sing N N 128 
GLN N     H      sing N N 129 
GLN N     H2     sing N N 130 
GLN CA    C      sing N N 131 
GLN CA    CB     sing N N 132 
GLN CA    HA     sing N N 133 
GLN C     O      doub N N 134 
GLN C     OXT    sing N N 135 
GLN CB    CG     sing N N 136 
GLN CB    HB2    sing N N 137 
GLN CB    HB3    sing N N 138 
GLN CG    CD     sing N N 139 
GLN CG    HG2    sing N N 140 
GLN CG    HG3    sing N N 141 
GLN CD    OE1    doub N N 142 
GLN CD    NE2    sing N N 143 
GLN NE2   HE21   sing N N 144 
GLN NE2   HE22   sing N N 145 
GLN OXT   HXT    sing N N 146 
GLU N     CA     sing N N 147 
GLU N     H      sing N N 148 
GLU N     H2     sing N N 149 
GLU CA    C      sing N N 150 
GLU CA    CB     sing N N 151 
GLU CA    HA     sing N N 152 
GLU C     O      doub N N 153 
GLU C     OXT    sing N N 154 
GLU CB    CG     sing N N 155 
GLU CB    HB2    sing N N 156 
GLU CB    HB3    sing N N 157 
GLU CG    CD     sing N N 158 
GLU CG    HG2    sing N N 159 
GLU CG    HG3    sing N N 160 
GLU CD    OE1    doub N N 161 
GLU CD    OE2    sing N N 162 
GLU OE2   HE2    sing N N 163 
GLU OXT   HXT    sing N N 164 
GLY N     CA     sing N N 165 
GLY N     H      sing N N 166 
GLY N     H2     sing N N 167 
GLY CA    C      sing N N 168 
GLY CA    HA2    sing N N 169 
GLY CA    HA3    sing N N 170 
GLY C     O      doub N N 171 
GLY C     OXT    sing N N 172 
GLY OXT   HXT    sing N N 173 
HIS N     CA     sing N N 174 
HIS N     H      sing N N 175 
HIS N     H2     sing N N 176 
HIS CA    C      sing N N 177 
HIS CA    CB     sing N N 178 
HIS CA    HA     sing N N 179 
HIS C     O      doub N N 180 
HIS C     OXT    sing N N 181 
HIS CB    CG     sing N N 182 
HIS CB    HB2    sing N N 183 
HIS CB    HB3    sing N N 184 
HIS CG    ND1    sing Y N 185 
HIS CG    CD2    doub Y N 186 
HIS ND1   CE1    doub Y N 187 
HIS ND1   HD1    sing N N 188 
HIS CD2   NE2    sing Y N 189 
HIS CD2   HD2    sing N N 190 
HIS CE1   NE2    sing Y N 191 
HIS CE1   HE1    sing N N 192 
HIS NE2   HE2    sing N N 193 
HIS OXT   HXT    sing N N 194 
HOH O     H1     sing N N 195 
HOH O     H2     sing N N 196 
ILE N     CA     sing N N 197 
ILE N     H      sing N N 198 
ILE N     H2     sing N N 199 
ILE CA    C      sing N N 200 
ILE CA    CB     sing N N 201 
ILE CA    HA     sing N N 202 
ILE C     O      doub N N 203 
ILE C     OXT    sing N N 204 
ILE CB    CG1    sing N N 205 
ILE CB    CG2    sing N N 206 
ILE CB    HB     sing N N 207 
ILE CG1   CD1    sing N N 208 
ILE CG1   HG12   sing N N 209 
ILE CG1   HG13   sing N N 210 
ILE CG2   HG21   sing N N 211 
ILE CG2   HG22   sing N N 212 
ILE CG2   HG23   sing N N 213 
ILE CD1   HD11   sing N N 214 
ILE CD1   HD12   sing N N 215 
ILE CD1   HD13   sing N N 216 
ILE OXT   HXT    sing N N 217 
LEU N     CA     sing N N 218 
LEU N     H      sing N N 219 
LEU N     H2     sing N N 220 
LEU CA    C      sing N N 221 
LEU CA    CB     sing N N 222 
LEU CA    HA     sing N N 223 
LEU C     O      doub N N 224 
LEU C     OXT    sing N N 225 
LEU CB    CG     sing N N 226 
LEU CB    HB2    sing N N 227 
LEU CB    HB3    sing N N 228 
LEU CG    CD1    sing N N 229 
LEU CG    CD2    sing N N 230 
LEU CG    HG     sing N N 231 
LEU CD1   HD11   sing N N 232 
LEU CD1   HD12   sing N N 233 
LEU CD1   HD13   sing N N 234 
LEU CD2   HD21   sing N N 235 
LEU CD2   HD22   sing N N 236 
LEU CD2   HD23   sing N N 237 
LEU OXT   HXT    sing N N 238 
LYS N     CA     sing N N 239 
LYS N     H      sing N N 240 
LYS N     H2     sing N N 241 
LYS CA    C      sing N N 242 
LYS CA    CB     sing N N 243 
LYS CA    HA     sing N N 244 
LYS C     O      doub N N 245 
LYS C     OXT    sing N N 246 
LYS CB    CG     sing N N 247 
LYS CB    HB2    sing N N 248 
LYS CB    HB3    sing N N 249 
LYS CG    CD     sing N N 250 
LYS CG    HG2    sing N N 251 
LYS CG    HG3    sing N N 252 
LYS CD    CE     sing N N 253 
LYS CD    HD2    sing N N 254 
LYS CD    HD3    sing N N 255 
LYS CE    NZ     sing N N 256 
LYS CE    HE2    sing N N 257 
LYS CE    HE3    sing N N 258 
LYS NZ    HZ1    sing N N 259 
LYS NZ    HZ2    sing N N 260 
LYS NZ    HZ3    sing N N 261 
LYS OXT   HXT    sing N N 262 
MET N     CA     sing N N 263 
MET N     H      sing N N 264 
MET N     H2     sing N N 265 
MET CA    C      sing N N 266 
MET CA    CB     sing N N 267 
MET CA    HA     sing N N 268 
MET C     O      doub N N 269 
MET C     OXT    sing N N 270 
MET CB    CG     sing N N 271 
MET CB    HB2    sing N N 272 
MET CB    HB3    sing N N 273 
MET CG    SD     sing N N 274 
MET CG    HG2    sing N N 275 
MET CG    HG3    sing N N 276 
MET SD    CE     sing N N 277 
MET CE    HE1    sing N N 278 
MET CE    HE2    sing N N 279 
MET CE    HE3    sing N N 280 
MET OXT   HXT    sing N N 281 
PHE N     CA     sing N N 282 
PHE N     H      sing N N 283 
PHE N     H2     sing N N 284 
PHE CA    C      sing N N 285 
PHE CA    CB     sing N N 286 
PHE CA    HA     sing N N 287 
PHE C     O      doub N N 288 
PHE C     OXT    sing N N 289 
PHE CB    CG     sing N N 290 
PHE CB    HB2    sing N N 291 
PHE CB    HB3    sing N N 292 
PHE CG    CD1    doub Y N 293 
PHE CG    CD2    sing Y N 294 
PHE CD1   CE1    sing Y N 295 
PHE CD1   HD1    sing N N 296 
PHE CD2   CE2    doub Y N 297 
PHE CD2   HD2    sing N N 298 
PHE CE1   CZ     doub Y N 299 
PHE CE1   HE1    sing N N 300 
PHE CE2   CZ     sing Y N 301 
PHE CE2   HE2    sing N N 302 
PHE CZ    HZ     sing N N 303 
PHE OXT   HXT    sing N N 304 
PRO N     CA     sing N N 305 
PRO N     CD     sing N N 306 
PRO N     H      sing N N 307 
PRO CA    C      sing N N 308 
PRO CA    CB     sing N N 309 
PRO CA    HA     sing N N 310 
PRO C     O      doub N N 311 
PRO C     OXT    sing N N 312 
PRO CB    CG     sing N N 313 
PRO CB    HB2    sing N N 314 
PRO CB    HB3    sing N N 315 
PRO CG    CD     sing N N 316 
PRO CG    HG2    sing N N 317 
PRO CG    HG3    sing N N 318 
PRO CD    HD2    sing N N 319 
PRO CD    HD3    sing N N 320 
PRO OXT   HXT    sing N N 321 
SER N     CA     sing N N 322 
SER N     H      sing N N 323 
SER N     H2     sing N N 324 
SER CA    C      sing N N 325 
SER CA    CB     sing N N 326 
SER CA    HA     sing N N 327 
SER C     O      doub N N 328 
SER C     OXT    sing N N 329 
SER CB    OG     sing N N 330 
SER CB    HB2    sing N N 331 
SER CB    HB3    sing N N 332 
SER OG    HG     sing N N 333 
SER OXT   HXT    sing N N 334 
SO4 S     O1     doub N N 335 
SO4 S     O2     doub N N 336 
SO4 S     O3     sing N N 337 
SO4 S     O4     sing N N 338 
THR N     CA     sing N N 339 
THR N     H      sing N N 340 
THR N     H2     sing N N 341 
THR CA    C      sing N N 342 
THR CA    CB     sing N N 343 
THR CA    HA     sing N N 344 
THR C     O      doub N N 345 
THR C     OXT    sing N N 346 
THR CB    OG1    sing N N 347 
THR CB    CG2    sing N N 348 
THR CB    HB     sing N N 349 
THR OG1   HG1    sing N N 350 
THR CG2   HG21   sing N N 351 
THR CG2   HG22   sing N N 352 
THR CG2   HG23   sing N N 353 
THR OXT   HXT    sing N N 354 
TRP N     CA     sing N N 355 
TRP N     H      sing N N 356 
TRP N     H2     sing N N 357 
TRP CA    C      sing N N 358 
TRP CA    CB     sing N N 359 
TRP CA    HA     sing N N 360 
TRP C     O      doub N N 361 
TRP C     OXT    sing N N 362 
TRP CB    CG     sing N N 363 
TRP CB    HB2    sing N N 364 
TRP CB    HB3    sing N N 365 
TRP CG    CD1    doub Y N 366 
TRP CG    CD2    sing Y N 367 
TRP CD1   NE1    sing Y N 368 
TRP CD1   HD1    sing N N 369 
TRP CD2   CE2    doub Y N 370 
TRP CD2   CE3    sing Y N 371 
TRP NE1   CE2    sing Y N 372 
TRP NE1   HE1    sing N N 373 
TRP CE2   CZ2    sing Y N 374 
TRP CE3   CZ3    doub Y N 375 
TRP CE3   HE3    sing N N 376 
TRP CZ2   CH2    doub Y N 377 
TRP CZ2   HZ2    sing N N 378 
TRP CZ3   CH2    sing Y N 379 
TRP CZ3   HZ3    sing N N 380 
TRP CH2   HH2    sing N N 381 
TRP OXT   HXT    sing N N 382 
TYR N     CA     sing N N 383 
TYR N     H      sing N N 384 
TYR N     H2     sing N N 385 
TYR CA    C      sing N N 386 
TYR CA    CB     sing N N 387 
TYR CA    HA     sing N N 388 
TYR C     O      doub N N 389 
TYR C     OXT    sing N N 390 
TYR CB    CG     sing N N 391 
TYR CB    HB2    sing N N 392 
TYR CB    HB3    sing N N 393 
TYR CG    CD1    doub Y N 394 
TYR CG    CD2    sing Y N 395 
TYR CD1   CE1    sing Y N 396 
TYR CD1   HD1    sing N N 397 
TYR CD2   CE2    doub Y N 398 
TYR CD2   HD2    sing N N 399 
TYR CE1   CZ     doub Y N 400 
TYR CE1   HE1    sing N N 401 
TYR CE2   CZ     sing Y N 402 
TYR CE2   HE2    sing N N 403 
TYR CZ    OH     sing N N 404 
TYR OH    HH     sing N N 405 
TYR OXT   HXT    sing N N 406 
VAL N     CA     sing N N 407 
VAL N     H      sing N N 408 
VAL N     H2     sing N N 409 
VAL CA    C      sing N N 410 
VAL CA    CB     sing N N 411 
VAL CA    HA     sing N N 412 
VAL C     O      doub N N 413 
VAL C     OXT    sing N N 414 
VAL CB    CG1    sing N N 415 
VAL CB    CG2    sing N N 416 
VAL CB    HB     sing N N 417 
VAL CG1   HG11   sing N N 418 
VAL CG1   HG12   sing N N 419 
VAL CG1   HG13   sing N N 420 
VAL CG2   HG21   sing N N 421 
VAL CG2   HG22   sing N N 422 
VAL CG2   HG23   sing N N 423 
VAL OXT   HXT    sing N N 424 
# 
_pdbx_audit_support.funding_organization   ? 
_pdbx_audit_support.country                India 
_pdbx_audit_support.grant_number           ? 
_pdbx_audit_support.ordinal                1 
# 
_pdbx_entity_instance_feature.ordinal        1 
_pdbx_entity_instance_feature.comp_id        GDP 
_pdbx_entity_instance_feature.asym_id        ? 
_pdbx_entity_instance_feature.seq_num        ? 
_pdbx_entity_instance_feature.auth_comp_id   GDP 
_pdbx_entity_instance_feature.auth_asym_id   ? 
_pdbx_entity_instance_feature.auth_seq_num   ? 
_pdbx_entity_instance_feature.feature_type   'SUBJECT OF INVESTIGATION' 
_pdbx_entity_instance_feature.details        ? 
# 
loop_
_pdbx_entity_nonpoly.entity_id 
_pdbx_entity_nonpoly.name 
_pdbx_entity_nonpoly.comp_id 
2 "GUANOSINE-5'-DIPHOSPHATE" GDP 
3 'MAGNESIUM ION'            MG  
4 'SULFATE ION'              SO4 
5 water                      HOH 
# 
loop_
_pdbx_initial_refinement_model.id 
_pdbx_initial_refinement_model.entity_id_list 
_pdbx_initial_refinement_model.type 
_pdbx_initial_refinement_model.source_name 
_pdbx_initial_refinement_model.accession_code 
_pdbx_initial_refinement_model.details 
1 ? 'experimental model' PDB 1HUR '1HUR, 1RRG, 3AQ4, 5A1U' 
2 ? 'experimental model' PDB 1RRG '1HUR, 1RRG, 3AQ4, 5A1U' 
3 ? 'experimental model' PDB 3AQ4 '1HUR, 1RRG, 3AQ4, 5A1U' 
4 ? 'experimental model' PDB 5A1U '1HUR, 1RRG, 3AQ4, 5A1U' 
# 
_pdbx_struct_assembly_auth_evidence.id                     1 
_pdbx_struct_assembly_auth_evidence.assembly_id            1 
_pdbx_struct_assembly_auth_evidence.experimental_support   'gel filtration' 
_pdbx_struct_assembly_auth_evidence.details                monomer 
# 
